data_2K4Z
#
_entry.id   2K4Z
#
_entity_poly.entity_id   1
_entity_poly.type   'polypeptide(L)'
_entity_poly.pdbx_seq_one_letter_code
;MGSSHHHHHHSSGLVPRGSHMMFKLTPAAAEQVLKAAKQGGTEGMCLRLAAGRNPDGSIDYRMGFDDLTEDDIRLTSEGV
EIVIAPDYVSLLDQTTLDYVELEPGQFHFIFLNPRDPTYRPPSGG
;
_entity_poly.pdbx_strand_id   A
#
# COMPACT_ATOMS: atom_id res chain seq x y z
N MET A 1 28.94 -3.16 -19.39
CA MET A 1 28.35 -2.09 -20.20
C MET A 1 27.06 -2.57 -20.86
N GLY A 2 26.13 -1.66 -21.09
CA GLY A 2 24.88 -2.02 -21.70
C GLY A 2 24.40 -1.00 -22.70
N SER A 3 23.18 -1.15 -23.17
CA SER A 3 22.61 -0.25 -24.15
C SER A 3 22.31 1.11 -23.53
N SER A 4 21.64 1.09 -22.38
CA SER A 4 21.27 2.31 -21.68
C SER A 4 22.50 2.93 -21.02
N HIS A 5 22.89 4.09 -21.53
CA HIS A 5 24.07 4.78 -21.03
C HIS A 5 23.65 5.94 -20.13
N HIS A 6 24.04 5.88 -18.88
CA HIS A 6 23.76 6.96 -17.94
C HIS A 6 25.06 7.40 -17.29
N HIS A 7 25.16 8.66 -16.92
CA HIS A 7 26.35 9.15 -16.24
C HIS A 7 26.34 8.63 -14.80
N HIS A 8 25.15 8.56 -14.23
CA HIS A 8 24.96 7.87 -12.96
C HIS A 8 24.95 6.37 -13.23
N HIS A 9 25.93 5.67 -12.67
CA HIS A 9 26.08 4.24 -12.92
C HIS A 9 25.08 3.45 -12.09
N HIS A 10 24.42 4.15 -11.17
CA HIS A 10 23.40 3.56 -10.33
C HIS A 10 22.39 4.64 -9.95
N SER A 11 21.29 4.71 -10.69
CA SER A 11 20.26 5.69 -10.42
C SER A 11 19.58 5.39 -9.09
N SER A 12 19.23 6.45 -8.37
CA SER A 12 18.66 6.30 -7.04
C SER A 12 17.15 6.15 -7.09
N GLY A 13 16.54 6.78 -8.10
CA GLY A 13 15.11 6.70 -8.26
C GLY A 13 14.62 7.58 -9.40
N LEU A 14 13.69 8.48 -9.09
CA LEU A 14 13.17 9.45 -10.05
C LEU A 14 12.42 8.78 -11.21
N VAL A 15 13.16 8.27 -12.19
CA VAL A 15 12.55 7.72 -13.41
C VAL A 15 12.89 6.24 -13.59
N PRO A 16 14.19 5.86 -13.69
CA PRO A 16 14.59 4.47 -13.96
C PRO A 16 14.02 3.47 -12.96
N ARG A 17 13.84 3.90 -11.73
CA ARG A 17 13.28 3.06 -10.69
C ARG A 17 12.32 3.85 -9.82
N GLY A 18 11.52 3.15 -9.04
CA GLY A 18 10.57 3.80 -8.16
C GLY A 18 10.38 3.03 -6.88
N SER A 19 9.20 2.47 -6.67
CA SER A 19 8.91 1.73 -5.46
C SER A 19 9.17 0.24 -5.64
N HIS A 20 9.42 -0.45 -4.53
CA HIS A 20 9.67 -1.89 -4.55
C HIS A 20 8.38 -2.65 -4.85
N MET A 21 7.25 -1.98 -4.63
CA MET A 21 5.95 -2.61 -4.81
C MET A 21 5.02 -1.71 -5.59
N MET A 22 3.96 -2.29 -6.14
CA MET A 22 2.91 -1.52 -6.79
C MET A 22 1.89 -1.11 -5.73
N PHE A 23 2.13 0.02 -5.08
CA PHE A 23 1.24 0.52 -4.06
C PHE A 23 0.85 1.95 -4.39
N LYS A 24 -0.39 2.14 -4.80
CA LYS A 24 -0.89 3.46 -5.14
C LYS A 24 -1.47 4.14 -3.90
N LEU A 25 -0.69 4.98 -3.28
CA LEU A 25 -1.18 5.81 -2.18
C LEU A 25 -1.60 7.15 -2.77
N THR A 26 -2.90 7.33 -2.90
CA THR A 26 -3.45 8.54 -3.51
C THR A 26 -3.12 9.78 -2.69
N PRO A 27 -2.87 10.91 -3.39
CA PRO A 27 -2.57 12.19 -2.74
C PRO A 27 -3.67 12.63 -1.77
N ALA A 28 -4.90 12.17 -2.02
CA ALA A 28 -6.00 12.46 -1.12
C ALA A 28 -5.84 11.70 0.19
N ALA A 29 -5.50 10.42 0.09
CA ALA A 29 -5.26 9.60 1.28
C ALA A 29 -3.99 10.04 1.99
N ALA A 30 -3.05 10.57 1.21
CA ALA A 30 -1.79 11.06 1.74
C ALA A 30 -2.01 12.13 2.81
N GLU A 31 -3.00 12.99 2.58
CA GLU A 31 -3.32 14.03 3.53
C GLU A 31 -3.88 13.46 4.82
N GLN A 32 -4.64 12.38 4.71
CA GLN A 32 -5.23 11.75 5.88
C GLN A 32 -4.13 11.12 6.75
N VAL A 33 -3.18 10.48 6.08
CA VAL A 33 -2.03 9.89 6.76
C VAL A 33 -1.15 10.99 7.36
N LEU A 34 -0.92 12.04 6.57
CA LEU A 34 -0.13 13.18 7.01
C LEU A 34 -0.81 13.88 8.19
N LYS A 35 -2.14 13.93 8.15
CA LYS A 35 -2.94 14.55 9.18
C LYS A 35 -2.78 13.80 10.51
N ALA A 36 -2.72 12.48 10.42
CA ALA A 36 -2.51 11.64 11.60
C ALA A 36 -1.13 11.87 12.18
N ALA A 37 -0.14 11.97 11.29
CA ALA A 37 1.23 12.24 11.70
C ALA A 37 1.39 13.68 12.19
N LYS A 38 0.41 14.50 11.88
CA LYS A 38 0.38 15.88 12.33
C LYS A 38 -0.17 15.97 13.76
N GLN A 39 -1.04 15.02 14.10
CA GLN A 39 -1.61 14.95 15.44
C GLN A 39 -0.53 14.76 16.48
N GLY A 40 0.35 13.79 16.24
CA GLY A 40 1.45 13.57 17.15
C GLY A 40 1.73 12.10 17.36
N GLY A 41 2.91 11.80 17.90
CA GLY A 41 3.31 10.43 18.15
C GLY A 41 3.77 9.72 16.90
N THR A 42 2.89 9.67 15.92
CA THR A 42 3.16 8.96 14.68
C THR A 42 3.93 9.83 13.69
N GLU A 43 4.51 10.92 14.19
CA GLU A 43 5.24 11.88 13.36
C GLU A 43 6.38 11.20 12.61
N GLY A 44 7.36 10.72 13.36
CA GLY A 44 8.51 10.07 12.76
C GLY A 44 8.34 8.57 12.66
N MET A 45 7.11 8.15 12.38
CA MET A 45 6.81 6.74 12.23
C MET A 45 6.50 6.43 10.78
N CYS A 46 6.69 5.17 10.40
CA CYS A 46 6.46 4.77 9.03
C CYS A 46 5.12 4.07 8.91
N LEU A 47 4.41 4.30 7.82
CA LEU A 47 3.09 3.72 7.64
C LEU A 47 3.22 2.25 7.25
N ARG A 48 2.57 1.38 8.00
CA ARG A 48 2.66 -0.04 7.79
C ARG A 48 1.28 -0.63 7.52
N LEU A 49 1.22 -1.64 6.68
CA LEU A 49 -0.04 -2.28 6.36
C LEU A 49 -0.08 -3.70 6.92
N ALA A 50 -1.23 -4.06 7.47
CA ALA A 50 -1.43 -5.39 8.01
C ALA A 50 -2.47 -6.14 7.17
N ALA A 51 -2.07 -7.29 6.66
CA ALA A 51 -2.96 -8.10 5.85
C ALA A 51 -3.58 -9.22 6.67
N GLY A 52 -4.87 -9.12 6.90
CA GLY A 52 -5.57 -10.16 7.64
C GLY A 52 -6.53 -10.91 6.74
N ARG A 53 -6.02 -11.87 5.99
CA ARG A 53 -6.83 -12.59 5.02
C ARG A 53 -7.65 -13.68 5.69
N ASN A 54 -8.94 -13.68 5.42
CA ASN A 54 -9.81 -14.74 5.87
C ASN A 54 -9.57 -15.98 5.01
N PRO A 55 -9.51 -17.18 5.63
CA PRO A 55 -9.22 -18.43 4.93
C PRO A 55 -10.16 -18.66 3.74
N ASP A 56 -9.65 -18.35 2.54
CA ASP A 56 -10.42 -18.45 1.30
C ASP A 56 -11.74 -17.69 1.41
N GLY A 57 -11.65 -16.38 1.31
CA GLY A 57 -12.83 -15.54 1.42
C GLY A 57 -12.55 -14.10 1.03
N SER A 58 -11.90 -13.37 1.92
CA SER A 58 -11.52 -11.99 1.64
C SER A 58 -10.36 -11.56 2.52
N ILE A 59 -9.47 -10.75 1.96
CA ILE A 59 -8.36 -10.21 2.71
C ILE A 59 -8.77 -8.92 3.40
N ASP A 60 -8.77 -8.92 4.72
CA ASP A 60 -9.14 -7.72 5.46
C ASP A 60 -7.90 -6.89 5.72
N TYR A 61 -7.91 -5.65 5.24
CA TYR A 61 -6.72 -4.80 5.30
C TYR A 61 -6.79 -3.84 6.47
N ARG A 62 -5.65 -3.66 7.14
CA ARG A 62 -5.54 -2.70 8.23
C ARG A 62 -4.35 -1.78 8.02
N MET A 63 -4.51 -0.53 8.40
CA MET A 63 -3.44 0.46 8.25
C MET A 63 -3.07 1.08 9.60
N GLY A 64 -1.78 1.24 9.83
CA GLY A 64 -1.32 1.89 11.04
C GLY A 64 0.14 2.25 10.97
N PHE A 65 0.58 3.20 11.79
CA PHE A 65 1.98 3.57 11.84
C PHE A 65 2.77 2.58 12.67
N ASP A 66 3.98 2.30 12.24
CA ASP A 66 4.85 1.35 12.94
C ASP A 66 6.30 1.85 12.87
N ASP A 67 7.24 1.00 13.26
CA ASP A 67 8.63 1.38 13.30
C ASP A 67 9.26 1.26 11.92
N LEU A 68 10.14 2.19 11.59
CA LEU A 68 10.82 2.19 10.30
C LEU A 68 11.82 1.03 10.25
N THR A 69 11.41 -0.04 9.58
CA THR A 69 12.26 -1.21 9.44
C THR A 69 12.91 -1.22 8.06
N GLU A 70 14.24 -1.39 8.03
CA GLU A 70 14.96 -1.38 6.77
C GLU A 70 15.01 -2.78 6.17
N ASP A 71 14.80 -3.78 7.02
CA ASP A 71 14.67 -5.16 6.58
C ASP A 71 13.24 -5.41 6.12
N ASP A 72 12.43 -4.36 6.21
CA ASP A 72 11.06 -4.39 5.75
C ASP A 72 11.02 -3.71 4.38
N ILE A 73 10.03 -4.03 3.57
CA ILE A 73 9.97 -3.48 2.21
C ILE A 73 9.53 -2.02 2.26
N ARG A 74 10.49 -1.14 2.08
CA ARG A 74 10.25 0.30 2.18
C ARG A 74 9.74 0.86 0.86
N LEU A 75 8.66 1.63 0.97
CA LEU A 75 8.07 2.31 -0.16
C LEU A 75 8.01 3.80 0.13
N THR A 76 8.01 4.62 -0.91
CA THR A 76 7.93 6.06 -0.72
C THR A 76 6.86 6.65 -1.62
N SER A 77 5.80 7.16 -1.00
CA SER A 77 4.71 7.77 -1.74
C SER A 77 4.95 9.27 -1.88
N GLU A 78 3.88 10.01 -2.18
CA GLU A 78 3.97 11.45 -2.41
C GLU A 78 4.64 12.17 -1.24
N GLY A 79 4.26 11.79 -0.03
CA GLY A 79 4.83 12.42 1.15
C GLY A 79 4.79 11.51 2.36
N VAL A 80 4.60 10.22 2.12
CA VAL A 80 4.49 9.24 3.19
C VAL A 80 5.38 8.04 2.88
N GLU A 81 6.01 7.48 3.89
CA GLU A 81 6.86 6.31 3.71
C GLU A 81 6.12 5.06 4.18
N ILE A 82 6.19 4.01 3.38
CA ILE A 82 5.44 2.79 3.64
C ILE A 82 6.38 1.63 3.92
N VAL A 83 6.00 0.76 4.86
CA VAL A 83 6.72 -0.48 5.10
C VAL A 83 5.77 -1.67 5.04
N ILE A 84 5.98 -2.52 4.06
CA ILE A 84 5.18 -3.72 3.90
C ILE A 84 6.08 -4.94 3.86
N ALA A 85 6.12 -5.66 4.99
CA ALA A 85 7.02 -6.80 5.16
C ALA A 85 6.93 -7.80 4.01
N PRO A 86 8.05 -8.48 3.72
CA PRO A 86 8.12 -9.49 2.65
C PRO A 86 7.13 -10.63 2.83
N ASP A 87 6.51 -10.71 4.00
CA ASP A 87 5.48 -11.69 4.26
C ASP A 87 4.12 -11.15 3.86
N TYR A 88 3.87 -9.88 4.18
CA TYR A 88 2.59 -9.24 3.90
C TYR A 88 2.45 -8.89 2.42
N VAL A 89 3.57 -8.60 1.77
CA VAL A 89 3.58 -8.25 0.35
C VAL A 89 2.92 -9.35 -0.48
N SER A 90 2.91 -10.56 0.05
CA SER A 90 2.33 -11.71 -0.63
C SER A 90 0.84 -11.49 -0.92
N LEU A 91 0.21 -10.60 -0.17
CA LEU A 91 -1.21 -10.32 -0.34
C LEU A 91 -1.47 -8.81 -0.46
N LEU A 92 -0.41 -8.02 -0.50
CA LEU A 92 -0.56 -6.57 -0.48
C LEU A 92 -0.01 -5.89 -1.74
N ASP A 93 0.26 -6.66 -2.78
CA ASP A 93 0.66 -6.08 -4.04
C ASP A 93 -0.58 -5.76 -4.88
N GLN A 94 -0.42 -4.80 -5.81
CA GLN A 94 -1.53 -4.33 -6.65
C GLN A 94 -2.56 -3.58 -5.82
N THR A 95 -2.12 -3.01 -4.71
CA THR A 95 -3.02 -2.30 -3.80
C THR A 95 -3.18 -0.85 -4.21
N THR A 96 -4.39 -0.48 -4.60
CA THR A 96 -4.72 0.90 -4.91
C THR A 96 -5.47 1.53 -3.74
N LEU A 97 -4.76 2.33 -2.96
CA LEU A 97 -5.32 2.95 -1.78
C LEU A 97 -5.96 4.30 -2.11
N ASP A 98 -7.28 4.36 -2.02
CA ASP A 98 -8.00 5.59 -2.32
C ASP A 98 -8.63 6.15 -1.04
N TYR A 99 -9.08 7.39 -1.12
CA TYR A 99 -9.64 8.08 0.03
C TYR A 99 -11.10 8.44 -0.20
N VAL A 100 -12.01 7.53 0.17
CA VAL A 100 -13.43 7.79 0.02
C VAL A 100 -14.18 7.47 1.32
N GLU A 101 -15.31 8.12 1.52
CA GLU A 101 -16.14 7.82 2.67
C GLU A 101 -17.27 6.89 2.25
N LEU A 102 -17.08 5.60 2.50
CA LEU A 102 -18.09 4.60 2.18
C LEU A 102 -19.31 4.80 3.05
N GLU A 103 -19.08 5.34 4.23
CA GLU A 103 -20.15 5.67 5.15
C GLU A 103 -20.17 7.18 5.35
N PRO A 104 -21.36 7.77 5.54
CA PRO A 104 -21.52 9.22 5.67
C PRO A 104 -20.63 9.80 6.77
N GLY A 105 -19.66 10.62 6.36
CA GLY A 105 -18.79 11.27 7.32
C GLY A 105 -17.64 10.39 7.77
N GLN A 106 -17.73 9.10 7.49
CA GLN A 106 -16.74 8.15 7.94
C GLN A 106 -15.76 7.84 6.81
N PHE A 107 -14.64 8.53 6.81
CA PHE A 107 -13.64 8.35 5.78
C PHE A 107 -12.90 7.03 5.96
N HIS A 108 -13.13 6.12 5.02
CA HIS A 108 -12.55 4.79 5.10
C HIS A 108 -11.37 4.66 4.15
N PHE A 109 -10.29 4.06 4.63
CA PHE A 109 -9.15 3.77 3.78
C PHE A 109 -9.52 2.58 2.92
N ILE A 110 -9.69 2.81 1.63
CA ILE A 110 -10.24 1.80 0.76
C ILE A 110 -9.16 1.24 -0.16
N PHE A 111 -8.92 -0.05 -0.01
CA PHE A 111 -7.89 -0.74 -0.75
C PHE A 111 -8.51 -1.42 -1.97
N LEU A 112 -8.37 -0.80 -3.12
CA LEU A 112 -8.90 -1.35 -4.36
C LEU A 112 -7.93 -2.37 -4.93
N ASN A 113 -8.05 -3.58 -4.44
CA ASN A 113 -7.21 -4.69 -4.89
C ASN A 113 -7.97 -5.56 -5.86
N PRO A 114 -7.44 -5.75 -7.08
CA PRO A 114 -8.03 -6.65 -8.07
C PRO A 114 -7.90 -8.11 -7.66
N ARG A 115 -7.02 -8.37 -6.70
CA ARG A 115 -6.79 -9.72 -6.20
C ARG A 115 -7.96 -10.18 -5.32
N ASP A 116 -8.39 -9.31 -4.43
CA ASP A 116 -9.52 -9.61 -3.57
C ASP A 116 -10.71 -8.78 -3.98
N PRO A 117 -11.64 -9.40 -4.74
CA PRO A 117 -12.78 -8.69 -5.35
C PRO A 117 -13.71 -8.06 -4.34
N THR A 118 -13.74 -6.73 -4.34
CA THR A 118 -14.69 -6.00 -3.51
C THR A 118 -16.04 -5.93 -4.23
N TYR A 119 -15.97 -5.93 -5.55
CA TYR A 119 -17.16 -6.00 -6.41
C TYR A 119 -16.90 -7.01 -7.52
N ARG A 120 -17.60 -8.13 -7.47
CA ARG A 120 -17.39 -9.19 -8.45
C ARG A 120 -18.72 -9.67 -9.02
N PRO A 121 -18.94 -9.42 -10.31
CA PRO A 121 -20.11 -9.93 -11.02
C PRO A 121 -20.01 -11.45 -11.22
N PRO A 122 -21.13 -12.12 -11.52
CA PRO A 122 -21.15 -13.57 -11.74
C PRO A 122 -20.38 -13.99 -12.98
N SER A 123 -20.01 -15.25 -13.05
CA SER A 123 -19.30 -15.78 -14.19
C SER A 123 -20.28 -15.97 -15.37
N GLY A 124 -19.94 -15.37 -16.50
CA GLY A 124 -20.80 -15.46 -17.66
C GLY A 124 -21.92 -14.45 -17.61
N GLY A 125 -21.68 -13.33 -16.95
CA GLY A 125 -22.66 -12.27 -16.86
C GLY A 125 -22.03 -10.91 -17.05
N MET A 1 10.59 -14.49 -22.98
CA MET A 1 9.48 -14.42 -23.95
C MET A 1 8.19 -14.90 -23.30
N GLY A 2 7.09 -14.79 -24.03
CA GLY A 2 5.81 -15.18 -23.50
C GLY A 2 5.02 -13.98 -23.05
N SER A 3 3.70 -14.10 -23.03
CA SER A 3 2.85 -12.98 -22.66
C SER A 3 2.99 -12.68 -21.17
N SER A 4 3.75 -11.64 -20.86
CA SER A 4 3.93 -11.23 -19.49
C SER A 4 2.65 -10.61 -18.95
N HIS A 5 1.90 -11.40 -18.20
CA HIS A 5 0.56 -11.02 -17.78
C HIS A 5 0.59 -9.92 -16.71
N HIS A 6 1.78 -9.59 -16.22
CA HIS A 6 1.94 -8.49 -15.29
C HIS A 6 2.09 -7.16 -16.01
N HIS A 7 2.18 -7.23 -17.35
CA HIS A 7 2.24 -6.05 -18.23
C HIS A 7 3.58 -5.32 -18.12
N HIS A 8 4.03 -5.07 -16.91
CA HIS A 8 5.32 -4.39 -16.68
C HIS A 8 6.44 -5.19 -17.33
N HIS A 9 7.24 -4.51 -18.14
CA HIS A 9 8.22 -5.20 -19.00
C HIS A 9 9.41 -5.69 -18.20
N HIS A 10 9.72 -5.01 -17.11
CA HIS A 10 10.86 -5.43 -16.28
C HIS A 10 10.49 -6.69 -15.49
N SER A 11 9.20 -6.89 -15.31
CA SER A 11 8.70 -8.06 -14.64
C SER A 11 8.09 -9.03 -15.65
N SER A 12 8.86 -9.29 -16.71
CA SER A 12 8.41 -10.13 -17.81
C SER A 12 8.23 -11.58 -17.37
N GLY A 13 6.97 -11.95 -17.16
CA GLY A 13 6.64 -13.30 -16.79
C GLY A 13 5.27 -13.39 -16.17
N LEU A 14 4.91 -14.57 -15.71
CA LEU A 14 3.64 -14.77 -15.01
C LEU A 14 3.84 -14.46 -13.53
N VAL A 15 4.81 -15.13 -12.94
CA VAL A 15 5.21 -14.87 -11.57
C VAL A 15 6.60 -14.24 -11.56
N PRO A 16 6.71 -13.01 -11.08
CA PRO A 16 7.97 -12.26 -11.11
C PRO A 16 8.90 -12.61 -9.97
N ARG A 17 10.15 -12.87 -10.30
CA ARG A 17 11.19 -13.03 -9.31
C ARG A 17 11.77 -11.66 -9.00
N GLY A 18 11.30 -11.06 -7.92
CA GLY A 18 11.55 -9.67 -7.65
C GLY A 18 10.25 -8.91 -7.62
N SER A 19 9.43 -9.24 -6.63
CA SER A 19 8.06 -8.77 -6.56
C SER A 19 7.98 -7.26 -6.35
N HIS A 20 6.91 -6.67 -6.87
CA HIS A 20 6.64 -5.25 -6.68
C HIS A 20 5.26 -5.09 -6.03
N MET A 21 5.00 -3.91 -5.48
CA MET A 21 3.78 -3.69 -4.73
C MET A 21 2.64 -3.27 -5.63
N MET A 22 2.91 -2.31 -6.51
CA MET A 22 1.88 -1.73 -7.36
C MET A 22 0.78 -1.11 -6.50
N PHE A 23 1.19 -0.61 -5.33
CA PHE A 23 0.28 -0.02 -4.37
C PHE A 23 -0.05 1.41 -4.80
N LYS A 24 -1.29 1.63 -5.20
CA LYS A 24 -1.70 2.93 -5.68
C LYS A 24 -2.32 3.73 -4.54
N LEU A 25 -1.50 4.49 -3.85
CA LEU A 25 -1.95 5.33 -2.75
C LEU A 25 -2.27 6.72 -3.29
N THR A 26 -3.53 7.12 -3.23
CA THR A 26 -3.95 8.41 -3.78
C THR A 26 -3.57 9.55 -2.85
N PRO A 27 -3.34 10.75 -3.40
CA PRO A 27 -2.96 11.95 -2.63
C PRO A 27 -3.96 12.27 -1.52
N ALA A 28 -5.21 11.90 -1.72
CA ALA A 28 -6.25 12.11 -0.72
C ALA A 28 -5.97 11.27 0.52
N ALA A 29 -5.64 10.00 0.29
CA ALA A 29 -5.34 9.08 1.37
C ALA A 29 -4.05 9.49 2.07
N ALA A 30 -3.09 9.95 1.27
CA ALA A 30 -1.81 10.40 1.79
C ALA A 30 -1.99 11.57 2.76
N GLU A 31 -2.95 12.44 2.47
CA GLU A 31 -3.19 13.61 3.30
C GLU A 31 -3.64 13.20 4.70
N GLN A 32 -4.49 12.18 4.80
CA GLN A 32 -4.99 11.76 6.10
C GLN A 32 -3.87 11.14 6.93
N VAL A 33 -3.00 10.38 6.27
CA VAL A 33 -1.84 9.80 6.94
C VAL A 33 -0.92 10.91 7.45
N LEU A 34 -0.74 11.93 6.62
CA LEU A 34 0.05 13.10 6.98
C LEU A 34 -0.64 13.89 8.08
N LYS A 35 -1.96 13.93 8.02
CA LYS A 35 -2.79 14.71 8.93
C LYS A 35 -2.61 14.23 10.37
N ALA A 36 -2.60 12.92 10.56
CA ALA A 36 -2.43 12.33 11.88
C ALA A 36 -1.07 12.68 12.48
N ALA A 37 -0.08 12.82 11.62
CA ALA A 37 1.26 13.18 12.05
C ALA A 37 1.37 14.69 12.27
N LYS A 38 0.85 15.44 11.32
CA LYS A 38 0.90 16.90 11.34
C LYS A 38 0.31 17.48 12.62
N GLN A 39 -0.79 16.89 13.08
CA GLN A 39 -1.49 17.40 14.25
C GLN A 39 -0.82 16.96 15.56
N GLY A 40 0.33 16.32 15.45
CA GLY A 40 1.08 15.93 16.63
C GLY A 40 0.64 14.58 17.18
N GLY A 41 -0.04 13.81 16.36
CA GLY A 41 -0.50 12.50 16.80
C GLY A 41 0.57 11.45 16.61
N THR A 42 0.79 11.05 15.36
CA THR A 42 1.77 10.03 15.05
C THR A 42 3.00 10.61 14.37
N GLU A 43 3.31 11.87 14.70
CA GLU A 43 4.44 12.57 14.12
C GLU A 43 5.75 11.86 14.47
N GLY A 44 6.44 11.37 13.44
CA GLY A 44 7.71 10.70 13.66
C GLY A 44 7.61 9.20 13.49
N MET A 45 6.40 8.70 13.34
CA MET A 45 6.18 7.27 13.18
C MET A 45 6.03 6.91 11.71
N CYS A 46 6.49 5.71 11.35
CA CYS A 46 6.39 5.24 9.97
C CYS A 46 5.18 4.33 9.82
N LEU A 47 4.68 4.20 8.59
CA LEU A 47 3.48 3.43 8.33
C LEU A 47 3.82 1.98 8.02
N ARG A 48 3.26 1.07 8.80
CA ARG A 48 3.44 -0.36 8.57
C ARG A 48 2.16 -0.94 7.98
N LEU A 49 2.28 -1.63 6.85
CA LEU A 49 1.13 -2.26 6.22
C LEU A 49 1.11 -3.75 6.55
N ALA A 50 0.13 -4.15 7.35
CA ALA A 50 -0.01 -5.55 7.73
C ALA A 50 -1.19 -6.17 7.01
N ALA A 51 -0.93 -7.15 6.18
CA ALA A 51 -1.97 -7.81 5.41
C ALA A 51 -2.33 -9.16 6.02
N GLY A 52 -3.61 -9.47 6.03
CA GLY A 52 -4.09 -10.73 6.51
C GLY A 52 -5.26 -11.20 5.68
N ARG A 53 -6.09 -12.06 6.24
CA ARG A 53 -7.27 -12.52 5.52
C ARG A 53 -8.39 -12.90 6.45
N ASN A 54 -9.60 -12.56 6.05
CA ASN A 54 -10.80 -13.00 6.74
C ASN A 54 -11.22 -14.33 6.15
N PRO A 55 -11.41 -15.36 6.99
CA PRO A 55 -11.78 -16.70 6.52
C PRO A 55 -13.06 -16.70 5.68
N ASP A 56 -13.83 -15.63 5.82
CA ASP A 56 -15.07 -15.47 5.08
C ASP A 56 -14.83 -15.22 3.59
N GLY A 57 -13.69 -14.60 3.27
CA GLY A 57 -13.37 -14.36 1.87
C GLY A 57 -12.61 -13.07 1.62
N SER A 58 -12.76 -12.07 2.48
CA SER A 58 -12.15 -10.77 2.25
C SER A 58 -10.72 -10.70 2.81
N ILE A 59 -9.92 -9.80 2.25
CA ILE A 59 -8.56 -9.60 2.72
C ILE A 59 -8.55 -8.65 3.92
N ASP A 60 -7.67 -8.91 4.87
CA ASP A 60 -7.54 -8.07 6.06
C ASP A 60 -6.46 -7.02 5.85
N TYR A 61 -6.79 -5.77 6.16
CA TYR A 61 -5.85 -4.68 5.97
C TYR A 61 -5.66 -3.91 7.28
N ARG A 62 -4.54 -4.14 7.93
CA ARG A 62 -4.17 -3.39 9.12
C ARG A 62 -3.10 -2.37 8.80
N MET A 63 -3.51 -1.11 8.72
CA MET A 63 -2.60 -0.03 8.41
C MET A 63 -2.37 0.82 9.64
N GLY A 64 -1.17 0.73 10.21
CA GLY A 64 -0.89 1.47 11.43
C GLY A 64 0.54 1.97 11.46
N PHE A 65 0.84 2.83 12.42
CA PHE A 65 2.17 3.39 12.56
C PHE A 65 3.01 2.52 13.48
N ASP A 66 4.17 2.10 13.01
CA ASP A 66 4.99 1.14 13.73
C ASP A 66 6.48 1.45 13.53
N ASP A 67 7.32 0.50 13.90
CA ASP A 67 8.77 0.65 13.81
C ASP A 67 9.25 0.57 12.37
N LEU A 68 10.28 1.33 12.05
CA LEU A 68 10.88 1.27 10.73
C LEU A 68 11.92 0.14 10.70
N THR A 69 11.47 -1.02 10.28
CA THR A 69 12.34 -2.18 10.19
C THR A 69 13.07 -2.18 8.85
N GLU A 70 14.40 -2.29 8.91
CA GLU A 70 15.23 -2.23 7.71
C GLU A 70 15.03 -3.46 6.83
N ASP A 71 14.59 -4.55 7.43
CA ASP A 71 14.35 -5.78 6.69
C ASP A 71 13.10 -5.66 5.84
N ASP A 72 12.17 -4.83 6.30
CA ASP A 72 10.94 -4.56 5.57
C ASP A 72 11.24 -3.69 4.35
N ILE A 73 10.37 -3.77 3.34
CA ILE A 73 10.53 -2.97 2.14
C ILE A 73 10.13 -1.53 2.43
N ARG A 74 11.03 -0.60 2.15
CA ARG A 74 10.80 0.80 2.42
C ARG A 74 10.14 1.47 1.23
N LEU A 75 8.84 1.71 1.33
CA LEU A 75 8.06 2.25 0.23
C LEU A 75 7.73 3.72 0.47
N THR A 76 8.39 4.59 -0.26
CA THR A 76 8.08 6.01 -0.19
C THR A 76 7.01 6.37 -1.23
N SER A 77 5.76 6.37 -0.80
CA SER A 77 4.66 6.61 -1.71
C SER A 77 4.32 8.09 -1.76
N GLU A 78 5.03 8.81 -2.63
CA GLU A 78 4.82 10.24 -2.89
C GLU A 78 5.27 11.10 -1.71
N GLY A 79 4.73 10.81 -0.55
CA GLY A 79 5.06 11.56 0.64
C GLY A 79 5.07 10.68 1.89
N VAL A 80 4.28 9.62 1.89
CA VAL A 80 4.18 8.72 3.03
C VAL A 80 5.25 7.63 2.93
N GLU A 81 6.00 7.43 4.01
CA GLU A 81 6.99 6.38 4.07
C GLU A 81 6.39 5.13 4.71
N ILE A 82 6.34 4.06 3.94
CA ILE A 82 5.72 2.82 4.37
C ILE A 82 6.75 1.71 4.50
N VAL A 83 6.57 0.84 5.49
CA VAL A 83 7.40 -0.34 5.63
C VAL A 83 6.56 -1.60 5.50
N ILE A 84 6.93 -2.47 4.57
CA ILE A 84 6.16 -3.68 4.29
C ILE A 84 7.04 -4.92 4.34
N ALA A 85 6.73 -5.81 5.27
CA ALA A 85 7.47 -7.07 5.38
C ALA A 85 7.11 -8.01 4.23
N PRO A 86 8.05 -8.89 3.83
CA PRO A 86 7.87 -9.82 2.70
C PRO A 86 6.58 -10.63 2.80
N ASP A 87 6.18 -10.98 4.03
CA ASP A 87 4.96 -11.76 4.25
C ASP A 87 3.73 -11.00 3.77
N TYR A 88 3.78 -9.68 3.88
CA TYR A 88 2.63 -8.85 3.51
C TYR A 88 2.67 -8.53 2.02
N VAL A 89 3.88 -8.44 1.47
CA VAL A 89 4.09 -8.09 0.06
C VAL A 89 3.27 -8.98 -0.87
N SER A 90 3.29 -10.28 -0.60
CA SER A 90 2.64 -11.25 -1.47
C SER A 90 1.11 -11.17 -1.38
N LEU A 91 0.59 -10.28 -0.55
CA LEU A 91 -0.86 -10.15 -0.36
C LEU A 91 -1.28 -8.68 -0.43
N LEU A 92 -0.42 -7.84 -0.99
CA LEU A 92 -0.72 -6.40 -1.05
C LEU A 92 -0.50 -5.84 -2.45
N ASP A 93 -0.36 -6.71 -3.44
CA ASP A 93 -0.11 -6.26 -4.80
C ASP A 93 -1.41 -5.82 -5.47
N GLN A 94 -1.30 -4.81 -6.33
CA GLN A 94 -2.45 -4.29 -7.08
C GLN A 94 -3.46 -3.63 -6.15
N THR A 95 -3.01 -3.24 -4.96
CA THR A 95 -3.88 -2.61 -4.00
C THR A 95 -3.97 -1.10 -4.24
N THR A 96 -5.10 -0.66 -4.76
CA THR A 96 -5.36 0.75 -4.93
C THR A 96 -6.07 1.30 -3.70
N LEU A 97 -5.38 2.16 -2.98
CA LEU A 97 -5.91 2.76 -1.76
C LEU A 97 -6.38 4.18 -2.05
N ASP A 98 -7.68 4.39 -2.00
CA ASP A 98 -8.24 5.71 -2.26
C ASP A 98 -9.02 6.18 -1.05
N TYR A 99 -9.09 7.50 -0.90
CA TYR A 99 -9.75 8.11 0.25
C TYR A 99 -10.98 8.88 -0.21
N VAL A 100 -12.13 8.22 -0.11
CA VAL A 100 -13.39 8.81 -0.56
C VAL A 100 -14.43 8.72 0.54
N GLU A 101 -15.64 9.15 0.24
CA GLU A 101 -16.72 9.06 1.19
C GLU A 101 -17.83 8.15 0.67
N LEU A 102 -17.91 6.95 1.24
CA LEU A 102 -18.94 5.99 0.88
C LEU A 102 -20.33 6.53 1.21
N GLU A 103 -20.40 7.21 2.35
CA GLU A 103 -21.61 7.91 2.75
C GLU A 103 -21.31 9.40 2.78
N PRO A 104 -22.28 10.25 2.40
CA PRO A 104 -22.11 11.70 2.40
C PRO A 104 -21.69 12.24 3.76
N GLY A 105 -20.42 12.61 3.88
CA GLY A 105 -19.90 13.12 5.14
C GLY A 105 -19.07 12.09 5.89
N GLN A 106 -18.92 10.91 5.29
CA GLN A 106 -18.13 9.83 5.91
C GLN A 106 -16.96 9.45 5.02
N PHE A 107 -15.79 9.99 5.34
CA PHE A 107 -14.58 9.66 4.59
C PHE A 107 -13.97 8.36 5.08
N HIS A 108 -13.64 7.48 4.15
CA HIS A 108 -13.15 6.15 4.49
C HIS A 108 -12.21 5.63 3.40
N PHE A 109 -11.24 4.82 3.80
CA PHE A 109 -10.29 4.24 2.85
C PHE A 109 -10.95 3.09 2.09
N ILE A 110 -10.86 3.14 0.77
CA ILE A 110 -11.37 2.06 -0.06
C ILE A 110 -10.22 1.30 -0.71
N PHE A 111 -10.32 -0.02 -0.69
CA PHE A 111 -9.28 -0.88 -1.26
C PHE A 111 -9.78 -1.50 -2.55
N LEU A 112 -9.34 -0.95 -3.67
CA LEU A 112 -9.76 -1.46 -4.97
C LEU A 112 -8.82 -2.56 -5.44
N ASN A 113 -9.06 -3.76 -4.91
CA ASN A 113 -8.29 -4.93 -5.28
C ASN A 113 -9.10 -5.80 -6.23
N PRO A 114 -8.53 -6.13 -7.40
CA PRO A 114 -9.23 -6.89 -8.45
C PRO A 114 -9.44 -8.36 -8.07
N ARG A 115 -9.13 -8.71 -6.83
CA ARG A 115 -9.28 -10.08 -6.36
C ARG A 115 -10.22 -10.15 -5.16
N ASP A 116 -10.56 -8.99 -4.60
CA ASP A 116 -11.34 -8.94 -3.36
C ASP A 116 -12.76 -8.45 -3.64
N PRO A 117 -13.76 -9.01 -2.94
CA PRO A 117 -15.17 -8.64 -3.13
C PRO A 117 -15.58 -7.31 -2.48
N THR A 118 -14.61 -6.45 -2.13
CA THR A 118 -14.91 -5.10 -1.64
C THR A 118 -15.84 -4.38 -2.62
N TYR A 119 -15.54 -4.49 -3.91
CA TYR A 119 -16.42 -4.02 -4.96
C TYR A 119 -16.61 -5.13 -5.97
N ARG A 120 -17.82 -5.68 -6.03
CA ARG A 120 -18.08 -6.85 -6.84
C ARG A 120 -19.46 -6.75 -7.51
N PRO A 121 -19.47 -6.41 -8.80
CA PRO A 121 -20.71 -6.36 -9.57
C PRO A 121 -21.24 -7.76 -9.87
N PRO A 122 -22.56 -7.95 -9.81
CA PRO A 122 -23.18 -9.24 -10.12
C PRO A 122 -22.96 -9.64 -11.57
N SER A 123 -22.05 -10.59 -11.78
CA SER A 123 -21.73 -11.05 -13.11
C SER A 123 -22.49 -12.33 -13.43
N GLY A 124 -22.91 -12.46 -14.68
CA GLY A 124 -23.65 -13.63 -15.10
C GLY A 124 -22.97 -14.35 -16.25
N GLY A 125 -21.66 -14.44 -16.19
CA GLY A 125 -20.91 -15.11 -17.24
C GLY A 125 -19.43 -15.16 -16.91
N MET A 1 16.47 -33.26 -14.91
CA MET A 1 15.08 -32.74 -14.81
C MET A 1 14.96 -31.80 -13.61
N GLY A 2 15.08 -32.37 -12.41
CA GLY A 2 15.05 -31.57 -11.21
C GLY A 2 16.29 -31.79 -10.37
N SER A 3 16.72 -33.03 -10.28
CA SER A 3 17.91 -33.39 -9.51
C SER A 3 19.14 -33.46 -10.40
N SER A 4 19.06 -32.83 -11.57
CA SER A 4 20.14 -32.82 -12.53
C SER A 4 21.17 -31.74 -12.19
N HIS A 5 22.23 -31.65 -12.99
CA HIS A 5 23.27 -30.64 -12.77
C HIS A 5 22.67 -29.25 -12.94
N HIS A 6 21.89 -29.08 -14.00
CA HIS A 6 21.08 -27.88 -14.16
C HIS A 6 19.75 -28.07 -13.46
N HIS A 7 19.26 -27.03 -12.82
CA HIS A 7 18.05 -27.13 -12.03
C HIS A 7 16.84 -26.65 -12.82
N HIS A 8 15.67 -26.76 -12.21
CA HIS A 8 14.40 -26.50 -12.89
C HIS A 8 13.95 -25.05 -12.68
N HIS A 9 14.77 -24.26 -12.00
CA HIS A 9 14.44 -22.86 -11.77
C HIS A 9 15.47 -21.93 -12.41
N HIS A 10 15.21 -21.57 -13.67
CA HIS A 10 16.08 -20.63 -14.36
C HIS A 10 15.30 -19.38 -14.74
N SER A 11 13.98 -19.46 -14.69
CA SER A 11 13.12 -18.36 -15.05
C SER A 11 13.19 -17.23 -14.02
N SER A 12 13.42 -17.60 -12.76
CA SER A 12 13.48 -16.65 -11.67
C SER A 12 14.66 -15.68 -11.82
N GLY A 13 15.75 -16.17 -12.40
CA GLY A 13 16.91 -15.34 -12.62
C GLY A 13 16.77 -14.49 -13.86
N LEU A 14 16.12 -15.03 -14.88
CA LEU A 14 15.90 -14.31 -16.12
C LEU A 14 14.87 -13.21 -15.92
N VAL A 15 13.83 -13.53 -15.16
CA VAL A 15 12.80 -12.56 -14.82
C VAL A 15 12.61 -12.54 -13.30
N PRO A 16 13.39 -11.69 -12.60
CA PRO A 16 13.32 -11.60 -11.14
C PRO A 16 12.01 -11.01 -10.67
N ARG A 17 11.13 -11.86 -10.16
CA ARG A 17 9.84 -11.41 -9.66
C ARG A 17 10.00 -10.65 -8.36
N GLY A 18 9.63 -9.38 -8.37
CA GLY A 18 9.75 -8.56 -7.19
C GLY A 18 10.61 -7.34 -7.41
N SER A 19 10.63 -6.84 -8.64
CA SER A 19 11.43 -5.66 -8.96
C SER A 19 10.63 -4.39 -8.72
N HIS A 20 9.30 -4.51 -8.67
CA HIS A 20 8.42 -3.37 -8.44
C HIS A 20 7.27 -3.77 -7.55
N MET A 21 6.50 -2.78 -7.11
CA MET A 21 5.38 -3.00 -6.22
C MET A 21 4.20 -2.12 -6.64
N MET A 22 3.05 -2.73 -6.86
CA MET A 22 1.89 -1.98 -7.32
C MET A 22 0.99 -1.57 -6.16
N PHE A 23 1.35 -0.47 -5.51
CA PHE A 23 0.53 0.10 -4.44
C PHE A 23 0.38 1.59 -4.69
N LYS A 24 -0.77 1.99 -5.18
CA LYS A 24 -0.99 3.38 -5.54
C LYS A 24 -1.73 4.12 -4.45
N LEU A 25 -0.99 4.89 -3.66
CA LEU A 25 -1.57 5.71 -2.61
C LEU A 25 -1.81 7.11 -3.17
N THR A 26 -3.07 7.52 -3.21
CA THR A 26 -3.44 8.80 -3.79
C THR A 26 -3.02 9.96 -2.90
N PRO A 27 -2.59 11.09 -3.50
CA PRO A 27 -2.19 12.29 -2.76
C PRO A 27 -3.31 12.79 -1.84
N ALA A 28 -4.56 12.57 -2.26
CA ALA A 28 -5.70 12.95 -1.45
C ALA A 28 -5.72 12.16 -0.14
N ALA A 29 -5.46 10.86 -0.25
CA ALA A 29 -5.42 10.01 0.93
C ALA A 29 -4.16 10.27 1.74
N ALA A 30 -3.08 10.63 1.04
CA ALA A 30 -1.81 10.94 1.68
C ALA A 30 -1.95 12.11 2.64
N GLU A 31 -2.80 13.08 2.28
CA GLU A 31 -3.01 14.24 3.14
C GLU A 31 -3.79 13.86 4.39
N GLN A 32 -4.59 12.81 4.31
CA GLN A 32 -5.32 12.34 5.48
C GLN A 32 -4.36 11.67 6.46
N VAL A 33 -3.32 11.06 5.90
CA VAL A 33 -2.24 10.51 6.72
C VAL A 33 -1.50 11.65 7.41
N LEU A 34 -1.27 12.72 6.66
CA LEU A 34 -0.65 13.93 7.21
C LEU A 34 -1.57 14.57 8.23
N LYS A 35 -2.88 14.46 8.00
CA LYS A 35 -3.88 14.99 8.91
C LYS A 35 -3.80 14.29 10.26
N ALA A 36 -3.55 12.99 10.22
CA ALA A 36 -3.37 12.20 11.43
C ALA A 36 -2.11 12.65 12.17
N ALA A 37 -1.07 12.95 11.41
CA ALA A 37 0.18 13.46 11.98
C ALA A 37 -0.04 14.82 12.61
N LYS A 38 -0.90 15.62 11.99
CA LYS A 38 -1.29 16.92 12.51
C LYS A 38 -1.91 16.79 13.89
N GLN A 39 -2.68 15.72 14.07
CA GLN A 39 -3.31 15.45 15.36
C GLN A 39 -2.28 15.08 16.43
N GLY A 40 -1.07 14.77 15.99
CA GLY A 40 0.01 14.49 16.91
C GLY A 40 0.12 13.02 17.25
N GLY A 41 1.26 12.65 17.83
CA GLY A 41 1.46 11.27 18.25
C GLY A 41 1.97 10.38 17.13
N THR A 42 1.29 10.41 16.00
CA THR A 42 1.64 9.55 14.88
C THR A 42 2.65 10.22 13.94
N GLU A 43 2.99 11.46 14.23
CA GLU A 43 3.94 12.20 13.40
C GLU A 43 5.34 11.67 13.62
N GLY A 44 6.05 11.39 12.53
CA GLY A 44 7.40 10.88 12.63
C GLY A 44 7.44 9.37 12.56
N MET A 45 6.28 8.75 12.68
CA MET A 45 6.19 7.30 12.64
C MET A 45 6.06 6.81 11.20
N CYS A 46 6.33 5.54 10.99
CA CYS A 46 6.26 4.97 9.66
C CYS A 46 5.02 4.10 9.54
N LEU A 47 4.45 4.06 8.33
CA LEU A 47 3.24 3.29 8.11
C LEU A 47 3.57 1.83 7.82
N ARG A 48 3.04 0.94 8.64
CA ARG A 48 3.23 -0.49 8.43
C ARG A 48 1.99 -1.08 7.78
N LEU A 49 2.16 -1.74 6.65
CA LEU A 49 1.04 -2.37 5.97
C LEU A 49 1.02 -3.86 6.24
N ALA A 50 -0.12 -4.35 6.69
CA ALA A 50 -0.28 -5.75 6.99
C ALA A 50 -1.46 -6.33 6.23
N ALA A 51 -1.34 -7.58 5.81
CA ALA A 51 -2.39 -8.29 5.11
C ALA A 51 -2.42 -9.73 5.57
N GLY A 52 -3.59 -10.19 6.00
CA GLY A 52 -3.69 -11.53 6.56
C GLY A 52 -4.85 -12.31 6.02
N ARG A 53 -4.81 -13.62 6.18
CA ARG A 53 -5.89 -14.49 5.74
C ARG A 53 -6.80 -14.80 6.92
N ASN A 54 -8.05 -14.36 6.82
CA ASN A 54 -9.04 -14.67 7.84
C ASN A 54 -9.97 -15.76 7.32
N PRO A 55 -10.60 -16.53 8.21
CA PRO A 55 -11.53 -17.59 7.81
C PRO A 55 -12.69 -17.06 6.98
N ASP A 56 -13.11 -15.83 7.26
CA ASP A 56 -14.19 -15.19 6.51
C ASP A 56 -13.61 -14.25 5.46
N GLY A 57 -12.55 -13.55 5.86
CA GLY A 57 -11.93 -12.60 4.98
C GLY A 57 -10.47 -12.93 4.74
N SER A 58 -10.24 -13.92 3.88
CA SER A 58 -8.89 -14.40 3.56
C SER A 58 -8.00 -13.29 2.99
N ILE A 59 -8.60 -12.16 2.64
CA ILE A 59 -7.85 -10.98 2.26
C ILE A 59 -8.23 -9.82 3.18
N ASP A 60 -7.46 -9.63 4.23
CA ASP A 60 -7.73 -8.58 5.20
C ASP A 60 -6.58 -7.59 5.24
N TYR A 61 -6.91 -6.30 5.25
CA TYR A 61 -5.91 -5.24 5.20
C TYR A 61 -5.84 -4.49 6.53
N ARG A 62 -4.62 -4.29 7.00
CA ARG A 62 -4.39 -3.53 8.22
C ARG A 62 -3.33 -2.47 7.98
N MET A 63 -3.63 -1.23 8.33
CA MET A 63 -2.69 -0.14 8.18
C MET A 63 -2.46 0.51 9.54
N GLY A 64 -1.25 0.40 10.06
CA GLY A 64 -0.95 0.94 11.37
C GLY A 64 0.36 1.71 11.40
N PHE A 65 0.51 2.55 12.41
CA PHE A 65 1.74 3.31 12.56
C PHE A 65 2.73 2.55 13.42
N ASP A 66 3.94 2.41 12.92
CA ASP A 66 4.99 1.65 13.59
C ASP A 66 6.33 2.38 13.42
N ASP A 67 7.42 1.68 13.69
CA ASP A 67 8.75 2.25 13.51
C ASP A 67 9.36 1.73 12.23
N LEU A 68 10.35 2.43 11.72
CA LEU A 68 10.92 2.10 10.43
C LEU A 68 12.07 1.10 10.56
N THR A 69 11.83 -0.10 10.07
CA THR A 69 12.87 -1.11 9.97
C THR A 69 13.50 -1.06 8.59
N GLU A 70 14.83 -1.04 8.55
CA GLU A 70 15.56 -0.78 7.32
C GLU A 70 15.57 -1.98 6.37
N ASP A 71 15.64 -3.19 6.93
CA ASP A 71 15.71 -4.39 6.11
C ASP A 71 14.32 -4.85 5.69
N ASP A 72 13.30 -4.38 6.42
CA ASP A 72 11.92 -4.69 6.09
C ASP A 72 11.54 -3.95 4.81
N ILE A 73 10.73 -4.56 3.96
CA ILE A 73 10.46 -4.03 2.62
C ILE A 73 9.91 -2.61 2.68
N ARG A 74 10.73 -1.67 2.25
CA ARG A 74 10.40 -0.26 2.31
C ARG A 74 9.70 0.20 1.04
N LEU A 75 8.60 0.92 1.20
CA LEU A 75 7.82 1.38 0.07
C LEU A 75 7.51 2.87 0.22
N THR A 76 8.27 3.69 -0.49
CA THR A 76 8.07 5.11 -0.44
C THR A 76 6.99 5.54 -1.45
N SER A 77 5.82 5.90 -0.92
CA SER A 77 4.75 6.40 -1.75
C SER A 77 5.04 7.84 -2.15
N GLU A 78 4.09 8.48 -2.83
CA GLU A 78 4.29 9.83 -3.33
C GLU A 78 4.57 10.82 -2.20
N GLY A 79 4.00 10.55 -1.03
CA GLY A 79 4.25 11.39 0.12
C GLY A 79 4.12 10.64 1.44
N VAL A 80 4.32 9.33 1.39
CA VAL A 80 4.17 8.49 2.58
C VAL A 80 5.27 7.42 2.63
N GLU A 81 5.96 7.34 3.76
CA GLU A 81 6.99 6.33 3.96
C GLU A 81 6.37 5.08 4.58
N ILE A 82 6.39 3.98 3.85
CA ILE A 82 5.74 2.76 4.30
C ILE A 82 6.76 1.62 4.44
N VAL A 83 6.56 0.79 5.46
CA VAL A 83 7.35 -0.42 5.64
C VAL A 83 6.42 -1.64 5.66
N ILE A 84 6.76 -2.64 4.86
CA ILE A 84 5.92 -3.82 4.73
C ILE A 84 6.74 -5.08 4.88
N ALA A 85 6.31 -5.98 5.74
CA ALA A 85 6.96 -7.27 5.89
C ALA A 85 6.66 -8.16 4.68
N PRO A 86 7.66 -8.93 4.21
CA PRO A 86 7.53 -9.81 3.04
C PRO A 86 6.28 -10.69 3.10
N ASP A 87 5.89 -11.05 4.31
CA ASP A 87 4.70 -11.86 4.54
C ASP A 87 3.46 -11.18 3.99
N TYR A 88 3.32 -9.89 4.31
CA TYR A 88 2.09 -9.16 4.04
C TYR A 88 2.06 -8.61 2.61
N VAL A 89 3.24 -8.51 2.00
CA VAL A 89 3.37 -8.00 0.63
C VAL A 89 2.53 -8.83 -0.35
N SER A 90 2.30 -10.09 0.00
CA SER A 90 1.61 -11.03 -0.87
C SER A 90 0.23 -10.53 -1.28
N LEU A 91 -0.50 -9.90 -0.37
CA LEU A 91 -1.86 -9.48 -0.64
C LEU A 91 -1.97 -7.97 -0.84
N LEU A 92 -0.82 -7.31 -0.93
CA LEU A 92 -0.80 -5.85 -1.02
C LEU A 92 -0.47 -5.38 -2.44
N ASP A 93 -0.35 -6.32 -3.36
CA ASP A 93 -0.02 -5.96 -4.74
C ASP A 93 -1.29 -5.65 -5.53
N GLN A 94 -1.18 -4.62 -6.37
CA GLN A 94 -2.28 -4.11 -7.20
C GLN A 94 -3.32 -3.39 -6.35
N THR A 95 -2.99 -3.17 -5.09
CA THR A 95 -3.88 -2.47 -4.19
C THR A 95 -3.81 -0.96 -4.40
N THR A 96 -4.95 -0.38 -4.73
CA THR A 96 -5.04 1.06 -4.91
C THR A 96 -5.66 1.69 -3.66
N LEU A 97 -4.98 2.67 -3.09
CA LEU A 97 -5.43 3.26 -1.83
C LEU A 97 -5.92 4.68 -2.04
N ASP A 98 -7.20 4.90 -1.77
CA ASP A 98 -7.81 6.22 -1.89
C ASP A 98 -8.76 6.45 -0.72
N TYR A 99 -9.09 7.70 -0.44
CA TYR A 99 -9.97 8.00 0.68
C TYR A 99 -11.31 8.54 0.19
N VAL A 100 -12.39 8.00 0.75
CA VAL A 100 -13.74 8.48 0.45
C VAL A 100 -14.59 8.42 1.71
N GLU A 101 -15.66 9.20 1.73
CA GLU A 101 -16.58 9.19 2.85
C GLU A 101 -17.65 8.11 2.63
N LEU A 102 -17.33 6.90 3.06
CA LEU A 102 -18.28 5.79 2.97
C LEU A 102 -19.44 6.02 3.93
N GLU A 103 -19.13 6.62 5.07
CA GLU A 103 -20.12 6.93 6.08
C GLU A 103 -20.01 8.40 6.44
N PRO A 104 -21.13 9.14 6.42
CA PRO A 104 -21.15 10.58 6.64
C PRO A 104 -20.37 11.00 7.89
N GLY A 105 -19.30 11.74 7.68
CA GLY A 105 -18.49 12.20 8.79
C GLY A 105 -17.22 11.38 8.97
N GLN A 106 -17.20 10.20 8.39
CA GLN A 106 -16.06 9.30 8.55
C GLN A 106 -15.41 8.98 7.22
N PHE A 107 -14.30 9.65 6.95
CA PHE A 107 -13.54 9.40 5.73
C PHE A 107 -12.70 8.13 5.91
N HIS A 108 -12.97 7.14 5.08
CA HIS A 108 -12.29 5.86 5.18
C HIS A 108 -11.38 5.63 3.99
N PHE A 109 -10.30 4.91 4.22
CA PHE A 109 -9.43 4.49 3.13
C PHE A 109 -10.00 3.25 2.46
N ILE A 110 -10.16 3.30 1.16
CA ILE A 110 -10.70 2.18 0.41
C ILE A 110 -9.61 1.51 -0.41
N PHE A 111 -9.64 0.19 -0.43
CA PHE A 111 -8.70 -0.59 -1.21
C PHE A 111 -9.36 -1.05 -2.50
N LEU A 112 -9.01 -0.39 -3.59
CA LEU A 112 -9.58 -0.75 -4.89
C LEU A 112 -8.80 -1.90 -5.49
N ASN A 113 -9.33 -3.09 -5.29
CA ASN A 113 -8.70 -4.31 -5.75
C ASN A 113 -9.25 -4.75 -7.10
N PRO A 114 -8.36 -5.08 -8.05
CA PRO A 114 -8.75 -5.52 -9.39
C PRO A 114 -9.23 -6.97 -9.41
N ARG A 115 -9.00 -7.69 -8.33
CA ARG A 115 -9.42 -9.08 -8.22
C ARG A 115 -10.75 -9.20 -7.50
N ASP A 116 -10.89 -8.42 -6.44
CA ASP A 116 -12.12 -8.40 -5.66
C ASP A 116 -13.23 -7.72 -6.44
N PRO A 117 -14.50 -8.00 -6.09
CA PRO A 117 -15.67 -7.44 -6.77
C PRO A 117 -15.55 -5.95 -7.08
N THR A 118 -15.28 -5.64 -8.33
CA THR A 118 -15.11 -4.27 -8.76
C THR A 118 -16.43 -3.74 -9.31
N TYR A 119 -16.68 -2.47 -9.10
CA TYR A 119 -17.94 -1.86 -9.55
C TYR A 119 -17.69 -0.82 -10.62
N ARG A 120 -18.10 -1.14 -11.84
CA ARG A 120 -18.05 -0.20 -12.95
C ARG A 120 -18.96 1.00 -12.69
N PRO A 121 -20.25 0.78 -12.32
CA PRO A 121 -21.13 1.87 -11.90
C PRO A 121 -20.88 2.27 -10.44
N PRO A 122 -20.54 3.55 -10.20
CA PRO A 122 -20.24 4.06 -8.86
C PRO A 122 -21.50 4.29 -8.02
N SER A 123 -22.39 3.31 -8.03
CA SER A 123 -23.64 3.41 -7.29
C SER A 123 -23.74 2.24 -6.30
N GLY A 124 -24.53 2.43 -5.25
CA GLY A 124 -24.73 1.35 -4.29
C GLY A 124 -25.71 0.33 -4.80
N GLY A 125 -26.34 0.65 -5.92
CA GLY A 125 -27.27 -0.26 -6.54
C GLY A 125 -28.15 0.47 -7.52
N MET A 1 23.96 -7.42 -26.44
CA MET A 1 23.99 -7.88 -25.02
C MET A 1 23.69 -9.36 -24.96
N GLY A 2 22.45 -9.73 -25.30
CA GLY A 2 22.05 -11.11 -25.24
C GLY A 2 21.54 -11.49 -23.87
N SER A 3 21.13 -10.50 -23.11
CA SER A 3 20.66 -10.70 -21.74
C SER A 3 19.32 -11.43 -21.74
N SER A 4 18.67 -11.44 -22.89
CA SER A 4 17.38 -12.08 -23.04
C SER A 4 17.54 -13.56 -23.38
N HIS A 5 18.78 -14.00 -23.62
CA HIS A 5 19.04 -15.41 -23.93
C HIS A 5 18.85 -16.27 -22.69
N HIS A 6 19.21 -15.73 -21.54
CA HIS A 6 19.04 -16.43 -20.28
C HIS A 6 17.86 -15.84 -19.53
N HIS A 7 16.79 -16.62 -19.42
CA HIS A 7 15.53 -16.11 -18.89
C HIS A 7 15.49 -16.18 -17.37
N HIS A 8 15.89 -15.09 -16.75
CA HIS A 8 15.75 -14.91 -15.30
C HIS A 8 15.66 -13.42 -15.02
N HIS A 9 15.44 -12.66 -16.10
CA HIS A 9 15.44 -11.21 -16.02
C HIS A 9 14.07 -10.70 -16.44
N HIS A 10 13.36 -10.07 -15.50
CA HIS A 10 12.06 -9.49 -15.80
C HIS A 10 12.22 -8.07 -16.31
N SER A 11 13.47 -7.66 -16.46
CA SER A 11 13.80 -6.36 -17.00
C SER A 11 14.76 -6.52 -18.18
N SER A 12 15.32 -5.42 -18.65
CA SER A 12 16.26 -5.46 -19.76
C SER A 12 17.60 -6.07 -19.33
N GLY A 13 17.81 -6.14 -18.01
CA GLY A 13 19.05 -6.68 -17.50
C GLY A 13 19.05 -6.71 -15.98
N LEU A 14 19.24 -5.55 -15.38
CA LEU A 14 19.27 -5.44 -13.93
C LEU A 14 17.97 -4.81 -13.43
N VAL A 15 17.77 -4.84 -12.12
CA VAL A 15 16.55 -4.32 -11.51
C VAL A 15 16.86 -3.10 -10.63
N PRO A 16 15.84 -2.28 -10.34
CA PRO A 16 15.99 -1.12 -9.45
C PRO A 16 16.26 -1.54 -8.01
N ARG A 17 16.85 -0.65 -7.23
CA ARG A 17 17.19 -0.94 -5.85
C ARG A 17 15.94 -0.92 -4.97
N GLY A 18 14.99 -0.09 -5.37
CA GLY A 18 13.71 -0.02 -4.68
C GLY A 18 12.65 -0.81 -5.40
N SER A 19 11.90 -1.61 -4.65
CA SER A 19 10.85 -2.44 -5.24
C SER A 19 9.57 -1.63 -5.40
N HIS A 20 9.37 -1.06 -6.58
CA HIS A 20 8.18 -0.28 -6.88
C HIS A 20 6.96 -1.20 -7.01
N MET A 21 6.11 -1.15 -5.99
CA MET A 21 4.90 -1.96 -5.98
C MET A 21 3.74 -1.22 -6.61
N MET A 22 2.63 -1.93 -6.84
CA MET A 22 1.45 -1.33 -7.42
C MET A 22 0.46 -0.91 -6.36
N PHE A 23 0.88 -0.97 -5.09
CA PHE A 23 0.08 -0.45 -4.01
C PHE A 23 0.08 1.06 -4.07
N LYS A 24 -0.99 1.62 -4.61
CA LYS A 24 -1.07 3.06 -4.80
C LYS A 24 -1.78 3.73 -3.63
N LEU A 25 -1.02 4.48 -2.86
CA LEU A 25 -1.60 5.35 -1.85
C LEU A 25 -1.91 6.68 -2.52
N THR A 26 -3.19 6.89 -2.84
CA THR A 26 -3.61 8.11 -3.52
C THR A 26 -3.15 9.33 -2.75
N PRO A 27 -2.53 10.31 -3.44
CA PRO A 27 -2.06 11.56 -2.82
C PRO A 27 -3.14 12.26 -2.01
N ALA A 28 -4.40 11.98 -2.33
CA ALA A 28 -5.52 12.60 -1.64
C ALA A 28 -5.64 12.02 -0.23
N ALA A 29 -5.39 10.72 -0.13
CA ALA A 29 -5.44 10.03 1.15
C ALA A 29 -4.10 10.13 1.85
N ALA A 30 -3.03 10.19 1.06
CA ALA A 30 -1.68 10.31 1.60
C ALA A 30 -1.53 11.57 2.41
N GLU A 31 -2.07 12.67 1.90
CA GLU A 31 -2.04 13.95 2.60
C GLU A 31 -2.87 13.88 3.88
N GLN A 32 -3.94 13.08 3.85
CA GLN A 32 -4.79 12.91 5.01
C GLN A 32 -4.04 12.16 6.10
N VAL A 33 -3.33 11.11 5.70
CA VAL A 33 -2.48 10.36 6.63
C VAL A 33 -1.35 11.25 7.14
N LEU A 34 -0.77 12.03 6.24
CA LEU A 34 0.28 12.97 6.59
C LEU A 34 -0.26 14.03 7.55
N LYS A 35 -1.52 14.41 7.36
CA LYS A 35 -2.17 15.39 8.21
C LYS A 35 -2.35 14.85 9.63
N ALA A 36 -2.63 13.56 9.72
CA ALA A 36 -2.76 12.90 11.02
C ALA A 36 -1.42 12.91 11.76
N ALA A 37 -0.35 12.65 11.02
CA ALA A 37 1.00 12.71 11.59
C ALA A 37 1.37 14.16 11.89
N LYS A 38 0.86 15.06 11.06
CA LYS A 38 1.08 16.50 11.22
C LYS A 38 0.52 16.99 12.55
N GLN A 39 -0.55 16.35 13.01
CA GLN A 39 -1.17 16.70 14.28
C GLN A 39 -0.21 16.46 15.44
N GLY A 40 0.69 15.50 15.26
CA GLY A 40 1.67 15.20 16.29
C GLY A 40 1.48 13.81 16.87
N GLY A 41 0.25 13.32 16.82
CA GLY A 41 -0.08 12.03 17.40
C GLY A 41 0.74 10.88 16.83
N THR A 42 0.78 10.78 15.51
CA THR A 42 1.53 9.73 14.85
C THR A 42 2.83 10.26 14.25
N GLU A 43 3.29 11.40 14.74
CA GLU A 43 4.53 12.00 14.26
C GLU A 43 5.72 11.17 14.70
N GLY A 44 6.36 10.51 13.75
CA GLY A 44 7.47 9.63 14.07
C GLY A 44 7.11 8.18 13.87
N MET A 45 5.83 7.93 13.61
CA MET A 45 5.36 6.57 13.41
C MET A 45 5.35 6.24 11.92
N CYS A 46 6.00 5.15 11.56
CA CYS A 46 6.09 4.74 10.17
C CYS A 46 4.91 3.81 9.85
N LEU A 47 4.44 3.88 8.62
CA LEU A 47 3.30 3.08 8.21
C LEU A 47 3.74 1.68 7.80
N ARG A 48 3.50 0.71 8.66
CA ARG A 48 3.80 -0.67 8.34
C ARG A 48 2.51 -1.38 7.92
N LEU A 49 2.51 -1.93 6.71
CA LEU A 49 1.31 -2.55 6.19
C LEU A 49 1.29 -4.04 6.48
N ALA A 50 0.11 -4.52 6.85
CA ALA A 50 -0.09 -5.92 7.16
C ALA A 50 -1.33 -6.44 6.44
N ALA A 51 -1.39 -7.75 6.25
CA ALA A 51 -2.52 -8.36 5.56
C ALA A 51 -2.84 -9.71 6.17
N GLY A 52 -4.10 -9.95 6.43
CA GLY A 52 -4.55 -11.22 6.95
C GLY A 52 -5.63 -11.82 6.09
N ARG A 53 -6.21 -12.92 6.53
CA ARG A 53 -7.29 -13.56 5.80
C ARG A 53 -8.41 -13.96 6.74
N ASN A 54 -9.43 -13.13 6.78
CA ASN A 54 -10.58 -13.35 7.66
C ASN A 54 -11.78 -13.86 6.85
N PRO A 55 -12.54 -14.79 7.42
CA PRO A 55 -13.69 -15.43 6.74
C PRO A 55 -14.81 -14.46 6.39
N ASP A 56 -14.84 -13.30 7.03
CA ASP A 56 -15.86 -12.30 6.74
C ASP A 56 -15.69 -11.74 5.34
N GLY A 57 -14.44 -11.56 4.93
CA GLY A 57 -14.16 -11.10 3.60
C GLY A 57 -13.38 -12.14 2.81
N SER A 58 -12.06 -12.03 2.88
CA SER A 58 -11.17 -12.95 2.19
C SER A 58 -9.74 -12.61 2.59
N ILE A 59 -9.33 -11.41 2.21
CA ILE A 59 -8.04 -10.86 2.60
C ILE A 59 -8.23 -9.46 3.15
N ASP A 60 -7.70 -9.19 4.31
CA ASP A 60 -7.83 -7.87 4.91
C ASP A 60 -6.53 -7.08 4.76
N TYR A 61 -6.68 -5.78 4.64
CA TYR A 61 -5.55 -4.89 4.49
C TYR A 61 -5.46 -3.96 5.69
N ARG A 62 -4.48 -4.23 6.54
CA ARG A 62 -4.35 -3.50 7.78
C ARG A 62 -3.21 -2.48 7.71
N MET A 63 -3.52 -1.25 8.07
CA MET A 63 -2.53 -0.18 8.08
C MET A 63 -2.17 0.15 9.52
N GLY A 64 -0.96 -0.21 9.92
CA GLY A 64 -0.56 0.00 11.29
C GLY A 64 0.62 0.94 11.43
N PHE A 65 0.56 1.82 12.41
CA PHE A 65 1.66 2.72 12.69
C PHE A 65 2.66 2.06 13.63
N ASP A 66 3.87 1.91 13.15
CA ASP A 66 4.91 1.21 13.90
C ASP A 66 6.25 1.88 13.64
N ASP A 67 7.36 1.21 13.97
CA ASP A 67 8.67 1.78 13.72
C ASP A 67 9.11 1.50 12.29
N LEU A 68 10.19 2.14 11.87
CA LEU A 68 10.69 1.97 10.52
C LEU A 68 11.76 0.89 10.49
N THR A 69 11.48 -0.19 9.79
CA THR A 69 12.44 -1.27 9.64
C THR A 69 13.03 -1.23 8.22
N GLU A 70 14.35 -1.16 8.13
CA GLU A 70 15.01 -1.09 6.83
C GLU A 70 14.89 -2.42 6.10
N ASP A 71 14.76 -3.50 6.85
CA ASP A 71 14.62 -4.84 6.27
C ASP A 71 13.31 -4.98 5.53
N ASP A 72 12.29 -4.26 5.99
CA ASP A 72 10.98 -4.25 5.35
C ASP A 72 11.06 -3.54 4.01
N ILE A 73 10.12 -3.85 3.12
CA ILE A 73 10.10 -3.25 1.79
C ILE A 73 9.74 -1.78 1.88
N ARG A 74 10.63 -0.93 1.38
CA ARG A 74 10.49 0.51 1.50
C ARG A 74 9.65 1.07 0.36
N LEU A 75 8.55 1.72 0.71
CA LEU A 75 7.71 2.43 -0.27
C LEU A 75 7.54 3.88 0.15
N THR A 76 8.29 4.76 -0.48
CA THR A 76 8.23 6.17 -0.17
C THR A 76 7.23 6.88 -1.07
N SER A 77 6.20 7.46 -0.46
CA SER A 77 5.20 8.21 -1.19
C SER A 77 5.64 9.68 -1.25
N GLU A 78 4.68 10.60 -1.30
CA GLU A 78 4.98 12.02 -1.32
C GLU A 78 5.69 12.44 -0.05
N GLY A 79 5.13 12.05 1.08
CA GLY A 79 5.71 12.40 2.36
C GLY A 79 5.50 11.33 3.41
N VAL A 80 4.99 10.17 3.00
CA VAL A 80 4.74 9.08 3.92
C VAL A 80 5.64 7.89 3.62
N GLU A 81 6.50 7.55 4.57
CA GLU A 81 7.38 6.40 4.43
C GLU A 81 6.63 5.12 4.81
N ILE A 82 6.45 4.24 3.84
CA ILE A 82 5.74 3.00 4.07
C ILE A 82 6.71 1.83 4.11
N VAL A 83 6.54 0.96 5.09
CA VAL A 83 7.34 -0.26 5.19
C VAL A 83 6.44 -1.49 5.15
N ILE A 84 6.74 -2.40 4.24
CA ILE A 84 5.95 -3.61 4.11
C ILE A 84 6.81 -4.85 4.37
N ALA A 85 6.45 -5.60 5.39
CA ALA A 85 7.13 -6.84 5.71
C ALA A 85 6.90 -7.86 4.60
N PRO A 86 7.95 -8.60 4.22
CA PRO A 86 7.88 -9.62 3.16
C PRO A 86 6.75 -10.63 3.38
N ASP A 87 6.29 -10.75 4.62
CA ASP A 87 5.18 -11.62 4.97
C ASP A 87 3.90 -11.19 4.24
N TYR A 88 3.66 -9.88 4.21
CA TYR A 88 2.37 -9.36 3.80
C TYR A 88 2.39 -8.81 2.38
N VAL A 89 3.59 -8.55 1.86
CA VAL A 89 3.75 -7.97 0.52
C VAL A 89 3.05 -8.84 -0.54
N SER A 90 2.98 -10.14 -0.27
CA SER A 90 2.41 -11.10 -1.20
C SER A 90 0.90 -10.89 -1.40
N LEU A 91 0.29 -10.07 -0.54
CA LEU A 91 -1.15 -9.84 -0.60
C LEU A 91 -1.46 -8.36 -0.83
N LEU A 92 -0.46 -7.51 -0.68
CA LEU A 92 -0.68 -6.06 -0.67
C LEU A 92 -0.46 -5.43 -2.05
N ASP A 93 0.19 -6.15 -2.95
CA ASP A 93 0.54 -5.58 -4.25
C ASP A 93 -0.69 -5.43 -5.15
N GLN A 94 -0.65 -4.43 -6.02
CA GLN A 94 -1.73 -4.12 -6.97
C GLN A 94 -3.01 -3.69 -6.24
N THR A 95 -2.87 -3.21 -5.02
CA THR A 95 -4.00 -2.74 -4.25
C THR A 95 -4.02 -1.21 -4.22
N THR A 96 -5.14 -0.62 -4.61
CA THR A 96 -5.29 0.82 -4.61
C THR A 96 -5.96 1.31 -3.33
N LEU A 97 -5.31 2.24 -2.64
CA LEU A 97 -5.86 2.81 -1.42
C LEU A 97 -6.36 4.21 -1.67
N ASP A 98 -7.64 4.42 -1.42
CA ASP A 98 -8.28 5.72 -1.61
C ASP A 98 -9.31 5.93 -0.51
N TYR A 99 -9.75 7.16 -0.32
CA TYR A 99 -10.75 7.45 0.69
C TYR A 99 -12.01 7.97 0.01
N VAL A 100 -13.15 7.51 0.49
CA VAL A 100 -14.42 7.95 -0.06
C VAL A 100 -15.38 8.32 1.06
N GLU A 101 -16.45 9.01 0.69
CA GLU A 101 -17.43 9.45 1.66
C GLU A 101 -18.62 8.50 1.64
N LEU A 102 -18.57 7.48 2.48
CA LEU A 102 -19.74 6.62 2.67
C LEU A 102 -20.82 7.43 3.38
N GLU A 103 -20.37 8.38 4.18
CA GLU A 103 -21.24 9.36 4.80
C GLU A 103 -20.56 10.72 4.74
N PRO A 104 -21.19 11.72 4.12
CA PRO A 104 -20.61 13.05 3.93
C PRO A 104 -20.02 13.63 5.21
N GLY A 105 -18.71 13.76 5.24
CA GLY A 105 -18.02 14.25 6.42
C GLY A 105 -17.12 13.20 7.02
N GLN A 106 -17.61 11.98 7.09
CA GLN A 106 -16.86 10.87 7.63
C GLN A 106 -16.11 10.16 6.51
N PHE A 107 -14.84 10.50 6.37
CA PHE A 107 -14.00 9.91 5.34
C PHE A 107 -13.60 8.49 5.73
N HIS A 108 -13.75 7.58 4.80
CA HIS A 108 -13.45 6.17 5.04
C HIS A 108 -12.57 5.63 3.92
N PHE A 109 -11.44 5.05 4.30
CA PHE A 109 -10.50 4.48 3.34
C PHE A 109 -11.03 3.16 2.81
N ILE A 110 -10.88 2.94 1.53
CA ILE A 110 -11.30 1.70 0.90
C ILE A 110 -10.15 1.11 0.10
N PHE A 111 -10.10 -0.21 0.03
CA PHE A 111 -9.05 -0.90 -0.70
C PHE A 111 -9.59 -1.48 -1.98
N LEU A 112 -9.19 -0.90 -3.10
CA LEU A 112 -9.58 -1.38 -4.40
C LEU A 112 -8.54 -2.36 -4.91
N ASN A 113 -8.80 -3.64 -4.67
CA ASN A 113 -7.87 -4.69 -5.04
C ASN A 113 -8.49 -5.64 -6.06
N PRO A 114 -8.39 -5.29 -7.36
CA PRO A 114 -8.95 -6.10 -8.44
C PRO A 114 -8.13 -7.36 -8.69
N ARG A 115 -7.02 -7.49 -7.95
CA ARG A 115 -6.17 -8.67 -8.05
C ARG A 115 -6.92 -9.89 -7.51
N ASP A 116 -7.78 -9.65 -6.53
CA ASP A 116 -8.74 -10.63 -6.10
C ASP A 116 -9.99 -10.45 -6.94
N PRO A 117 -10.43 -11.51 -7.66
CA PRO A 117 -11.50 -11.45 -8.67
C PRO A 117 -12.65 -10.50 -8.33
N THR A 118 -12.50 -9.24 -8.74
CA THR A 118 -13.52 -8.22 -8.56
C THR A 118 -13.50 -7.29 -9.75
N TYR A 119 -14.68 -7.01 -10.33
CA TYR A 119 -14.79 -6.25 -11.57
C TYR A 119 -13.98 -6.94 -12.67
N ARG A 120 -12.75 -6.49 -12.90
CA ARG A 120 -11.83 -7.11 -13.83
C ARG A 120 -10.43 -7.09 -13.25
N PRO A 121 -9.74 -8.25 -13.23
CA PRO A 121 -8.36 -8.33 -12.74
C PRO A 121 -7.42 -7.40 -13.50
N PRO A 122 -6.37 -6.88 -12.84
CA PRO A 122 -5.43 -5.92 -13.44
C PRO A 122 -4.70 -6.49 -14.65
N SER A 123 -5.30 -6.32 -15.82
CA SER A 123 -4.77 -6.86 -17.05
C SER A 123 -3.82 -5.86 -17.72
N GLY A 124 -2.87 -5.35 -16.93
CA GLY A 124 -1.93 -4.39 -17.43
C GLY A 124 -0.55 -4.58 -16.82
N GLY A 125 -0.24 -5.80 -16.44
CA GLY A 125 1.04 -6.11 -15.85
C GLY A 125 1.28 -7.60 -15.75
N MET A 1 0.96 -14.64 -37.38
CA MET A 1 1.32 -13.34 -36.79
C MET A 1 2.83 -13.24 -36.60
N GLY A 2 3.49 -12.49 -37.46
CA GLY A 2 4.93 -12.35 -37.35
C GLY A 2 5.38 -10.92 -37.58
N SER A 3 6.66 -10.77 -37.83
CA SER A 3 7.25 -9.46 -38.08
C SER A 3 7.29 -9.18 -39.57
N SER A 4 6.73 -8.06 -39.97
CA SER A 4 6.60 -7.73 -41.39
C SER A 4 6.51 -6.22 -41.58
N HIS A 5 6.58 -5.78 -42.83
CA HIS A 5 6.53 -4.36 -43.14
C HIS A 5 5.11 -3.83 -43.03
N HIS A 6 4.15 -4.64 -43.47
CA HIS A 6 2.73 -4.25 -43.42
C HIS A 6 2.14 -4.56 -42.05
N HIS A 7 2.92 -5.20 -41.20
CA HIS A 7 2.47 -5.56 -39.86
C HIS A 7 3.24 -4.78 -38.80
N HIS A 8 2.56 -3.89 -38.10
CA HIS A 8 3.20 -3.07 -37.08
C HIS A 8 2.87 -3.58 -35.70
N HIS A 9 3.90 -3.76 -34.88
CA HIS A 9 3.72 -4.30 -33.55
C HIS A 9 3.65 -3.19 -32.51
N HIS A 10 2.90 -3.44 -31.45
CA HIS A 10 2.77 -2.47 -30.38
C HIS A 10 2.89 -3.15 -29.02
N SER A 11 3.18 -2.36 -28.00
CA SER A 11 3.28 -2.88 -26.65
C SER A 11 2.14 -2.34 -25.81
N SER A 12 1.34 -3.24 -25.24
CA SER A 12 0.23 -2.82 -24.42
C SER A 12 0.63 -2.84 -22.94
N GLY A 13 1.93 -2.99 -22.72
CA GLY A 13 2.46 -2.97 -21.37
C GLY A 13 3.70 -2.12 -21.30
N LEU A 14 4.05 -1.68 -20.10
CA LEU A 14 5.23 -0.85 -19.91
C LEU A 14 6.46 -1.70 -19.67
N VAL A 15 7.43 -1.57 -20.56
CA VAL A 15 8.71 -2.23 -20.37
C VAL A 15 9.53 -1.60 -19.22
N PRO A 16 9.41 -0.27 -18.95
CA PRO A 16 9.98 0.30 -17.73
C PRO A 16 9.18 -0.15 -16.50
N ARG A 17 9.88 -0.57 -15.48
CA ARG A 17 9.25 -1.14 -14.29
C ARG A 17 8.60 -0.05 -13.43
N GLY A 18 9.20 1.14 -13.45
CA GLY A 18 8.63 2.27 -12.75
C GLY A 18 8.85 2.21 -11.24
N SER A 19 8.30 1.18 -10.61
CA SER A 19 8.41 1.03 -9.16
C SER A 19 8.51 -0.45 -8.80
N HIS A 20 8.98 -0.72 -7.57
CA HIS A 20 9.13 -2.09 -7.08
C HIS A 20 7.77 -2.79 -6.99
N MET A 21 6.76 -2.06 -6.56
CA MET A 21 5.43 -2.64 -6.37
C MET A 21 4.36 -1.77 -7.02
N MET A 22 3.16 -2.30 -7.13
CA MET A 22 2.08 -1.62 -7.81
C MET A 22 1.05 -1.07 -6.83
N PHE A 23 1.38 -1.10 -5.55
CA PHE A 23 0.54 -0.51 -4.51
C PHE A 23 0.48 1.00 -4.71
N LYS A 24 -0.72 1.53 -4.83
CA LYS A 24 -0.90 2.95 -5.11
C LYS A 24 -1.64 3.64 -3.98
N LEU A 25 -0.98 4.56 -3.30
CA LEU A 25 -1.61 5.34 -2.26
C LEU A 25 -1.80 6.77 -2.78
N THR A 26 -3.05 7.20 -2.86
CA THR A 26 -3.38 8.50 -3.42
C THR A 26 -2.83 9.64 -2.57
N PRO A 27 -2.30 10.70 -3.20
CA PRO A 27 -1.81 11.89 -2.49
C PRO A 27 -2.89 12.51 -1.61
N ALA A 28 -4.15 12.32 -1.99
CA ALA A 28 -5.26 12.82 -1.22
C ALA A 28 -5.33 12.10 0.13
N ALA A 29 -5.23 10.78 0.10
CA ALA A 29 -5.25 9.99 1.32
C ALA A 29 -3.93 10.14 2.07
N ALA A 30 -2.85 10.33 1.32
CA ALA A 30 -1.53 10.54 1.89
C ALA A 30 -1.53 11.74 2.84
N GLU A 31 -2.26 12.78 2.46
CA GLU A 31 -2.36 13.97 3.30
C GLU A 31 -3.02 13.63 4.64
N GLN A 32 -4.06 12.80 4.60
CA GLN A 32 -4.79 12.41 5.80
C GLN A 32 -3.89 11.56 6.70
N VAL A 33 -3.12 10.67 6.09
CA VAL A 33 -2.17 9.86 6.83
C VAL A 33 -1.12 10.75 7.48
N LEU A 34 -0.61 11.70 6.69
CA LEU A 34 0.35 12.68 7.18
C LEU A 34 -0.25 13.51 8.31
N LYS A 35 -1.52 13.86 8.15
CA LYS A 35 -2.23 14.68 9.12
C LYS A 35 -2.43 13.91 10.43
N ALA A 36 -2.72 12.61 10.31
CA ALA A 36 -2.88 11.75 11.48
C ALA A 36 -1.58 11.66 12.26
N ALA A 37 -0.47 11.60 11.53
CA ALA A 37 0.86 11.60 12.15
C ALA A 37 1.16 12.97 12.73
N LYS A 38 0.72 14.00 12.02
CA LYS A 38 0.90 15.39 12.44
C LYS A 38 0.16 15.66 13.75
N GLN A 39 -0.88 14.87 14.02
CA GLN A 39 -1.64 14.99 15.25
C GLN A 39 -0.79 14.61 16.46
N GLY A 40 0.28 13.86 16.22
CA GLY A 40 1.20 13.53 17.28
C GLY A 40 1.43 12.04 17.42
N GLY A 41 2.52 11.69 18.09
CA GLY A 41 2.80 10.31 18.39
C GLY A 41 3.49 9.58 17.26
N THR A 42 2.80 9.51 16.13
CA THR A 42 3.27 8.71 15.01
C THR A 42 3.91 9.58 13.93
N GLU A 43 4.34 10.78 14.31
CA GLU A 43 4.90 11.74 13.36
C GLU A 43 6.20 11.22 12.75
N GLY A 44 7.12 10.80 13.61
CA GLY A 44 8.42 10.36 13.15
C GLY A 44 8.45 8.89 12.80
N MET A 45 7.32 8.23 13.02
CA MET A 45 7.22 6.81 12.73
C MET A 45 6.86 6.59 11.27
N CYS A 46 7.25 5.45 10.73
CA CYS A 46 6.97 5.15 9.34
C CYS A 46 5.66 4.37 9.23
N LEU A 47 4.98 4.54 8.11
CA LEU A 47 3.70 3.87 7.89
C LEU A 47 3.93 2.41 7.54
N ARG A 48 3.41 1.52 8.38
CA ARG A 48 3.55 0.10 8.14
C ARG A 48 2.16 -0.52 7.98
N LEU A 49 2.03 -1.36 6.97
CA LEU A 49 0.75 -1.95 6.64
C LEU A 49 0.72 -3.43 7.00
N ALA A 50 -0.38 -3.88 7.56
CA ALA A 50 -0.56 -5.27 7.94
C ALA A 50 -1.60 -5.91 7.04
N ALA A 51 -1.45 -7.20 6.80
CA ALA A 51 -2.37 -7.92 5.92
C ALA A 51 -2.80 -9.22 6.56
N GLY A 52 -4.10 -9.44 6.63
CA GLY A 52 -4.63 -10.63 7.23
C GLY A 52 -5.58 -11.35 6.29
N ARG A 53 -6.03 -12.53 6.67
CA ARG A 53 -6.93 -13.31 5.82
C ARG A 53 -8.02 -13.99 6.63
N ASN A 54 -9.22 -13.94 6.08
CA ASN A 54 -10.26 -14.88 6.47
C ASN A 54 -10.22 -15.98 5.43
N PRO A 55 -9.55 -17.11 5.76
CA PRO A 55 -9.23 -18.18 4.80
C PRO A 55 -10.30 -18.41 3.75
N ASP A 56 -10.04 -17.89 2.55
CA ASP A 56 -10.97 -17.94 1.44
C ASP A 56 -12.30 -17.29 1.82
N GLY A 57 -12.36 -15.97 1.73
CA GLY A 57 -13.58 -15.27 2.07
C GLY A 57 -13.40 -13.77 2.11
N SER A 58 -12.44 -13.31 2.90
CA SER A 58 -12.21 -11.87 3.04
C SER A 58 -10.76 -11.58 3.48
N ILE A 59 -10.05 -10.82 2.68
CA ILE A 59 -8.69 -10.41 3.01
C ILE A 59 -8.71 -9.07 3.75
N ASP A 60 -7.84 -8.94 4.75
CA ASP A 60 -7.80 -7.73 5.57
C ASP A 60 -6.54 -6.93 5.30
N TYR A 61 -6.68 -5.61 5.23
CA TYR A 61 -5.55 -4.72 5.08
C TYR A 61 -5.62 -3.63 6.14
N ARG A 62 -4.67 -3.62 7.06
CA ARG A 62 -4.70 -2.66 8.16
C ARG A 62 -3.58 -1.64 8.00
N MET A 63 -3.92 -0.37 8.22
CA MET A 63 -2.95 0.71 8.10
C MET A 63 -2.58 1.23 9.48
N GLY A 64 -1.29 1.44 9.72
CA GLY A 64 -0.88 2.02 10.98
C GLY A 64 0.59 2.41 10.98
N PHE A 65 1.05 2.98 12.07
CA PHE A 65 2.45 3.31 12.24
C PHE A 65 3.07 2.36 13.25
N ASP A 66 4.16 1.72 12.85
CA ASP A 66 4.75 0.67 13.68
C ASP A 66 6.27 0.79 13.63
N ASP A 67 6.96 -0.19 14.18
CA ASP A 67 8.42 -0.14 14.25
C ASP A 67 9.02 -0.45 12.89
N LEU A 68 9.81 0.49 12.38
CA LEU A 68 10.47 0.31 11.10
C LEU A 68 11.64 -0.65 11.26
N THR A 69 11.48 -1.88 10.79
CA THR A 69 12.53 -2.85 10.90
C THR A 69 13.31 -2.94 9.59
N GLU A 70 14.40 -3.69 9.60
CA GLU A 70 15.23 -3.83 8.41
C GLU A 70 14.63 -4.84 7.45
N ASP A 71 13.57 -5.49 7.91
CA ASP A 71 12.92 -6.55 7.14
C ASP A 71 11.82 -6.00 6.25
N ASP A 72 11.44 -4.76 6.49
CA ASP A 72 10.33 -4.16 5.76
C ASP A 72 10.80 -3.61 4.43
N ILE A 73 10.02 -3.87 3.38
CA ILE A 73 10.28 -3.28 2.08
C ILE A 73 9.82 -1.83 2.09
N ARG A 74 10.67 -0.94 1.61
CA ARG A 74 10.45 0.48 1.76
C ARG A 74 9.89 1.09 0.48
N LEU A 75 8.66 1.57 0.55
CA LEU A 75 8.01 2.21 -0.57
C LEU A 75 7.80 3.69 -0.29
N THR A 76 7.41 4.43 -1.31
CA THR A 76 7.13 5.86 -1.15
C THR A 76 6.00 6.29 -2.07
N SER A 77 4.87 6.67 -1.47
CA SER A 77 3.71 7.10 -2.23
C SER A 77 4.00 8.41 -2.95
N GLU A 78 4.40 9.40 -2.17
CA GLU A 78 4.70 10.73 -2.66
C GLU A 78 4.99 11.62 -1.46
N GLY A 79 4.19 11.43 -0.42
CA GLY A 79 4.33 12.23 0.78
C GLY A 79 4.48 11.38 2.02
N VAL A 80 4.22 10.09 1.89
CA VAL A 80 4.31 9.17 3.01
C VAL A 80 5.17 7.96 2.66
N GLU A 81 6.10 7.63 3.55
CA GLU A 81 6.93 6.45 3.39
C GLU A 81 6.19 5.23 3.90
N ILE A 82 6.29 4.13 3.18
CA ILE A 82 5.56 2.93 3.53
C ILE A 82 6.50 1.74 3.67
N VAL A 83 6.55 1.16 4.87
CA VAL A 83 7.36 -0.01 5.09
C VAL A 83 6.48 -1.24 5.30
N ILE A 84 6.74 -2.29 4.54
CA ILE A 84 5.93 -3.50 4.63
C ILE A 84 6.82 -4.74 4.63
N ALA A 85 6.70 -5.55 5.69
CA ALA A 85 7.41 -6.82 5.77
C ALA A 85 6.92 -7.77 4.67
N PRO A 86 7.83 -8.61 4.13
CA PRO A 86 7.54 -9.50 3.00
C PRO A 86 6.23 -10.29 3.15
N ASP A 87 5.94 -10.70 4.38
CA ASP A 87 4.70 -11.41 4.70
C ASP A 87 3.49 -10.68 4.17
N TYR A 88 3.42 -9.39 4.45
CA TYR A 88 2.26 -8.58 4.13
C TYR A 88 2.35 -8.07 2.69
N VAL A 89 3.58 -7.98 2.18
CA VAL A 89 3.84 -7.53 0.81
C VAL A 89 3.09 -8.39 -0.20
N SER A 90 2.95 -9.68 0.12
CA SER A 90 2.28 -10.62 -0.74
C SER A 90 0.87 -10.15 -1.11
N LEU A 91 0.16 -9.58 -0.15
CA LEU A 91 -1.22 -9.15 -0.35
C LEU A 91 -1.29 -7.66 -0.71
N LEU A 92 -0.38 -6.88 -0.15
CA LEU A 92 -0.40 -5.44 -0.28
C LEU A 92 0.28 -4.95 -1.56
N ASP A 93 -0.04 -5.61 -2.66
CA ASP A 93 0.50 -5.22 -3.97
C ASP A 93 -0.61 -5.21 -5.01
N GLN A 94 -0.47 -4.32 -6.00
CA GLN A 94 -1.47 -4.13 -7.06
C GLN A 94 -2.70 -3.38 -6.54
N THR A 95 -2.85 -3.34 -5.22
CA THR A 95 -3.99 -2.68 -4.61
C THR A 95 -3.83 -1.16 -4.62
N THR A 96 -4.94 -0.47 -4.79
CA THR A 96 -4.94 0.98 -4.75
C THR A 96 -5.73 1.46 -3.53
N LEU A 97 -5.14 2.39 -2.79
CA LEU A 97 -5.73 2.88 -1.56
C LEU A 97 -6.15 4.34 -1.73
N ASP A 98 -7.43 4.60 -1.50
CA ASP A 98 -7.96 5.96 -1.54
C ASP A 98 -9.08 6.07 -0.51
N TYR A 99 -9.32 7.27 0.00
CA TYR A 99 -10.38 7.46 0.99
C TYR A 99 -11.60 8.06 0.33
N VAL A 100 -12.73 7.38 0.46
CA VAL A 100 -13.96 7.84 -0.15
C VAL A 100 -15.11 7.78 0.84
N GLU A 101 -16.03 8.73 0.71
CA GLU A 101 -17.22 8.73 1.53
C GLU A 101 -18.30 7.86 0.89
N LEU A 102 -18.39 6.62 1.35
CA LEU A 102 -19.39 5.69 0.84
C LEU A 102 -20.77 6.07 1.35
N GLU A 103 -20.80 6.59 2.57
CA GLU A 103 -22.03 7.04 3.19
C GLU A 103 -21.77 8.37 3.88
N PRO A 104 -22.64 9.37 3.65
CA PRO A 104 -22.46 10.74 4.19
C PRO A 104 -22.08 10.76 5.67
N GLY A 105 -20.85 11.16 5.95
CA GLY A 105 -20.37 11.21 7.31
C GLY A 105 -19.26 10.22 7.57
N GLN A 106 -19.23 9.14 6.80
CA GLN A 106 -18.26 8.09 7.01
C GLN A 106 -17.28 7.99 5.83
N PHE A 107 -16.05 8.39 6.07
CA PHE A 107 -15.00 8.25 5.08
C PHE A 107 -14.32 6.89 5.23
N HIS A 108 -14.40 6.09 4.19
CA HIS A 108 -13.84 4.74 4.23
C HIS A 108 -12.65 4.64 3.29
N PHE A 109 -11.56 4.09 3.80
CA PHE A 109 -10.40 3.79 2.97
C PHE A 109 -10.69 2.54 2.15
N ILE A 110 -10.63 2.66 0.84
CA ILE A 110 -10.96 1.55 -0.03
C ILE A 110 -9.72 0.99 -0.69
N PHE A 111 -9.70 -0.31 -0.84
CA PHE A 111 -8.60 -0.99 -1.48
C PHE A 111 -9.09 -1.61 -2.78
N LEU A 112 -8.65 -1.07 -3.90
CA LEU A 112 -8.99 -1.65 -5.20
C LEU A 112 -8.28 -2.98 -5.36
N ASN A 113 -8.94 -4.02 -4.88
CA ASN A 113 -8.34 -5.35 -4.81
C ASN A 113 -9.12 -6.33 -5.68
N PRO A 114 -8.47 -6.85 -6.73
CA PRO A 114 -9.08 -7.82 -7.64
C PRO A 114 -9.02 -9.25 -7.08
N ARG A 115 -8.24 -9.44 -6.01
CA ARG A 115 -8.06 -10.76 -5.41
C ARG A 115 -9.28 -11.14 -4.60
N ASP A 116 -9.65 -10.26 -3.68
CA ASP A 116 -10.77 -10.49 -2.78
C ASP A 116 -12.00 -9.75 -3.32
N PRO A 117 -13.20 -10.32 -3.16
CA PRO A 117 -14.44 -9.71 -3.64
C PRO A 117 -14.74 -8.34 -3.02
N THR A 118 -14.06 -7.31 -3.53
CA THR A 118 -14.39 -5.93 -3.19
C THR A 118 -15.40 -5.42 -4.21
N TYR A 119 -15.04 -5.54 -5.48
CA TYR A 119 -15.96 -5.29 -6.58
C TYR A 119 -16.17 -6.59 -7.33
N ARG A 120 -17.28 -7.26 -7.05
CA ARG A 120 -17.55 -8.57 -7.62
C ARG A 120 -18.48 -8.44 -8.82
N PRO A 121 -18.42 -9.41 -9.75
CA PRO A 121 -19.28 -9.44 -10.93
C PRO A 121 -20.76 -9.43 -10.54
N PRO A 122 -21.56 -8.63 -11.25
CA PRO A 122 -23.00 -8.51 -11.00
C PRO A 122 -23.76 -9.79 -11.35
N SER A 123 -25.09 -9.70 -11.39
CA SER A 123 -25.92 -10.83 -11.75
C SER A 123 -25.63 -11.29 -13.18
N GLY A 124 -24.99 -12.45 -13.29
CA GLY A 124 -24.65 -12.99 -14.59
C GLY A 124 -25.10 -14.43 -14.73
N GLY A 125 -25.91 -14.88 -13.78
CA GLY A 125 -26.43 -16.23 -13.83
C GLY A 125 -27.77 -16.28 -14.54
N MET A 1 47.10 -19.78 -5.33
CA MET A 1 47.08 -18.70 -6.35
C MET A 1 45.78 -18.77 -7.16
N GLY A 2 44.85 -17.90 -6.84
CA GLY A 2 43.57 -17.89 -7.52
C GLY A 2 42.59 -18.88 -6.91
N SER A 3 43.10 -20.04 -6.51
CA SER A 3 42.29 -21.12 -5.99
C SER A 3 41.49 -20.70 -4.75
N SER A 4 42.09 -19.88 -3.91
CA SER A 4 41.43 -19.43 -2.68
C SER A 4 40.22 -18.55 -2.98
N HIS A 5 40.22 -17.92 -4.15
CA HIS A 5 39.10 -17.09 -4.57
C HIS A 5 38.22 -17.83 -5.56
N HIS A 6 38.70 -18.98 -6.00
CA HIS A 6 37.94 -19.87 -6.86
C HIS A 6 37.06 -20.79 -6.01
N HIS A 7 37.62 -21.26 -4.92
CA HIS A 7 36.87 -22.06 -3.96
C HIS A 7 36.56 -21.23 -2.73
N HIS A 8 35.28 -21.00 -2.48
CA HIS A 8 34.86 -20.25 -1.32
C HIS A 8 34.53 -21.21 -0.19
N HIS A 9 34.52 -20.71 1.03
CA HIS A 9 34.24 -21.54 2.19
C HIS A 9 32.77 -21.45 2.56
N HIS A 10 32.17 -20.31 2.26
CA HIS A 10 30.74 -20.11 2.50
C HIS A 10 30.09 -19.54 1.25
N SER A 11 28.87 -19.96 0.99
CA SER A 11 28.11 -19.46 -0.15
C SER A 11 27.43 -18.13 0.20
N SER A 12 26.83 -17.52 -0.79
CA SER A 12 26.13 -16.26 -0.60
C SER A 12 24.67 -16.42 -1.03
N GLY A 13 23.79 -15.67 -0.38
CA GLY A 13 22.39 -15.75 -0.70
C GLY A 13 21.93 -14.63 -1.61
N LEU A 14 21.14 -14.98 -2.62
CA LEU A 14 20.59 -14.00 -3.54
C LEU A 14 19.22 -13.56 -3.03
N VAL A 15 18.94 -12.26 -3.10
CA VAL A 15 17.65 -11.76 -2.65
C VAL A 15 16.58 -12.05 -3.70
N PRO A 16 15.40 -12.51 -3.25
CA PRO A 16 14.28 -12.82 -4.14
C PRO A 16 13.73 -11.57 -4.82
N ARG A 17 13.11 -11.75 -5.97
CA ARG A 17 12.55 -10.63 -6.71
C ARG A 17 11.25 -10.15 -6.08
N GLY A 18 10.48 -11.09 -5.54
CA GLY A 18 9.22 -10.76 -4.93
C GLY A 18 8.22 -10.26 -5.94
N SER A 19 8.00 -8.95 -5.93
CA SER A 19 7.11 -8.33 -6.89
C SER A 19 7.59 -6.91 -7.19
N HIS A 20 6.87 -6.21 -8.06
CA HIS A 20 7.26 -4.87 -8.48
C HIS A 20 6.68 -3.84 -7.54
N MET A 21 5.64 -4.25 -6.81
CA MET A 21 4.98 -3.41 -5.80
C MET A 21 4.22 -2.26 -6.44
N MET A 22 2.91 -2.45 -6.57
CA MET A 22 2.03 -1.44 -7.11
C MET A 22 1.02 -0.96 -6.09
N PHE A 23 1.46 -0.80 -4.84
CA PHE A 23 0.60 -0.22 -3.81
C PHE A 23 0.50 1.27 -4.05
N LYS A 24 -0.63 1.69 -4.60
CA LYS A 24 -0.81 3.07 -5.03
C LYS A 24 -1.76 3.80 -4.07
N LEU A 25 -1.29 4.90 -3.52
CA LEU A 25 -2.07 5.66 -2.55
C LEU A 25 -2.41 7.02 -3.14
N THR A 26 -3.70 7.36 -3.18
CA THR A 26 -4.13 8.65 -3.71
C THR A 26 -3.56 9.79 -2.87
N PRO A 27 -2.94 10.79 -3.52
CA PRO A 27 -2.29 11.93 -2.83
C PRO A 27 -3.21 12.59 -1.79
N ALA A 28 -4.50 12.69 -2.12
CA ALA A 28 -5.47 13.27 -1.19
C ALA A 28 -5.55 12.44 0.10
N ALA A 29 -5.65 11.13 -0.05
CA ALA A 29 -5.73 10.24 1.10
C ALA A 29 -4.37 10.17 1.80
N ALA A 30 -3.31 10.22 1.02
CA ALA A 30 -1.96 10.21 1.56
C ALA A 30 -1.73 11.40 2.48
N GLU A 31 -2.21 12.57 2.08
CA GLU A 31 -2.09 13.77 2.88
C GLU A 31 -2.95 13.67 4.13
N GLN A 32 -4.07 12.95 4.03
CA GLN A 32 -4.94 12.73 5.17
C GLN A 32 -4.27 11.78 6.17
N VAL A 33 -3.64 10.73 5.64
CA VAL A 33 -2.89 9.80 6.47
C VAL A 33 -1.69 10.51 7.11
N LEU A 34 -1.06 11.38 6.33
CA LEU A 34 0.06 12.18 6.82
C LEU A 34 -0.40 13.07 7.98
N LYS A 35 -1.65 13.55 7.89
CA LYS A 35 -2.21 14.39 8.94
C LYS A 35 -2.33 13.60 10.25
N ALA A 36 -2.74 12.34 10.13
CA ALA A 36 -2.86 11.45 11.28
C ALA A 36 -1.51 11.23 11.93
N ALA A 37 -0.46 11.17 11.11
CA ALA A 37 0.90 11.04 11.60
C ALA A 37 1.32 12.27 12.39
N LYS A 38 0.89 13.43 11.91
CA LYS A 38 1.14 14.69 12.60
C LYS A 38 0.42 14.73 13.93
N GLN A 39 -0.86 14.35 13.89
CA GLN A 39 -1.71 14.36 15.07
C GLN A 39 -1.21 13.37 16.13
N GLY A 40 -0.98 12.14 15.73
CA GLY A 40 -0.57 11.11 16.66
C GLY A 40 0.90 11.21 17.03
N GLY A 41 1.62 12.11 16.39
CA GLY A 41 3.03 12.29 16.65
C GLY A 41 3.85 11.13 16.15
N THR A 42 3.26 10.34 15.27
CA THR A 42 3.89 9.13 14.76
C THR A 42 4.73 9.42 13.53
N GLU A 43 5.11 10.69 13.36
CA GLU A 43 5.93 11.11 12.23
C GLU A 43 7.34 10.52 12.33
N GLY A 44 7.78 10.27 13.56
CA GLY A 44 9.08 9.65 13.78
C GLY A 44 9.02 8.16 13.54
N MET A 45 7.82 7.65 13.38
CA MET A 45 7.60 6.24 13.10
C MET A 45 7.27 6.08 11.62
N CYS A 46 7.11 4.85 11.16
CA CYS A 46 6.81 4.63 9.76
C CYS A 46 5.52 3.85 9.60
N LEU A 47 4.92 3.93 8.43
CA LEU A 47 3.65 3.27 8.19
C LEU A 47 3.87 1.82 7.78
N ARG A 48 3.69 0.90 8.71
CA ARG A 48 3.80 -0.52 8.42
C ARG A 48 2.42 -1.10 8.24
N LEU A 49 2.21 -1.78 7.13
CA LEU A 49 0.89 -2.28 6.78
C LEU A 49 0.68 -3.70 7.28
N ALA A 50 -0.51 -3.95 7.80
CA ALA A 50 -0.87 -5.27 8.30
C ALA A 50 -1.96 -5.88 7.44
N ALA A 51 -1.70 -7.05 6.89
CA ALA A 51 -2.64 -7.72 6.01
C ALA A 51 -3.06 -9.07 6.59
N GLY A 52 -4.30 -9.44 6.35
CA GLY A 52 -4.80 -10.72 6.80
C GLY A 52 -5.86 -11.26 5.87
N ARG A 53 -5.75 -12.52 5.50
CA ARG A 53 -6.69 -13.12 4.57
C ARG A 53 -8.07 -13.22 5.22
N ASN A 54 -9.07 -12.63 4.57
CA ASN A 54 -10.44 -12.72 5.04
C ASN A 54 -11.00 -14.09 4.65
N PRO A 55 -11.59 -14.81 5.61
CA PRO A 55 -12.05 -16.20 5.43
C PRO A 55 -12.88 -16.43 4.17
N ASP A 56 -12.18 -16.82 3.10
CA ASP A 56 -12.79 -17.14 1.80
C ASP A 56 -13.68 -16.03 1.26
N GLY A 57 -13.45 -14.81 1.72
CA GLY A 57 -14.18 -13.69 1.20
C GLY A 57 -13.29 -12.79 0.37
N SER A 58 -12.56 -11.91 1.05
CA SER A 58 -11.59 -11.04 0.40
C SER A 58 -10.31 -11.03 1.23
N ILE A 59 -9.61 -9.91 1.28
CA ILE A 59 -8.42 -9.79 2.12
C ILE A 59 -8.49 -8.50 2.93
N ASP A 60 -8.24 -8.60 4.22
CA ASP A 60 -8.32 -7.44 5.11
C ASP A 60 -6.98 -6.73 5.20
N TYR A 61 -7.02 -5.41 5.06
CA TYR A 61 -5.80 -4.61 5.10
C TYR A 61 -5.94 -3.49 6.12
N ARG A 62 -4.92 -3.28 6.93
CA ARG A 62 -4.91 -2.19 7.88
C ARG A 62 -3.62 -1.40 7.79
N MET A 63 -3.70 -0.11 8.05
CA MET A 63 -2.53 0.76 8.06
C MET A 63 -2.19 1.15 9.48
N GLY A 64 -0.97 0.84 9.92
CA GLY A 64 -0.59 1.14 11.28
C GLY A 64 0.77 1.81 11.35
N PHE A 65 0.80 2.99 11.96
CA PHE A 65 2.06 3.68 12.21
C PHE A 65 2.84 2.90 13.26
N ASP A 66 3.94 2.30 12.85
CA ASP A 66 4.64 1.35 13.71
C ASP A 66 6.15 1.45 13.50
N ASP A 67 6.87 0.44 13.98
CA ASP A 67 8.32 0.40 13.90
C ASP A 67 8.79 0.27 12.46
N LEU A 68 10.02 0.68 12.20
CA LEU A 68 10.59 0.63 10.86
C LEU A 68 11.70 -0.43 10.82
N THR A 69 11.40 -1.57 10.23
CA THR A 69 12.37 -2.65 10.13
C THR A 69 13.07 -2.59 8.77
N GLU A 70 14.38 -2.81 8.77
CA GLU A 70 15.17 -2.74 7.54
C GLU A 70 15.04 -4.04 6.73
N ASP A 71 14.33 -4.99 7.31
CA ASP A 71 13.98 -6.23 6.63
C ASP A 71 12.79 -5.99 5.71
N ASP A 72 12.00 -4.99 6.08
CA ASP A 72 10.79 -4.64 5.36
C ASP A 72 11.12 -3.93 4.06
N ILE A 73 10.23 -4.00 3.10
CA ILE A 73 10.40 -3.30 1.84
C ILE A 73 9.90 -1.87 1.99
N ARG A 74 10.78 -0.91 1.77
CA ARG A 74 10.44 0.50 1.92
C ARG A 74 9.84 1.05 0.64
N LEU A 75 8.56 1.41 0.71
CA LEU A 75 7.87 2.01 -0.42
C LEU A 75 7.63 3.48 -0.15
N THR A 76 8.13 4.33 -1.03
CA THR A 76 7.90 5.75 -0.91
C THR A 76 6.83 6.19 -1.90
N SER A 77 5.64 6.48 -1.39
CA SER A 77 4.52 6.87 -2.24
C SER A 77 4.50 8.39 -2.43
N GLU A 78 3.37 8.91 -2.90
CA GLU A 78 3.25 10.34 -3.15
C GLU A 78 3.00 11.11 -1.85
N GLY A 79 3.91 10.96 -0.90
CA GLY A 79 3.82 11.71 0.33
C GLY A 79 4.15 10.89 1.56
N VAL A 80 3.77 9.63 1.55
CA VAL A 80 3.93 8.78 2.73
C VAL A 80 4.95 7.67 2.49
N GLU A 81 5.77 7.40 3.48
CA GLU A 81 6.69 6.26 3.43
C GLU A 81 6.01 5.05 4.05
N ILE A 82 6.02 3.95 3.33
CA ILE A 82 5.36 2.74 3.77
C ILE A 82 6.34 1.57 3.82
N VAL A 83 6.55 1.02 5.01
CA VAL A 83 7.40 -0.15 5.15
C VAL A 83 6.55 -1.40 5.25
N ILE A 84 6.81 -2.36 4.40
CA ILE A 84 6.03 -3.58 4.38
C ILE A 84 6.93 -4.81 4.46
N ALA A 85 6.79 -5.56 5.54
CA ALA A 85 7.51 -6.81 5.72
C ALA A 85 7.17 -7.78 4.59
N PRO A 86 8.17 -8.57 4.13
CA PRO A 86 8.00 -9.54 3.04
C PRO A 86 6.75 -10.42 3.18
N ASP A 87 6.40 -10.77 4.41
CA ASP A 87 5.22 -11.60 4.65
C ASP A 87 3.94 -10.87 4.28
N TYR A 88 3.86 -9.59 4.60
CA TYR A 88 2.69 -8.78 4.28
C TYR A 88 2.74 -8.31 2.83
N VAL A 89 3.95 -8.03 2.36
CA VAL A 89 4.15 -7.41 1.04
C VAL A 89 3.61 -8.31 -0.07
N SER A 90 3.55 -9.61 0.19
CA SER A 90 3.08 -10.57 -0.78
C SER A 90 1.56 -10.49 -0.96
N LEU A 91 0.90 -9.78 -0.05
CA LEU A 91 -0.55 -9.64 -0.10
C LEU A 91 -0.94 -8.17 -0.26
N LEU A 92 0.04 -7.30 -0.37
CA LEU A 92 -0.23 -5.86 -0.44
C LEU A 92 0.18 -5.28 -1.79
N ASP A 93 0.70 -6.12 -2.66
CA ASP A 93 1.09 -5.70 -4.00
C ASP A 93 -0.14 -5.50 -4.88
N GLN A 94 -0.05 -4.55 -5.80
CA GLN A 94 -1.13 -4.26 -6.74
C GLN A 94 -2.44 -3.98 -6.01
N THR A 95 -2.39 -3.01 -5.12
CA THR A 95 -3.55 -2.59 -4.36
C THR A 95 -3.62 -1.07 -4.30
N THR A 96 -4.78 -0.51 -4.60
CA THR A 96 -4.92 0.94 -4.64
C THR A 96 -5.73 1.43 -3.45
N LEU A 97 -5.14 2.34 -2.68
CA LEU A 97 -5.83 2.89 -1.53
C LEU A 97 -6.43 4.25 -1.86
N ASP A 98 -7.70 4.41 -1.55
CA ASP A 98 -8.37 5.69 -1.72
C ASP A 98 -9.41 5.87 -0.63
N TYR A 99 -9.84 7.10 -0.39
CA TYR A 99 -10.84 7.35 0.62
C TYR A 99 -12.12 7.86 -0.02
N VAL A 100 -13.25 7.30 0.40
CA VAL A 100 -14.54 7.70 -0.12
C VAL A 100 -15.52 7.94 1.01
N GLU A 101 -16.48 8.81 0.76
CA GLU A 101 -17.48 9.12 1.74
C GLU A 101 -18.71 8.23 1.55
N LEU A 102 -18.66 7.04 2.15
CA LEU A 102 -19.76 6.08 2.06
C LEU A 102 -20.95 6.59 2.88
N GLU A 103 -20.65 7.30 3.94
CA GLU A 103 -21.67 7.93 4.75
C GLU A 103 -21.30 9.39 4.98
N PRO A 104 -22.12 10.33 4.50
CA PRO A 104 -21.85 11.78 4.58
C PRO A 104 -21.34 12.20 5.95
N GLY A 105 -20.15 12.79 5.98
CA GLY A 105 -19.54 13.21 7.22
C GLY A 105 -18.46 12.25 7.69
N GLN A 106 -18.40 11.08 7.07
CA GLN A 106 -17.42 10.08 7.42
C GLN A 106 -16.58 9.68 6.21
N PHE A 107 -15.32 10.09 6.21
CA PHE A 107 -14.42 9.69 5.15
C PHE A 107 -13.82 8.33 5.47
N HIS A 108 -14.29 7.33 4.76
CA HIS A 108 -13.91 5.95 5.02
C HIS A 108 -12.96 5.45 3.94
N PHE A 109 -11.84 4.88 4.36
CA PHE A 109 -10.82 4.40 3.43
C PHE A 109 -11.23 3.07 2.82
N ILE A 110 -10.93 2.90 1.54
CA ILE A 110 -11.22 1.65 0.87
C ILE A 110 -9.95 1.11 0.19
N PHE A 111 -9.64 -0.15 0.47
CA PHE A 111 -8.52 -0.80 -0.17
C PHE A 111 -8.98 -1.46 -1.45
N LEU A 112 -8.82 -0.75 -2.55
CA LEU A 112 -9.29 -1.22 -3.84
C LEU A 112 -8.31 -2.24 -4.40
N ASN A 113 -8.68 -3.50 -4.32
CA ASN A 113 -7.79 -4.58 -4.72
C ASN A 113 -8.32 -5.30 -5.95
N PRO A 114 -7.66 -5.11 -7.11
CA PRO A 114 -8.06 -5.76 -8.36
C PRO A 114 -7.84 -7.27 -8.33
N ARG A 115 -7.11 -7.74 -7.33
CA ARG A 115 -6.84 -9.16 -7.17
C ARG A 115 -8.06 -9.90 -6.64
N ASP A 116 -9.04 -9.15 -6.13
CA ASP A 116 -10.29 -9.74 -5.67
C ASP A 116 -11.14 -10.09 -6.89
N PRO A 117 -11.97 -11.15 -6.82
CA PRO A 117 -12.90 -11.53 -7.89
C PRO A 117 -13.82 -10.37 -8.32
N THR A 118 -13.91 -9.34 -7.49
CA THR A 118 -14.72 -8.17 -7.81
C THR A 118 -13.87 -6.91 -7.70
N TYR A 119 -14.21 -5.89 -8.48
CA TYR A 119 -13.52 -4.60 -8.41
C TYR A 119 -13.92 -3.91 -7.11
N ARG A 120 -15.17 -4.11 -6.73
CA ARG A 120 -15.69 -3.62 -5.47
C ARG A 120 -15.90 -4.81 -4.53
N PRO A 121 -15.00 -4.98 -3.54
CA PRO A 121 -15.00 -6.13 -2.62
C PRO A 121 -16.39 -6.43 -2.06
N PRO A 122 -16.97 -7.58 -2.47
CA PRO A 122 -18.33 -7.97 -2.06
C PRO A 122 -18.37 -8.41 -0.60
N SER A 123 -17.24 -8.81 -0.09
CA SER A 123 -17.14 -9.26 1.29
C SER A 123 -16.66 -8.14 2.19
N GLY A 124 -16.55 -6.94 1.62
CA GLY A 124 -16.10 -5.80 2.38
C GLY A 124 -17.24 -5.02 3.00
N GLY A 125 -17.93 -5.64 3.94
CA GLY A 125 -19.05 -4.99 4.58
C GLY A 125 -20.17 -5.96 4.86
N MET A 1 28.51 30.70 -1.51
CA MET A 1 28.27 29.58 -0.58
C MET A 1 26.81 29.17 -0.61
N GLY A 2 26.55 27.89 -0.41
CA GLY A 2 25.18 27.41 -0.40
C GLY A 2 24.92 26.43 -1.53
N SER A 3 25.36 26.79 -2.72
CA SER A 3 25.18 25.94 -3.88
C SER A 3 26.22 24.82 -3.85
N SER A 4 25.75 23.58 -3.90
CA SER A 4 26.60 22.42 -3.69
C SER A 4 27.32 21.99 -4.97
N HIS A 5 27.17 22.77 -6.04
CA HIS A 5 27.86 22.53 -7.31
C HIS A 5 27.34 21.27 -8.01
N HIS A 6 26.09 20.91 -7.73
CA HIS A 6 25.48 19.74 -8.34
C HIS A 6 24.15 20.12 -8.97
N HIS A 7 23.96 19.75 -10.23
CA HIS A 7 22.73 20.08 -10.94
C HIS A 7 21.89 18.84 -11.20
N HIS A 8 20.59 18.96 -11.01
CA HIS A 8 19.67 17.88 -11.33
C HIS A 8 19.02 18.13 -12.69
N HIS A 9 19.32 17.27 -13.64
CA HIS A 9 18.73 17.37 -14.97
C HIS A 9 17.87 16.14 -15.25
N HIS A 10 16.56 16.31 -15.17
CA HIS A 10 15.64 15.24 -15.48
C HIS A 10 15.38 15.20 -16.98
N SER A 11 16.10 14.33 -17.66
CA SER A 11 16.07 14.21 -19.11
C SER A 11 14.66 13.96 -19.62
N SER A 12 14.34 14.52 -20.79
CA SER A 12 13.05 14.31 -21.41
C SER A 12 12.89 12.87 -21.83
N GLY A 13 12.02 12.16 -21.13
CA GLY A 13 11.82 10.74 -21.42
C GLY A 13 12.46 9.86 -20.38
N LEU A 14 12.95 10.48 -19.30
CA LEU A 14 13.52 9.75 -18.19
C LEU A 14 12.41 9.13 -17.35
N VAL A 15 12.24 7.82 -17.47
CA VAL A 15 11.21 7.11 -16.75
C VAL A 15 11.49 7.10 -15.24
N PRO A 16 10.53 7.56 -14.44
CA PRO A 16 10.66 7.63 -12.99
C PRO A 16 10.80 6.25 -12.35
N ARG A 17 11.41 6.22 -11.18
CA ARG A 17 11.66 4.98 -10.47
C ARG A 17 10.43 4.59 -9.65
N GLY A 18 9.88 5.57 -8.95
CA GLY A 18 8.66 5.34 -8.21
C GLY A 18 8.91 4.64 -6.89
N SER A 19 7.92 3.87 -6.45
CA SER A 19 8.00 3.15 -5.19
C SER A 19 8.64 1.78 -5.39
N HIS A 20 9.07 1.16 -4.30
CA HIS A 20 9.69 -0.16 -4.36
C HIS A 20 8.62 -1.27 -4.34
N MET A 21 7.38 -0.88 -4.58
CA MET A 21 6.28 -1.82 -4.60
C MET A 21 5.12 -1.25 -5.39
N MET A 22 4.17 -2.08 -5.78
CA MET A 22 3.10 -1.69 -6.69
C MET A 22 1.93 -1.06 -5.94
N PHE A 23 2.05 -0.94 -4.61
CA PHE A 23 0.97 -0.42 -3.78
C PHE A 23 0.61 0.99 -4.24
N LYS A 24 -0.67 1.21 -4.51
CA LYS A 24 -1.11 2.45 -5.10
C LYS A 24 -1.82 3.32 -4.06
N LEU A 25 -1.04 4.07 -3.30
CA LEU A 25 -1.59 5.01 -2.35
C LEU A 25 -1.77 6.35 -3.03
N THR A 26 -3.02 6.75 -3.23
CA THR A 26 -3.31 8.02 -3.89
C THR A 26 -2.75 9.18 -3.08
N PRO A 27 -2.09 10.14 -3.74
CA PRO A 27 -1.50 11.31 -3.08
C PRO A 27 -2.52 12.07 -2.23
N ALA A 28 -3.78 12.04 -2.67
CA ALA A 28 -4.86 12.67 -1.94
C ALA A 28 -5.06 12.00 -0.58
N ALA A 29 -5.06 10.67 -0.58
CA ALA A 29 -5.21 9.90 0.66
C ALA A 29 -3.94 9.99 1.49
N ALA A 30 -2.80 9.99 0.81
CA ALA A 30 -1.51 10.12 1.48
C ALA A 30 -1.43 11.41 2.28
N GLU A 31 -2.03 12.46 1.73
CA GLU A 31 -2.08 13.75 2.41
C GLU A 31 -2.87 13.64 3.72
N GLN A 32 -3.93 12.83 3.70
CA GLN A 32 -4.75 12.64 4.90
C GLN A 32 -3.99 11.80 5.92
N VAL A 33 -3.23 10.82 5.43
CA VAL A 33 -2.36 10.03 6.29
C VAL A 33 -1.33 10.94 6.97
N LEU A 34 -0.77 11.85 6.19
CA LEU A 34 0.17 12.83 6.70
C LEU A 34 -0.50 13.69 7.78
N LYS A 35 -1.75 14.06 7.54
CA LYS A 35 -2.52 14.84 8.50
C LYS A 35 -2.69 14.05 9.79
N ALA A 36 -3.06 12.79 9.66
CA ALA A 36 -3.24 11.91 10.82
C ALA A 36 -1.96 11.79 11.64
N ALA A 37 -0.83 11.70 10.95
CA ALA A 37 0.47 11.62 11.61
C ALA A 37 0.79 12.95 12.29
N LYS A 38 0.50 14.04 11.60
CA LYS A 38 0.76 15.39 12.10
C LYS A 38 -0.04 15.69 13.36
N GLN A 39 -1.16 15.01 13.53
CA GLN A 39 -2.08 15.28 14.63
C GLN A 39 -1.63 14.64 15.94
N GLY A 40 -0.54 13.88 15.92
CA GLY A 40 -0.09 13.24 17.14
C GLY A 40 1.36 12.83 17.09
N GLY A 41 1.71 11.84 17.92
CA GLY A 41 3.07 11.33 17.95
C GLY A 41 3.35 10.36 16.82
N THR A 42 2.31 10.08 16.05
CA THR A 42 2.40 9.19 14.89
C THR A 42 3.31 9.77 13.82
N GLU A 43 3.54 11.08 13.90
CA GLU A 43 4.45 11.79 13.00
C GLU A 43 5.85 11.17 13.03
N GLY A 44 6.23 10.67 14.19
CA GLY A 44 7.58 10.15 14.36
C GLY A 44 7.67 8.67 14.05
N MET A 45 6.70 8.15 13.32
CA MET A 45 6.71 6.75 12.93
C MET A 45 6.40 6.60 11.46
N CYS A 46 6.32 5.36 11.00
CA CYS A 46 6.08 5.07 9.60
C CYS A 46 4.77 4.30 9.45
N LEU A 47 4.31 4.15 8.22
CA LEU A 47 3.05 3.46 7.97
C LEU A 47 3.32 2.01 7.57
N ARG A 48 3.02 1.08 8.47
CA ARG A 48 3.21 -0.33 8.18
C ARG A 48 1.88 -0.97 7.85
N LEU A 49 1.86 -1.85 6.86
CA LEU A 49 0.64 -2.50 6.44
C LEU A 49 0.69 -4.00 6.70
N ALA A 50 -0.40 -4.53 7.20
CA ALA A 50 -0.52 -5.96 7.45
C ALA A 50 -1.65 -6.55 6.63
N ALA A 51 -1.54 -7.83 6.29
CA ALA A 51 -2.52 -8.47 5.44
C ALA A 51 -3.08 -9.73 6.10
N GLY A 52 -4.39 -9.91 5.98
CA GLY A 52 -5.03 -11.10 6.51
C GLY A 52 -5.94 -11.74 5.49
N ARG A 53 -5.44 -12.76 4.82
CA ARG A 53 -6.19 -13.45 3.80
C ARG A 53 -7.02 -14.57 4.43
N ASN A 54 -8.32 -14.35 4.51
CA ASN A 54 -9.23 -15.35 5.05
C ASN A 54 -9.83 -16.16 3.92
N PRO A 55 -9.39 -17.42 3.76
CA PRO A 55 -9.89 -18.30 2.68
C PRO A 55 -11.35 -18.67 2.92
N ASP A 56 -11.81 -18.45 4.13
CA ASP A 56 -13.18 -18.72 4.52
C ASP A 56 -14.09 -17.54 4.16
N GLY A 57 -13.48 -16.37 4.02
CA GLY A 57 -14.27 -15.18 3.77
C GLY A 57 -13.61 -14.24 2.78
N SER A 58 -13.20 -13.07 3.26
CA SER A 58 -12.65 -12.05 2.40
C SER A 58 -11.21 -11.72 2.81
N ILE A 59 -10.54 -10.92 2.00
CA ILE A 59 -9.17 -10.53 2.26
C ILE A 59 -9.12 -9.16 2.91
N ASP A 60 -8.79 -9.13 4.19
CA ASP A 60 -8.83 -7.90 4.98
C ASP A 60 -7.42 -7.39 5.23
N TYR A 61 -7.23 -6.08 5.10
CA TYR A 61 -5.92 -5.46 5.26
C TYR A 61 -5.92 -4.47 6.42
N ARG A 62 -4.84 -4.48 7.18
CA ARG A 62 -4.74 -3.62 8.36
C ARG A 62 -3.73 -2.50 8.13
N MET A 63 -4.16 -1.28 8.39
CA MET A 63 -3.28 -0.12 8.29
C MET A 63 -2.93 0.37 9.69
N GLY A 64 -1.65 0.49 9.99
CA GLY A 64 -1.25 0.95 11.30
C GLY A 64 0.06 1.70 11.30
N PHE A 65 0.15 2.74 12.11
CA PHE A 65 1.40 3.47 12.27
C PHE A 65 2.33 2.66 13.16
N ASP A 66 3.56 2.44 12.70
CA ASP A 66 4.49 1.56 13.38
C ASP A 66 5.92 2.06 13.18
N ASP A 67 6.91 1.32 13.69
CA ASP A 67 8.30 1.75 13.59
C ASP A 67 8.84 1.51 12.19
N LEU A 68 10.00 2.07 11.91
CA LEU A 68 10.64 1.90 10.62
C LEU A 68 11.72 0.83 10.74
N THR A 69 11.38 -0.38 10.32
CA THR A 69 12.31 -1.48 10.35
C THR A 69 13.19 -1.47 9.09
N GLU A 70 14.50 -1.53 9.28
CA GLU A 70 15.43 -1.42 8.17
C GLU A 70 15.47 -2.73 7.36
N ASP A 71 14.94 -3.79 7.93
CA ASP A 71 14.84 -5.08 7.23
C ASP A 71 13.51 -5.18 6.51
N ASP A 72 12.69 -4.16 6.66
CA ASP A 72 11.36 -4.14 6.07
C ASP A 72 11.42 -3.54 4.66
N ILE A 73 10.29 -3.41 4.00
CA ILE A 73 10.25 -2.91 2.63
C ILE A 73 9.74 -1.47 2.59
N ARG A 74 10.64 -0.55 2.34
CA ARG A 74 10.32 0.88 2.32
C ARG A 74 9.93 1.34 0.92
N LEU A 75 8.72 1.85 0.80
CA LEU A 75 8.27 2.47 -0.44
C LEU A 75 7.71 3.86 -0.14
N THR A 76 8.43 4.87 -0.59
CA THR A 76 8.06 6.25 -0.33
C THR A 76 7.05 6.75 -1.35
N SER A 77 5.92 7.25 -0.87
CA SER A 77 4.91 7.81 -1.74
C SER A 77 5.00 9.33 -1.74
N GLU A 78 4.02 9.98 -2.34
CA GLU A 78 4.03 11.44 -2.47
C GLU A 78 3.50 12.10 -1.20
N GLY A 79 4.24 11.91 -0.12
CA GLY A 79 3.90 12.55 1.13
C GLY A 79 4.21 11.69 2.33
N VAL A 80 3.95 10.40 2.20
CA VAL A 80 4.14 9.45 3.29
C VAL A 80 4.93 8.24 2.79
N GLU A 81 5.77 7.69 3.64
CA GLU A 81 6.52 6.50 3.29
C GLU A 81 5.85 5.28 3.89
N ILE A 82 5.79 4.20 3.11
CA ILE A 82 5.12 2.99 3.54
C ILE A 82 6.15 1.88 3.76
N VAL A 83 5.93 1.09 4.80
CA VAL A 83 6.73 -0.10 5.04
C VAL A 83 5.84 -1.34 5.11
N ILE A 84 6.10 -2.28 4.24
CA ILE A 84 5.32 -3.51 4.20
C ILE A 84 6.24 -4.73 4.20
N ALA A 85 6.20 -5.48 5.29
CA ALA A 85 6.99 -6.68 5.42
C ALA A 85 6.75 -7.64 4.26
N PRO A 86 7.81 -8.30 3.75
CA PRO A 86 7.74 -9.22 2.61
C PRO A 86 6.63 -10.26 2.76
N ASP A 87 6.34 -10.65 3.99
CA ASP A 87 5.27 -11.61 4.26
C ASP A 87 3.90 -11.00 3.96
N TYR A 88 3.67 -9.80 4.47
CA TYR A 88 2.37 -9.15 4.32
C TYR A 88 2.18 -8.58 2.92
N VAL A 89 3.28 -8.16 2.29
CA VAL A 89 3.22 -7.49 0.99
C VAL A 89 2.74 -8.44 -0.10
N SER A 90 2.70 -9.73 0.21
CA SER A 90 2.31 -10.76 -0.74
C SER A 90 0.86 -10.60 -1.21
N LEU A 91 0.09 -9.75 -0.53
CA LEU A 91 -1.31 -9.56 -0.87
C LEU A 91 -1.61 -8.10 -1.23
N LEU A 92 -0.59 -7.25 -1.13
CA LEU A 92 -0.80 -5.82 -1.25
C LEU A 92 -0.22 -5.25 -2.54
N ASP A 93 0.11 -6.13 -3.48
CA ASP A 93 0.75 -5.71 -4.72
C ASP A 93 -0.09 -4.68 -5.49
N GLN A 94 -1.20 -5.09 -6.06
CA GLN A 94 -2.05 -4.18 -6.83
C GLN A 94 -3.11 -3.52 -5.96
N THR A 95 -2.87 -3.46 -4.66
CA THR A 95 -3.82 -2.88 -3.75
C THR A 95 -3.80 -1.35 -3.82
N THR A 96 -4.92 -0.77 -4.23
CA THR A 96 -5.05 0.67 -4.32
C THR A 96 -5.73 1.22 -3.08
N LEU A 97 -5.21 2.33 -2.55
CA LEU A 97 -5.75 2.93 -1.35
C LEU A 97 -6.37 4.28 -1.66
N ASP A 98 -7.63 4.43 -1.29
CA ASP A 98 -8.36 5.69 -1.50
C ASP A 98 -9.19 6.01 -0.28
N TYR A 99 -9.48 7.29 -0.06
CA TYR A 99 -10.27 7.70 1.10
C TYR A 99 -11.66 8.11 0.66
N VAL A 100 -12.66 7.43 1.18
CA VAL A 100 -14.05 7.70 0.83
C VAL A 100 -14.86 8.04 2.07
N GLU A 101 -15.88 8.85 1.88
CA GLU A 101 -16.78 9.20 2.96
C GLU A 101 -18.03 8.33 2.90
N LEU A 102 -17.99 7.21 3.61
CA LEU A 102 -19.13 6.30 3.67
C LEU A 102 -20.27 6.93 4.44
N GLU A 103 -19.91 7.70 5.45
CA GLU A 103 -20.87 8.44 6.26
C GLU A 103 -20.34 9.84 6.49
N PRO A 104 -21.20 10.86 6.40
CA PRO A 104 -20.82 12.26 6.56
C PRO A 104 -19.92 12.49 7.77
N GLY A 105 -18.68 12.88 7.51
CA GLY A 105 -17.74 13.14 8.58
C GLY A 105 -16.70 12.04 8.72
N GLN A 106 -17.00 10.87 8.19
CA GLN A 106 -16.10 9.72 8.29
C GLN A 106 -15.40 9.46 6.98
N PHE A 107 -14.16 9.90 6.87
CA PHE A 107 -13.35 9.61 5.71
C PHE A 107 -12.50 8.37 5.98
N HIS A 108 -12.89 7.26 5.37
CA HIS A 108 -12.23 5.99 5.61
C HIS A 108 -11.30 5.64 4.46
N PHE A 109 -10.11 5.17 4.80
CA PHE A 109 -9.20 4.64 3.80
C PHE A 109 -9.62 3.22 3.46
N ILE A 110 -10.00 3.00 2.21
CA ILE A 110 -10.45 1.69 1.80
C ILE A 110 -9.43 1.03 0.88
N PHE A 111 -9.18 -0.24 1.13
CA PHE A 111 -8.29 -1.02 0.29
C PHE A 111 -9.10 -1.63 -0.86
N LEU A 112 -9.06 -0.97 -2.01
CA LEU A 112 -9.81 -1.40 -3.18
C LEU A 112 -9.29 -2.74 -3.69
N ASN A 113 -8.03 -2.75 -4.08
CA ASN A 113 -7.39 -3.92 -4.66
C ASN A 113 -8.15 -4.41 -5.89
N PRO A 114 -7.98 -3.74 -7.04
CA PRO A 114 -8.61 -4.14 -8.29
C PRO A 114 -8.04 -5.46 -8.82
N ARG A 115 -8.45 -6.54 -8.17
CA ARG A 115 -7.94 -7.87 -8.48
C ARG A 115 -8.98 -8.92 -8.11
N ASP A 116 -9.40 -8.89 -6.85
CA ASP A 116 -10.37 -9.84 -6.36
C ASP A 116 -11.78 -9.24 -6.33
N PRO A 117 -12.00 -8.09 -5.66
CA PRO A 117 -13.29 -7.39 -5.69
C PRO A 117 -13.49 -6.65 -7.01
N THR A 118 -14.51 -7.02 -7.76
CA THR A 118 -14.78 -6.40 -9.03
C THR A 118 -15.86 -5.32 -8.91
N TYR A 119 -15.49 -4.08 -9.22
CA TYR A 119 -16.43 -2.98 -9.21
C TYR A 119 -16.98 -2.77 -10.62
N ARG A 120 -18.22 -3.17 -10.84
CA ARG A 120 -18.80 -3.16 -12.18
C ARG A 120 -19.44 -1.81 -12.49
N PRO A 121 -18.92 -1.11 -13.50
CA PRO A 121 -19.46 0.15 -13.97
C PRO A 121 -20.45 -0.04 -15.11
N PRO A 122 -21.19 1.03 -15.50
CA PRO A 122 -22.13 0.96 -16.63
C PRO A 122 -21.40 0.78 -17.96
N SER A 123 -20.08 0.89 -17.90
CA SER A 123 -19.22 0.74 -19.06
C SER A 123 -19.21 -0.71 -19.57
N GLY A 124 -19.59 -1.64 -18.70
CA GLY A 124 -19.61 -3.03 -19.06
C GLY A 124 -20.64 -3.34 -20.13
N GLY A 125 -20.18 -3.74 -21.31
CA GLY A 125 -21.07 -4.05 -22.40
C GLY A 125 -20.39 -3.86 -23.73
N MET A 1 24.07 -5.57 -32.90
CA MET A 1 23.69 -6.83 -32.22
C MET A 1 22.74 -6.54 -31.07
N GLY A 2 21.84 -7.48 -30.79
CA GLY A 2 20.85 -7.29 -29.75
C GLY A 2 21.35 -7.75 -28.40
N SER A 3 22.04 -6.85 -27.69
CA SER A 3 22.58 -7.12 -26.35
C SER A 3 23.33 -8.45 -26.30
N SER A 4 24.52 -8.48 -26.89
CA SER A 4 25.34 -9.68 -26.92
C SER A 4 25.75 -10.08 -25.50
N HIS A 5 26.09 -9.09 -24.69
CA HIS A 5 26.46 -9.34 -23.30
C HIS A 5 25.20 -9.49 -22.47
N HIS A 6 24.85 -10.73 -22.19
CA HIS A 6 23.57 -11.04 -21.56
C HIS A 6 23.64 -10.86 -20.05
N HIS A 7 22.55 -10.36 -19.48
CA HIS A 7 22.43 -10.17 -18.05
C HIS A 7 21.18 -10.87 -17.54
N HIS A 8 21.29 -11.50 -16.38
CA HIS A 8 20.19 -12.29 -15.83
C HIS A 8 19.13 -11.41 -15.19
N HIS A 9 19.54 -10.30 -14.61
CA HIS A 9 18.61 -9.39 -13.97
C HIS A 9 18.35 -8.19 -14.90
N HIS A 10 17.08 -7.87 -15.09
CA HIS A 10 16.70 -6.74 -15.93
C HIS A 10 17.20 -5.45 -15.33
N SER A 11 18.13 -4.81 -16.03
CA SER A 11 18.75 -3.60 -15.54
C SER A 11 17.99 -2.36 -16.01
N SER A 12 17.61 -1.52 -15.06
CA SER A 12 16.89 -0.30 -15.38
C SER A 12 17.19 0.75 -14.33
N GLY A 13 17.03 2.02 -14.69
CA GLY A 13 17.24 3.10 -13.76
C GLY A 13 16.05 3.27 -12.83
N LEU A 14 14.93 2.67 -13.21
CA LEU A 14 13.72 2.75 -12.41
C LEU A 14 13.64 1.56 -11.47
N VAL A 15 13.92 1.82 -10.18
CA VAL A 15 13.91 0.82 -9.10
C VAL A 15 14.44 -0.56 -9.54
N PRO A 16 15.77 -0.75 -9.42
CA PRO A 16 16.43 -2.02 -9.78
C PRO A 16 15.87 -3.20 -8.98
N ARG A 17 15.35 -2.91 -7.81
CA ARG A 17 14.66 -3.91 -7.00
C ARG A 17 13.36 -3.31 -6.46
N GLY A 18 12.36 -4.16 -6.29
CA GLY A 18 11.05 -3.68 -5.88
C GLY A 18 10.19 -3.39 -7.09
N SER A 19 10.59 -3.93 -8.24
CA SER A 19 9.94 -3.66 -9.51
C SER A 19 8.66 -4.50 -9.66
N HIS A 20 7.83 -4.52 -8.64
CA HIS A 20 6.61 -5.32 -8.67
C HIS A 20 5.56 -4.72 -7.74
N MET A 21 5.85 -4.69 -6.45
CA MET A 21 4.91 -4.16 -5.45
C MET A 21 4.68 -2.67 -5.65
N MET A 22 3.43 -2.30 -5.88
CA MET A 22 3.06 -0.90 -6.04
C MET A 22 1.89 -0.55 -5.14
N PHE A 23 2.16 0.20 -4.08
CA PHE A 23 1.11 0.71 -3.23
C PHE A 23 0.98 2.21 -3.46
N LYS A 24 -0.05 2.61 -4.18
CA LYS A 24 -0.20 3.99 -4.59
C LYS A 24 -1.37 4.64 -3.87
N LEU A 25 -1.13 5.79 -3.28
CA LEU A 25 -2.19 6.53 -2.61
C LEU A 25 -2.61 7.71 -3.46
N THR A 26 -3.89 8.07 -3.41
CA THR A 26 -4.36 9.24 -4.10
C THR A 26 -3.85 10.50 -3.41
N PRO A 27 -3.78 11.64 -4.14
CA PRO A 27 -3.35 12.92 -3.56
C PRO A 27 -4.21 13.31 -2.35
N ALA A 28 -5.41 12.74 -2.27
CA ALA A 28 -6.28 12.95 -1.13
C ALA A 28 -5.88 12.04 0.02
N ALA A 29 -5.81 10.74 -0.25
CA ALA A 29 -5.50 9.76 0.78
C ALA A 29 -4.12 9.98 1.38
N ALA A 30 -3.13 10.20 0.52
CA ALA A 30 -1.77 10.40 0.97
C ALA A 30 -1.65 11.63 1.85
N GLU A 31 -2.35 12.70 1.45
CA GLU A 31 -2.30 13.96 2.19
C GLU A 31 -3.07 13.85 3.50
N GLN A 32 -4.17 13.09 3.48
CA GLN A 32 -4.97 12.89 4.68
C GLN A 32 -4.16 12.21 5.77
N VAL A 33 -3.45 11.14 5.38
CA VAL A 33 -2.61 10.42 6.32
C VAL A 33 -1.40 11.26 6.72
N LEU A 34 -0.83 11.96 5.74
CA LEU A 34 0.31 12.83 5.98
C LEU A 34 -0.05 13.94 6.96
N LYS A 35 -1.25 14.48 6.82
CA LYS A 35 -1.71 15.56 7.69
C LYS A 35 -1.90 15.07 9.12
N ALA A 36 -2.34 13.82 9.26
CA ALA A 36 -2.47 13.21 10.57
C ALA A 36 -1.11 13.10 11.26
N ALA A 37 -0.10 12.75 10.49
CA ALA A 37 1.26 12.69 11.00
C ALA A 37 1.80 14.11 11.24
N LYS A 38 1.43 15.02 10.33
CA LYS A 38 1.86 16.41 10.41
C LYS A 38 1.40 17.07 11.71
N GLN A 39 0.33 16.53 12.30
CA GLN A 39 -0.15 17.00 13.60
C GLN A 39 0.92 16.84 14.67
N GLY A 40 1.90 15.97 14.42
CA GLY A 40 2.97 15.75 15.35
C GLY A 40 2.73 14.54 16.22
N GLY A 41 1.56 13.94 16.09
CA GLY A 41 1.21 12.80 16.90
C GLY A 41 1.96 11.54 16.51
N THR A 42 1.94 11.23 15.22
CA THR A 42 2.55 10.00 14.73
C THR A 42 3.75 10.27 13.82
N GLU A 43 4.25 11.51 13.85
CA GLU A 43 5.36 11.90 12.98
C GLU A 43 6.71 11.49 13.57
N GLY A 44 6.72 10.34 14.24
CA GLY A 44 7.94 9.80 14.78
C GLY A 44 8.01 8.30 14.57
N MET A 45 7.12 7.82 13.70
CA MET A 45 7.00 6.39 13.42
C MET A 45 6.77 6.19 11.94
N CYS A 46 6.80 4.95 11.48
CA CYS A 46 6.61 4.64 10.08
C CYS A 46 5.32 3.85 9.88
N LEU A 47 4.62 4.12 8.78
CA LEU A 47 3.39 3.40 8.49
C LEU A 47 3.69 1.98 8.07
N ARG A 48 3.13 1.02 8.80
CA ARG A 48 3.38 -0.38 8.54
C ARG A 48 2.06 -1.08 8.24
N LEU A 49 2.00 -1.77 7.11
CA LEU A 49 0.75 -2.40 6.70
C LEU A 49 0.81 -3.90 6.91
N ALA A 50 -0.16 -4.42 7.63
CA ALA A 50 -0.25 -5.85 7.87
C ALA A 50 -1.37 -6.46 7.05
N ALA A 51 -1.18 -7.70 6.63
CA ALA A 51 -2.14 -8.38 5.78
C ALA A 51 -2.51 -9.75 6.33
N GLY A 52 -3.79 -10.04 6.34
CA GLY A 52 -4.26 -11.35 6.76
C GLY A 52 -5.31 -11.87 5.82
N ARG A 53 -5.87 -13.04 6.12
CA ARG A 53 -6.89 -13.63 5.28
C ARG A 53 -8.16 -13.91 6.07
N ASN A 54 -9.21 -13.14 5.78
CA ASN A 54 -10.52 -13.37 6.34
C ASN A 54 -11.25 -14.37 5.46
N PRO A 55 -11.40 -15.62 5.94
CA PRO A 55 -11.83 -16.78 5.15
C PRO A 55 -12.89 -16.47 4.09
N ASP A 56 -14.06 -16.04 4.52
CA ASP A 56 -15.16 -15.79 3.60
C ASP A 56 -15.44 -14.29 3.48
N GLY A 57 -14.60 -13.48 4.11
CA GLY A 57 -14.80 -12.04 4.09
C GLY A 57 -14.06 -11.36 2.96
N SER A 58 -12.74 -11.32 3.08
CA SER A 58 -11.87 -10.61 2.14
C SER A 58 -10.44 -10.68 2.66
N ILE A 59 -9.56 -9.84 2.14
CA ILE A 59 -8.23 -9.74 2.66
C ILE A 59 -8.22 -8.81 3.88
N ASP A 60 -7.44 -9.16 4.89
CA ASP A 60 -7.43 -8.42 6.14
C ASP A 60 -6.39 -7.30 6.08
N TYR A 61 -6.86 -6.07 5.90
CA TYR A 61 -5.97 -4.92 5.79
C TYR A 61 -5.87 -4.19 7.13
N ARG A 62 -4.69 -4.24 7.74
CA ARG A 62 -4.47 -3.56 8.99
C ARG A 62 -3.41 -2.47 8.80
N MET A 63 -3.85 -1.22 8.81
CA MET A 63 -2.96 -0.10 8.56
C MET A 63 -2.68 0.66 9.85
N GLY A 64 -1.42 0.64 10.30
CA GLY A 64 -1.07 1.34 11.50
C GLY A 64 0.38 1.78 11.50
N PHE A 65 0.73 2.67 12.41
CA PHE A 65 2.11 3.13 12.52
C PHE A 65 2.89 2.20 13.44
N ASP A 66 4.11 1.88 13.05
CA ASP A 66 4.94 0.97 13.82
C ASP A 66 6.41 1.38 13.69
N ASP A 67 7.31 0.58 14.24
CA ASP A 67 8.74 0.90 14.17
C ASP A 67 9.36 0.16 13.00
N LEU A 68 10.36 0.77 12.38
CA LEU A 68 10.93 0.26 11.14
C LEU A 68 11.91 -0.88 11.41
N THR A 69 11.50 -2.09 11.05
CA THR A 69 12.38 -3.24 11.08
C THR A 69 13.03 -3.41 9.70
N GLU A 70 14.34 -3.61 9.66
CA GLU A 70 15.05 -3.72 8.39
C GLU A 70 14.85 -5.10 7.76
N ASP A 71 13.64 -5.31 7.27
CA ASP A 71 13.27 -6.54 6.56
C ASP A 71 12.07 -6.24 5.68
N ASP A 72 11.18 -5.43 6.23
CA ASP A 72 10.03 -4.91 5.51
C ASP A 72 10.48 -4.12 4.28
N ILE A 73 9.67 -4.18 3.24
CA ILE A 73 9.97 -3.43 2.02
C ILE A 73 9.58 -1.97 2.21
N ARG A 74 10.52 -1.08 1.97
CA ARG A 74 10.31 0.35 2.17
C ARG A 74 9.66 0.98 0.94
N LEU A 75 8.42 1.42 1.12
CA LEU A 75 7.67 2.04 0.03
C LEU A 75 7.50 3.53 0.31
N THR A 76 8.32 4.34 -0.32
CA THR A 76 8.20 5.78 -0.19
C THR A 76 7.26 6.33 -1.25
N SER A 77 6.03 6.61 -0.84
CA SER A 77 5.02 7.13 -1.75
C SER A 77 5.11 8.65 -1.80
N GLU A 78 4.12 9.28 -2.42
CA GLU A 78 4.14 10.72 -2.64
C GLU A 78 3.64 11.45 -1.39
N GLY A 79 4.38 11.27 -0.30
CA GLY A 79 4.05 11.94 0.95
C GLY A 79 4.14 11.00 2.13
N VAL A 80 3.76 9.75 1.93
CA VAL A 80 3.75 8.78 3.01
C VAL A 80 4.80 7.69 2.77
N GLU A 81 5.61 7.43 3.78
CA GLU A 81 6.63 6.39 3.70
C GLU A 81 6.18 5.15 4.48
N ILE A 82 6.00 4.07 3.75
CA ILE A 82 5.41 2.85 4.30
C ILE A 82 6.43 1.71 4.32
N VAL A 83 6.30 0.82 5.29
CA VAL A 83 7.09 -0.40 5.33
C VAL A 83 6.19 -1.62 5.41
N ILE A 84 6.39 -2.55 4.49
CA ILE A 84 5.60 -3.78 4.45
C ILE A 84 6.52 -4.97 4.23
N ALA A 85 6.59 -5.86 5.22
CA ALA A 85 7.38 -7.08 5.10
C ALA A 85 6.94 -7.87 3.86
N PRO A 86 7.92 -8.35 3.05
CA PRO A 86 7.66 -9.07 1.80
C PRO A 86 6.64 -10.20 1.96
N ASP A 87 6.61 -10.80 3.14
CA ASP A 87 5.65 -11.88 3.43
C ASP A 87 4.22 -11.37 3.30
N TYR A 88 3.96 -10.18 3.83
CA TYR A 88 2.62 -9.59 3.76
C TYR A 88 2.38 -8.98 2.38
N VAL A 89 3.47 -8.57 1.73
CA VAL A 89 3.38 -8.00 0.38
C VAL A 89 2.74 -8.98 -0.59
N SER A 90 2.93 -10.27 -0.34
CA SER A 90 2.37 -11.31 -1.20
C SER A 90 0.84 -11.27 -1.20
N LEU A 91 0.24 -10.62 -0.20
CA LEU A 91 -1.21 -10.51 -0.12
C LEU A 91 -1.67 -9.09 -0.46
N LEU A 92 -0.71 -8.16 -0.50
CA LEU A 92 -1.02 -6.76 -0.74
C LEU A 92 -0.54 -6.32 -2.11
N ASP A 93 -0.25 -7.31 -2.96
CA ASP A 93 0.33 -7.10 -4.28
C ASP A 93 -0.42 -6.04 -5.09
N GLN A 94 0.18 -4.85 -5.16
CA GLN A 94 -0.34 -3.74 -5.96
C GLN A 94 -1.73 -3.32 -5.52
N THR A 95 -1.79 -2.26 -4.71
CA THR A 95 -3.04 -1.77 -4.18
C THR A 95 -3.08 -0.24 -4.27
N THR A 96 -4.19 0.30 -4.74
CA THR A 96 -4.37 1.74 -4.79
C THR A 96 -5.28 2.20 -3.64
N LEU A 97 -4.77 3.10 -2.81
CA LEU A 97 -5.50 3.53 -1.62
C LEU A 97 -6.14 4.89 -1.83
N ASP A 98 -7.44 4.95 -1.56
CA ASP A 98 -8.20 6.18 -1.63
C ASP A 98 -9.25 6.17 -0.53
N TYR A 99 -9.76 7.33 -0.12
CA TYR A 99 -10.75 7.37 0.94
C TYR A 99 -11.97 8.19 0.53
N VAL A 100 -13.14 7.63 0.78
CA VAL A 100 -14.40 8.30 0.48
C VAL A 100 -15.36 8.08 1.63
N GLU A 101 -16.30 8.99 1.82
CA GLU A 101 -17.30 8.81 2.85
C GLU A 101 -18.50 8.04 2.29
N LEU A 102 -18.42 6.72 2.39
CA LEU A 102 -19.51 5.85 1.96
C LEU A 102 -20.78 6.18 2.74
N GLU A 103 -20.58 6.57 4.00
CA GLU A 103 -21.65 7.00 4.84
C GLU A 103 -21.53 8.51 5.06
N PRO A 104 -22.65 9.24 5.05
CA PRO A 104 -22.64 10.69 5.21
C PRO A 104 -21.90 11.15 6.47
N GLY A 105 -20.71 11.69 6.28
CA GLY A 105 -19.93 12.20 7.40
C GLY A 105 -18.88 11.21 7.87
N GLN A 106 -18.98 9.97 7.43
CA GLN A 106 -18.08 8.92 7.89
C GLN A 106 -17.24 8.40 6.73
N PHE A 107 -15.98 8.79 6.69
CA PHE A 107 -15.07 8.37 5.64
C PHE A 107 -14.62 6.93 5.85
N HIS A 108 -14.36 6.25 4.74
CA HIS A 108 -13.81 4.90 4.77
C HIS A 108 -12.69 4.79 3.75
N PHE A 109 -11.66 4.05 4.09
CA PHE A 109 -10.55 3.83 3.16
C PHE A 109 -10.88 2.65 2.26
N ILE A 110 -10.87 2.91 0.96
CA ILE A 110 -11.19 1.89 -0.01
C ILE A 110 -9.94 1.46 -0.76
N PHE A 111 -9.85 0.18 -1.07
CA PHE A 111 -8.69 -0.36 -1.74
C PHE A 111 -9.05 -0.73 -3.18
N LEU A 112 -8.55 0.05 -4.12
CA LEU A 112 -8.79 -0.22 -5.52
C LEU A 112 -7.76 -1.22 -6.02
N ASN A 113 -8.17 -2.47 -6.05
CA ASN A 113 -7.30 -3.56 -6.44
C ASN A 113 -8.10 -4.63 -7.19
N PRO A 114 -7.43 -5.47 -7.98
CA PRO A 114 -8.09 -6.54 -8.73
C PRO A 114 -8.30 -7.81 -7.88
N ARG A 115 -8.32 -7.63 -6.57
CA ARG A 115 -8.47 -8.75 -5.66
C ARG A 115 -9.74 -8.61 -4.83
N ASP A 116 -9.88 -7.49 -4.15
CA ASP A 116 -11.04 -7.23 -3.31
C ASP A 116 -12.12 -6.51 -4.11
N PRO A 117 -13.36 -6.43 -3.59
CA PRO A 117 -14.45 -5.68 -4.24
C PRO A 117 -14.06 -4.23 -4.54
N THR A 118 -14.05 -3.89 -5.81
CA THR A 118 -13.63 -2.57 -6.26
C THR A 118 -14.56 -1.48 -5.72
N TYR A 119 -15.86 -1.77 -5.72
CA TYR A 119 -16.84 -0.85 -5.17
C TYR A 119 -17.71 -1.57 -4.15
N ARG A 120 -17.82 -1.00 -2.97
CA ARG A 120 -18.55 -1.61 -1.88
C ARG A 120 -19.35 -0.54 -1.14
N PRO A 121 -20.65 -0.42 -1.43
CA PRO A 121 -21.54 0.56 -0.78
C PRO A 121 -21.64 0.32 0.73
N PRO A 122 -22.06 1.35 1.50
CA PRO A 122 -22.15 1.27 2.97
C PRO A 122 -22.99 0.09 3.45
N SER A 123 -24.19 -0.04 2.92
CA SER A 123 -25.09 -1.11 3.31
C SER A 123 -24.66 -2.44 2.71
N GLY A 124 -24.86 -2.58 1.41
CA GLY A 124 -24.49 -3.80 0.72
C GLY A 124 -24.49 -3.62 -0.78
N GLY A 125 -24.43 -4.71 -1.51
CA GLY A 125 -24.40 -4.64 -2.96
C GLY A 125 -25.37 -5.61 -3.59
N MET A 1 25.72 37.08 -14.45
CA MET A 1 24.70 36.06 -14.12
C MET A 1 24.15 35.43 -15.38
N GLY A 2 23.79 34.15 -15.27
CA GLY A 2 23.08 33.50 -16.36
C GLY A 2 21.63 33.91 -16.38
N SER A 3 21.39 35.11 -16.89
CA SER A 3 20.05 35.70 -16.90
C SER A 3 19.05 34.83 -17.63
N SER A 4 18.14 34.25 -16.87
CA SER A 4 17.05 33.47 -17.45
C SER A 4 15.92 34.41 -17.83
N HIS A 5 15.37 34.23 -19.03
CA HIS A 5 14.28 35.07 -19.50
C HIS A 5 13.03 34.84 -18.65
N HIS A 6 12.75 33.59 -18.34
CA HIS A 6 11.64 33.26 -17.46
C HIS A 6 12.11 33.13 -16.03
N HIS A 7 11.27 33.53 -15.10
CA HIS A 7 11.63 33.64 -13.70
C HIS A 7 11.58 32.28 -12.99
N HIS A 8 10.47 31.59 -13.12
CA HIS A 8 10.28 30.32 -12.42
C HIS A 8 10.14 29.18 -13.41
N HIS A 9 10.81 28.08 -13.14
CA HIS A 9 10.77 26.93 -14.04
C HIS A 9 9.97 25.79 -13.41
N HIS A 10 9.45 24.92 -14.27
CA HIS A 10 8.74 23.73 -13.80
C HIS A 10 9.01 22.56 -14.73
N SER A 11 10.02 21.79 -14.41
CA SER A 11 10.39 20.63 -15.21
C SER A 11 9.46 19.47 -14.91
N SER A 12 9.10 18.72 -15.93
CA SER A 12 8.22 17.57 -15.77
C SER A 12 8.99 16.27 -15.92
N GLY A 13 8.50 15.23 -15.26
CA GLY A 13 9.15 13.94 -15.32
C GLY A 13 10.00 13.66 -14.11
N LEU A 14 9.47 13.96 -12.93
CA LEU A 14 10.18 13.74 -11.68
C LEU A 14 10.07 12.28 -11.26
N VAL A 15 11.07 11.80 -10.52
CA VAL A 15 11.14 10.41 -10.07
C VAL A 15 11.19 9.46 -11.28
N PRO A 16 12.39 9.28 -11.85
CA PRO A 16 12.57 8.46 -13.04
C PRO A 16 12.76 6.97 -12.73
N ARG A 17 12.28 6.55 -11.57
CA ARG A 17 12.44 5.17 -11.13
C ARG A 17 11.24 4.72 -10.31
N GLY A 18 10.70 3.56 -10.66
CA GLY A 18 9.59 3.00 -9.90
C GLY A 18 10.06 1.97 -8.90
N SER A 19 9.24 1.69 -7.91
CA SER A 19 9.58 0.70 -6.89
C SER A 19 9.19 -0.69 -7.35
N HIS A 20 9.54 -1.69 -6.56
CA HIS A 20 9.15 -3.07 -6.84
C HIS A 20 7.71 -3.29 -6.41
N MET A 21 7.24 -2.43 -5.52
CA MET A 21 5.88 -2.50 -5.02
C MET A 21 4.93 -1.72 -5.92
N MET A 22 3.80 -2.33 -6.23
CA MET A 22 2.81 -1.70 -7.10
C MET A 22 1.69 -1.08 -6.29
N PHE A 23 1.89 -1.04 -4.97
CA PHE A 23 0.95 -0.39 -4.06
C PHE A 23 0.93 1.11 -4.34
N LYS A 24 -0.25 1.64 -4.58
CA LYS A 24 -0.38 3.04 -4.99
C LYS A 24 -1.17 3.83 -3.96
N LEU A 25 -0.47 4.65 -3.20
CA LEU A 25 -1.12 5.53 -2.24
C LEU A 25 -1.44 6.86 -2.93
N THR A 26 -2.73 7.13 -3.10
CA THR A 26 -3.15 8.34 -3.79
C THR A 26 -2.85 9.59 -2.96
N PRO A 27 -2.38 10.67 -3.60
CA PRO A 27 -2.07 11.93 -2.93
C PRO A 27 -3.27 12.47 -2.15
N ALA A 28 -4.47 12.14 -2.63
CA ALA A 28 -5.70 12.54 -1.97
C ALA A 28 -5.79 11.91 -0.58
N ALA A 29 -5.48 10.62 -0.50
CA ALA A 29 -5.51 9.90 0.77
C ALA A 29 -4.28 10.23 1.59
N ALA A 30 -3.18 10.52 0.90
CA ALA A 30 -1.92 10.89 1.55
C ALA A 30 -2.11 12.13 2.41
N GLU A 31 -2.96 13.03 1.95
CA GLU A 31 -3.25 14.25 2.70
C GLU A 31 -3.97 13.92 4.01
N GLN A 32 -4.80 12.89 3.98
CA GLN A 32 -5.53 12.46 5.17
C GLN A 32 -4.58 11.79 6.16
N VAL A 33 -3.65 11.00 5.63
CA VAL A 33 -2.62 10.38 6.46
C VAL A 33 -1.72 11.47 7.06
N LEU A 34 -1.33 12.42 6.22
CA LEU A 34 -0.52 13.55 6.64
C LEU A 34 -1.20 14.31 7.76
N LYS A 35 -2.52 14.48 7.64
CA LYS A 35 -3.30 15.16 8.66
C LYS A 35 -3.12 14.51 10.02
N ALA A 36 -3.38 13.21 10.09
CA ALA A 36 -3.31 12.46 11.34
C ALA A 36 -1.93 12.56 11.98
N ALA A 37 -0.89 12.51 11.16
CA ALA A 37 0.48 12.60 11.65
C ALA A 37 0.81 14.03 12.07
N LYS A 38 0.30 15.00 11.31
CA LYS A 38 0.59 16.41 11.56
C LYS A 38 -0.05 16.89 12.86
N GLN A 39 -1.10 16.21 13.30
CA GLN A 39 -1.73 16.54 14.58
C GLN A 39 -0.81 16.15 15.72
N GLY A 40 0.01 15.14 15.49
CA GLY A 40 0.87 14.62 16.52
C GLY A 40 0.46 13.23 16.94
N GLY A 41 1.39 12.47 17.47
CA GLY A 41 1.11 11.11 17.85
C GLY A 41 1.83 10.12 16.97
N THR A 42 1.42 10.06 15.71
CA THR A 42 2.06 9.17 14.75
C THR A 42 3.17 9.90 13.99
N GLU A 43 3.45 11.11 14.43
CA GLU A 43 4.50 11.95 13.84
C GLU A 43 5.85 11.29 14.00
N GLY A 44 6.57 11.13 12.89
CA GLY A 44 7.89 10.53 12.93
C GLY A 44 7.84 9.03 12.74
N MET A 45 6.65 8.46 12.91
CA MET A 45 6.49 7.01 12.79
C MET A 45 6.31 6.62 11.33
N CYS A 46 6.45 5.33 11.05
CA CYS A 46 6.36 4.84 9.68
C CYS A 46 5.06 4.07 9.49
N LEU A 47 4.63 3.93 8.23
CA LEU A 47 3.37 3.27 7.93
C LEU A 47 3.59 1.77 7.75
N ARG A 48 3.22 1.00 8.77
CA ARG A 48 3.36 -0.44 8.73
C ARG A 48 2.06 -1.05 8.20
N LEU A 49 2.13 -1.63 7.02
CA LEU A 49 0.96 -2.25 6.41
C LEU A 49 0.94 -3.74 6.64
N ALA A 50 -0.26 -4.29 6.80
CA ALA A 50 -0.44 -5.72 7.02
C ALA A 50 -1.76 -6.17 6.42
N ALA A 51 -2.05 -7.46 6.54
CA ALA A 51 -3.31 -8.01 6.03
C ALA A 51 -3.81 -9.13 6.93
N GLY A 52 -5.07 -9.06 7.32
CA GLY A 52 -5.68 -10.09 8.13
C GLY A 52 -6.39 -11.12 7.28
N ARG A 53 -5.88 -12.34 7.27
CA ARG A 53 -6.40 -13.38 6.41
C ARG A 53 -7.51 -14.16 7.11
N ASN A 54 -8.76 -13.86 6.76
CA ASN A 54 -9.89 -14.65 7.25
C ASN A 54 -10.18 -15.77 6.26
N PRO A 55 -10.06 -17.03 6.71
CA PRO A 55 -10.21 -18.21 5.85
C PRO A 55 -11.57 -18.29 5.18
N ASP A 56 -12.53 -17.52 5.70
CA ASP A 56 -13.86 -17.44 5.11
C ASP A 56 -13.80 -16.82 3.72
N GLY A 57 -12.69 -16.19 3.41
CA GLY A 57 -12.52 -15.54 2.11
C GLY A 57 -12.50 -14.04 2.24
N SER A 58 -12.01 -13.55 3.38
CA SER A 58 -11.95 -12.13 3.62
C SER A 58 -10.55 -11.73 4.05
N ILE A 59 -9.78 -11.21 3.12
CA ILE A 59 -8.47 -10.67 3.44
C ILE A 59 -8.60 -9.18 3.73
N ASP A 60 -8.68 -8.85 5.01
CA ASP A 60 -8.86 -7.47 5.42
C ASP A 60 -7.52 -6.82 5.67
N TYR A 61 -7.15 -5.92 4.78
CA TYR A 61 -5.86 -5.25 4.83
C TYR A 61 -5.84 -4.23 5.96
N ARG A 62 -4.79 -4.27 6.76
CA ARG A 62 -4.69 -3.41 7.93
C ARG A 62 -3.64 -2.33 7.73
N MET A 63 -3.92 -1.16 8.28
CA MET A 63 -3.01 -0.03 8.20
C MET A 63 -2.67 0.46 9.61
N GLY A 64 -1.39 0.48 9.92
CA GLY A 64 -0.97 0.94 11.23
C GLY A 64 0.33 1.70 11.18
N PHE A 65 0.77 2.23 12.30
CA PHE A 65 2.02 2.94 12.37
C PHE A 65 2.98 2.24 13.31
N ASP A 66 4.24 2.19 12.91
CA ASP A 66 5.27 1.47 13.66
C ASP A 66 6.63 2.07 13.34
N ASP A 67 7.68 1.59 14.00
CA ASP A 67 9.02 2.03 13.70
C ASP A 67 9.56 1.20 12.54
N LEU A 68 10.86 1.24 12.33
CA LEU A 68 11.48 0.53 11.21
C LEU A 68 12.15 -0.74 11.67
N THR A 69 12.33 -1.65 10.72
CA THR A 69 13.07 -2.87 10.94
C THR A 69 14.08 -3.04 9.81
N GLU A 70 14.66 -4.21 9.64
CA GLU A 70 15.60 -4.42 8.54
C GLU A 70 15.03 -5.41 7.52
N ASP A 71 13.84 -5.90 7.78
CA ASP A 71 13.24 -6.95 6.95
C ASP A 71 12.08 -6.40 6.12
N ASP A 72 11.73 -5.14 6.36
CA ASP A 72 10.59 -4.50 5.71
C ASP A 72 10.95 -3.98 4.32
N ILE A 73 10.01 -4.11 3.40
CA ILE A 73 10.16 -3.53 2.07
C ILE A 73 9.63 -2.10 2.09
N ARG A 74 10.44 -1.17 1.64
CA ARG A 74 10.18 0.24 1.85
C ARG A 74 9.85 0.97 0.55
N LEU A 75 8.77 1.74 0.58
CA LEU A 75 8.38 2.56 -0.56
C LEU A 75 7.89 3.93 -0.07
N THR A 76 8.55 4.98 -0.51
CA THR A 76 8.22 6.32 -0.07
C THR A 76 7.25 7.00 -1.02
N SER A 77 6.19 7.55 -0.46
CA SER A 77 5.24 8.34 -1.22
C SER A 77 5.64 9.81 -1.16
N GLU A 78 4.78 10.70 -1.66
CA GLU A 78 5.10 12.12 -1.70
C GLU A 78 5.18 12.73 -0.30
N GLY A 79 4.59 12.05 0.68
CA GLY A 79 4.66 12.53 2.05
C GLY A 79 4.43 11.43 3.06
N VAL A 80 4.64 10.17 2.66
CA VAL A 80 4.39 9.03 3.52
C VAL A 80 5.44 7.94 3.29
N GLU A 81 6.06 7.47 4.36
CA GLU A 81 6.98 6.35 4.27
C GLU A 81 6.23 5.05 4.53
N ILE A 82 6.19 4.18 3.53
CA ILE A 82 5.44 2.93 3.64
C ILE A 82 6.38 1.74 3.76
N VAL A 83 6.15 0.91 4.78
CA VAL A 83 6.92 -0.31 4.94
C VAL A 83 5.99 -1.52 5.00
N ILE A 84 6.27 -2.51 4.17
CA ILE A 84 5.47 -3.72 4.11
C ILE A 84 6.35 -4.95 4.26
N ALA A 85 5.91 -5.89 5.09
CA ALA A 85 6.62 -7.14 5.27
C ALA A 85 6.45 -8.01 4.02
N PRO A 86 7.56 -8.64 3.58
CA PRO A 86 7.62 -9.40 2.31
C PRO A 86 6.47 -10.39 2.10
N ASP A 87 6.01 -11.04 3.17
CA ASP A 87 4.95 -12.03 3.05
C ASP A 87 3.60 -11.38 2.79
N TYR A 88 3.39 -10.23 3.40
CA TYR A 88 2.14 -9.49 3.26
C TYR A 88 2.06 -8.84 1.89
N VAL A 89 3.23 -8.69 1.27
CA VAL A 89 3.32 -8.17 -0.09
C VAL A 89 2.48 -8.99 -1.07
N SER A 90 2.37 -10.28 -0.79
CA SER A 90 1.59 -11.19 -1.63
C SER A 90 0.12 -10.76 -1.70
N LEU A 91 -0.31 -9.97 -0.73
CA LEU A 91 -1.69 -9.54 -0.67
C LEU A 91 -1.82 -8.03 -0.91
N LEU A 92 -0.82 -7.29 -0.44
CA LEU A 92 -0.86 -5.83 -0.47
C LEU A 92 -0.33 -5.23 -1.77
N ASP A 93 0.26 -6.06 -2.63
CA ASP A 93 0.83 -5.56 -3.87
C ASP A 93 -0.28 -5.31 -4.89
N GLN A 94 0.01 -4.41 -5.84
CA GLN A 94 -0.95 -4.02 -6.89
C GLN A 94 -2.18 -3.34 -6.31
N THR A 95 -2.16 -3.08 -5.01
CA THR A 95 -3.28 -2.49 -4.34
C THR A 95 -3.21 -0.96 -4.35
N THR A 96 -4.28 -0.33 -4.79
CA THR A 96 -4.37 1.12 -4.78
C THR A 96 -5.14 1.57 -3.55
N LEU A 97 -4.67 2.63 -2.90
CA LEU A 97 -5.29 3.13 -1.69
C LEU A 97 -6.02 4.43 -1.94
N ASP A 98 -7.33 4.39 -1.78
CA ASP A 98 -8.18 5.57 -1.92
C ASP A 98 -8.95 5.80 -0.62
N TYR A 99 -9.58 6.95 -0.50
CA TYR A 99 -10.41 7.21 0.67
C TYR A 99 -11.81 7.64 0.23
N VAL A 100 -12.81 7.03 0.83
CA VAL A 100 -14.20 7.36 0.52
C VAL A 100 -15.02 7.40 1.80
N GLU A 101 -16.14 8.11 1.76
CA GLU A 101 -17.02 8.18 2.90
C GLU A 101 -18.02 7.01 2.87
N LEU A 102 -17.61 5.90 3.47
CA LEU A 102 -18.47 4.72 3.55
C LEU A 102 -19.60 4.96 4.53
N GLU A 103 -19.40 5.93 5.39
CA GLU A 103 -20.40 6.31 6.38
C GLU A 103 -20.58 7.83 6.32
N PRO A 104 -21.78 8.32 6.66
CA PRO A 104 -22.11 9.74 6.54
C PRO A 104 -21.11 10.65 7.25
N GLY A 105 -20.30 11.34 6.44
CA GLY A 105 -19.33 12.29 6.98
C GLY A 105 -18.03 11.64 7.41
N GLN A 106 -17.91 10.33 7.24
CA GLN A 106 -16.74 9.61 7.72
C GLN A 106 -15.97 8.97 6.57
N PHE A 107 -14.78 9.50 6.30
CA PHE A 107 -13.94 9.00 5.22
C PHE A 107 -13.04 7.87 5.72
N HIS A 108 -13.03 6.77 4.99
CA HIS A 108 -12.21 5.61 5.34
C HIS A 108 -11.26 5.26 4.21
N PHE A 109 -10.15 4.63 4.56
CA PHE A 109 -9.18 4.17 3.58
C PHE A 109 -9.62 2.84 2.98
N ILE A 110 -9.86 2.83 1.69
CA ILE A 110 -10.29 1.62 1.00
C ILE A 110 -9.19 1.08 0.12
N PHE A 111 -9.03 -0.23 0.13
CA PHE A 111 -8.04 -0.90 -0.69
C PHE A 111 -8.70 -1.38 -1.98
N LEU A 112 -8.20 -0.89 -3.11
CA LEU A 112 -8.79 -1.18 -4.41
C LEU A 112 -8.81 -2.68 -4.72
N ASN A 113 -7.79 -3.38 -4.24
CA ASN A 113 -7.67 -4.82 -4.50
C ASN A 113 -8.72 -5.59 -3.70
N PRO A 114 -9.57 -6.38 -4.39
CA PRO A 114 -10.55 -7.24 -3.73
C PRO A 114 -9.89 -8.29 -2.82
N ARG A 115 -10.71 -9.09 -2.16
CA ARG A 115 -10.22 -10.04 -1.17
C ARG A 115 -9.99 -11.43 -1.77
N ASP A 116 -10.31 -11.59 -3.04
CA ASP A 116 -10.25 -12.91 -3.68
C ASP A 116 -10.12 -12.81 -5.20
N PRO A 117 -11.09 -12.18 -5.91
CA PRO A 117 -11.07 -12.11 -7.37
C PRO A 117 -10.17 -11.00 -7.89
N THR A 118 -9.60 -11.23 -9.06
CA THR A 118 -8.79 -10.22 -9.71
C THR A 118 -9.68 -9.25 -10.48
N TYR A 119 -9.35 -7.96 -10.43
CA TYR A 119 -10.13 -6.94 -11.15
C TYR A 119 -10.05 -7.20 -12.65
N ARG A 120 -8.99 -7.88 -13.06
CA ARG A 120 -8.82 -8.32 -14.43
C ARG A 120 -9.18 -9.80 -14.53
N PRO A 121 -10.22 -10.13 -15.31
CA PRO A 121 -10.64 -11.52 -15.52
C PRO A 121 -9.64 -12.31 -16.36
N PRO A 122 -9.37 -13.57 -15.97
CA PRO A 122 -8.49 -14.46 -16.75
C PRO A 122 -9.05 -14.70 -18.14
N SER A 123 -10.37 -14.80 -18.22
CA SER A 123 -11.05 -14.90 -19.50
C SER A 123 -11.48 -13.52 -19.96
N GLY A 124 -10.70 -12.92 -20.85
CA GLY A 124 -10.99 -11.60 -21.33
C GLY A 124 -10.62 -11.41 -22.78
N GLY A 125 -9.94 -10.32 -23.08
CA GLY A 125 -9.57 -10.04 -24.45
C GLY A 125 -8.45 -9.01 -24.53
N MET A 1 9.70 -33.99 1.45
CA MET A 1 8.93 -33.65 0.24
C MET A 1 8.59 -32.18 0.22
N GLY A 2 9.27 -31.43 -0.64
CA GLY A 2 8.98 -30.02 -0.78
C GLY A 2 7.90 -29.78 -1.82
N SER A 3 7.15 -28.71 -1.67
CA SER A 3 6.07 -28.40 -2.60
C SER A 3 6.57 -27.46 -3.69
N SER A 4 7.10 -28.04 -4.75
CA SER A 4 7.61 -27.25 -5.88
C SER A 4 6.60 -27.24 -7.01
N HIS A 5 5.57 -28.08 -6.88
CA HIS A 5 4.53 -28.17 -7.90
C HIS A 5 3.53 -27.04 -7.77
N HIS A 6 3.96 -25.85 -8.16
CA HIS A 6 3.08 -24.68 -8.15
C HIS A 6 3.35 -23.84 -9.39
N HIS A 7 2.46 -23.93 -10.35
CA HIS A 7 2.59 -23.15 -11.57
C HIS A 7 1.32 -22.36 -11.84
N HIS A 8 1.31 -21.10 -11.43
CA HIS A 8 0.21 -20.22 -11.78
C HIS A 8 0.34 -19.91 -13.27
N HIS A 9 1.58 -19.62 -13.68
CA HIS A 9 1.95 -19.63 -15.07
C HIS A 9 2.30 -21.07 -15.45
N HIS A 10 1.49 -21.69 -16.29
CA HIS A 10 1.70 -23.10 -16.65
C HIS A 10 3.07 -23.28 -17.28
N SER A 11 3.50 -22.29 -18.03
CA SER A 11 4.84 -22.26 -18.58
C SER A 11 5.62 -21.11 -17.95
N SER A 12 6.81 -21.41 -17.44
CA SER A 12 7.61 -20.40 -16.78
C SER A 12 9.09 -20.60 -17.14
N GLY A 13 9.83 -19.49 -17.14
CA GLY A 13 11.23 -19.55 -17.54
C GLY A 13 12.16 -19.80 -16.37
N LEU A 14 13.27 -19.06 -16.34
CA LEU A 14 14.30 -19.28 -15.34
C LEU A 14 13.91 -18.70 -13.99
N VAL A 15 13.99 -17.38 -13.86
CA VAL A 15 13.74 -16.72 -12.59
C VAL A 15 12.54 -15.78 -12.68
N PRO A 16 11.71 -15.75 -11.63
CA PRO A 16 10.59 -14.83 -11.52
C PRO A 16 11.01 -13.49 -10.93
N ARG A 17 10.50 -12.41 -11.49
CA ARG A 17 10.84 -11.07 -11.01
C ARG A 17 9.90 -10.68 -9.88
N GLY A 18 8.67 -11.19 -9.97
CA GLY A 18 7.72 -11.09 -8.88
C GLY A 18 7.29 -9.68 -8.55
N SER A 19 7.59 -9.24 -7.35
CA SER A 19 7.08 -7.99 -6.82
C SER A 19 7.69 -6.77 -7.49
N HIS A 20 6.87 -6.10 -8.30
CA HIS A 20 7.19 -4.79 -8.83
C HIS A 20 6.20 -3.80 -8.22
N MET A 21 5.85 -4.10 -6.97
CA MET A 21 4.77 -3.44 -6.24
C MET A 21 4.86 -1.93 -6.29
N MET A 22 3.74 -1.31 -6.64
CA MET A 22 3.58 0.13 -6.58
C MET A 22 2.31 0.47 -5.79
N PHE A 23 2.47 0.73 -4.50
CA PHE A 23 1.35 1.09 -3.65
C PHE A 23 0.98 2.55 -3.89
N LYS A 24 -0.16 2.76 -4.55
CA LYS A 24 -0.54 4.09 -5.00
C LYS A 24 -1.49 4.76 -4.03
N LEU A 25 -1.00 5.73 -3.29
CA LEU A 25 -1.87 6.57 -2.47
C LEU A 25 -2.36 7.73 -3.32
N THR A 26 -3.66 7.97 -3.33
CA THR A 26 -4.19 9.13 -4.02
C THR A 26 -3.71 10.40 -3.31
N PRO A 27 -3.53 11.50 -4.05
CA PRO A 27 -3.07 12.77 -3.48
C PRO A 27 -3.86 13.17 -2.24
N ALA A 28 -5.17 13.00 -2.31
CA ALA A 28 -6.06 13.35 -1.21
C ALA A 28 -5.84 12.44 -0.01
N ALA A 29 -5.58 11.17 -0.27
CA ALA A 29 -5.34 10.20 0.81
C ALA A 29 -4.02 10.49 1.51
N ALA A 30 -2.97 10.72 0.72
CA ALA A 30 -1.66 11.07 1.26
C ALA A 30 -1.75 12.29 2.18
N GLU A 31 -2.59 13.26 1.80
CA GLU A 31 -2.77 14.46 2.60
C GLU A 31 -3.42 14.15 3.94
N GLN A 32 -4.34 13.19 3.96
CA GLN A 32 -5.00 12.80 5.20
C GLN A 32 -3.99 12.13 6.14
N VAL A 33 -3.07 11.38 5.56
CA VAL A 33 -1.99 10.79 6.32
C VAL A 33 -1.09 11.89 6.90
N LEU A 34 -0.74 12.86 6.05
CA LEU A 34 0.04 14.01 6.46
C LEU A 34 -0.69 14.78 7.57
N LYS A 35 -2.00 14.91 7.40
CA LYS A 35 -2.86 15.58 8.37
C LYS A 35 -2.77 14.91 9.74
N ALA A 36 -2.91 13.58 9.75
CA ALA A 36 -2.86 12.82 10.99
C ALA A 36 -1.50 12.95 11.66
N ALA A 37 -0.44 12.87 10.86
CA ALA A 37 0.92 12.98 11.38
C ALA A 37 1.22 14.40 11.85
N LYS A 38 0.51 15.37 11.30
CA LYS A 38 0.68 16.77 11.68
C LYS A 38 -0.02 17.04 13.00
N GLN A 39 -1.03 16.24 13.30
CA GLN A 39 -1.78 16.38 14.54
C GLN A 39 -0.90 16.09 15.76
N GLY A 40 0.02 15.14 15.60
CA GLY A 40 0.92 14.80 16.67
C GLY A 40 0.77 13.36 17.10
N GLY A 41 1.79 12.82 17.77
CA GLY A 41 1.75 11.45 18.19
C GLY A 41 2.27 10.52 17.12
N THR A 42 1.65 10.57 15.96
CA THR A 42 2.08 9.79 14.81
C THR A 42 3.11 10.56 14.00
N GLU A 43 3.65 11.60 14.62
CA GLU A 43 4.61 12.48 13.99
C GLU A 43 5.89 11.72 13.61
N GLY A 44 6.09 11.52 12.32
CA GLY A 44 7.32 10.91 11.85
C GLY A 44 7.30 9.40 11.96
N MET A 45 6.12 8.83 12.18
CA MET A 45 5.99 7.38 12.24
C MET A 45 5.75 6.80 10.86
N CYS A 46 6.16 5.56 10.65
CA CYS A 46 6.04 4.95 9.34
C CYS A 46 4.77 4.11 9.28
N LEU A 47 4.20 3.98 8.08
CA LEU A 47 2.95 3.27 7.92
C LEU A 47 3.19 1.82 7.52
N ARG A 48 2.85 0.91 8.41
CA ARG A 48 2.98 -0.52 8.12
C ARG A 48 1.62 -1.11 7.76
N LEU A 49 1.61 -2.02 6.80
CA LEU A 49 0.38 -2.67 6.38
C LEU A 49 0.46 -4.17 6.62
N ALA A 50 -0.68 -4.77 6.93
CA ALA A 50 -0.75 -6.21 7.14
C ALA A 50 -1.99 -6.77 6.46
N ALA A 51 -1.90 -8.02 6.00
CA ALA A 51 -3.01 -8.65 5.30
C ALA A 51 -3.32 -10.02 5.89
N GLY A 52 -4.52 -10.15 6.42
CA GLY A 52 -4.94 -11.41 7.02
C GLY A 52 -6.18 -11.97 6.36
N ARG A 53 -6.09 -13.20 5.88
CA ARG A 53 -7.23 -13.83 5.23
C ARG A 53 -8.19 -14.45 6.25
N ASN A 54 -9.46 -14.09 6.13
CA ASN A 54 -10.48 -14.60 7.03
C ASN A 54 -11.13 -15.85 6.45
N PRO A 55 -11.74 -16.70 7.30
CA PRO A 55 -12.43 -17.91 6.85
C PRO A 55 -13.59 -17.59 5.91
N ASP A 56 -14.05 -16.35 5.96
CA ASP A 56 -15.12 -15.87 5.09
C ASP A 56 -14.64 -15.76 3.65
N GLY A 57 -13.32 -15.65 3.48
CA GLY A 57 -12.75 -15.41 2.18
C GLY A 57 -12.31 -13.97 2.04
N SER A 58 -12.77 -13.15 2.96
CA SER A 58 -12.43 -11.74 2.98
C SER A 58 -11.01 -11.51 3.47
N ILE A 59 -10.22 -10.81 2.69
CA ILE A 59 -8.87 -10.47 3.08
C ILE A 59 -8.86 -9.15 3.83
N ASP A 60 -8.44 -9.19 5.09
CA ASP A 60 -8.43 -8.02 5.94
C ASP A 60 -7.11 -7.28 5.83
N TYR A 61 -7.17 -6.08 5.27
CA TYR A 61 -5.98 -5.25 5.10
C TYR A 61 -5.92 -4.19 6.19
N ARG A 62 -4.93 -4.31 7.07
CA ARG A 62 -4.79 -3.40 8.20
C ARG A 62 -3.73 -2.34 7.94
N MET A 63 -4.08 -1.10 8.27
CA MET A 63 -3.15 0.01 8.17
C MET A 63 -2.81 0.49 9.57
N GLY A 64 -1.57 0.83 9.82
CA GLY A 64 -1.20 1.35 11.12
C GLY A 64 0.14 2.02 11.13
N PHE A 65 0.22 3.19 11.77
CA PHE A 65 1.49 3.87 11.95
C PHE A 65 2.27 3.17 13.06
N ASP A 66 3.46 2.73 12.76
CA ASP A 66 4.24 1.96 13.71
C ASP A 66 5.72 2.27 13.54
N ASP A 67 6.57 1.42 14.11
CA ASP A 67 8.00 1.58 14.02
C ASP A 67 8.50 1.05 12.68
N LEU A 68 9.81 0.95 12.51
CA LEU A 68 10.37 0.54 11.24
C LEU A 68 11.46 -0.51 11.46
N THR A 69 11.16 -1.74 11.10
CA THR A 69 12.15 -2.80 11.14
C THR A 69 12.81 -2.97 9.77
N GLU A 70 14.08 -3.34 9.78
CA GLU A 70 14.90 -3.40 8.56
C GLU A 70 14.48 -4.53 7.64
N ASP A 71 13.53 -5.35 8.07
CA ASP A 71 13.08 -6.49 7.29
C ASP A 71 12.04 -6.07 6.27
N ASP A 72 11.24 -5.07 6.63
CA ASP A 72 10.10 -4.66 5.83
C ASP A 72 10.54 -3.94 4.56
N ILE A 73 9.72 -4.06 3.53
CA ILE A 73 9.96 -3.34 2.28
C ILE A 73 9.44 -1.92 2.42
N ARG A 74 10.36 -0.96 2.40
CA ARG A 74 10.01 0.44 2.53
C ARG A 74 9.75 1.05 1.16
N LEU A 75 8.48 1.24 0.84
CA LEU A 75 8.07 1.81 -0.43
C LEU A 75 7.69 3.27 -0.23
N THR A 76 8.38 4.17 -0.94
CA THR A 76 8.13 5.58 -0.77
C THR A 76 7.14 6.09 -1.81
N SER A 77 6.05 6.68 -1.34
CA SER A 77 5.02 7.23 -2.20
C SER A 77 5.16 8.76 -2.27
N GLU A 78 4.07 9.43 -2.61
CA GLU A 78 4.08 10.89 -2.76
C GLU A 78 3.95 11.57 -1.40
N GLY A 79 4.95 11.34 -0.55
CA GLY A 79 4.99 12.00 0.74
C GLY A 79 4.96 11.00 1.88
N VAL A 80 4.32 9.87 1.66
CA VAL A 80 4.18 8.85 2.68
C VAL A 80 5.01 7.63 2.32
N GLU A 81 5.67 7.03 3.30
CA GLU A 81 6.42 5.81 3.10
C GLU A 81 5.70 4.64 3.74
N ILE A 82 5.67 3.52 3.02
CA ILE A 82 4.96 2.33 3.46
C ILE A 82 5.96 1.20 3.72
N VAL A 83 5.89 0.60 4.90
CA VAL A 83 6.73 -0.54 5.21
C VAL A 83 5.89 -1.81 5.35
N ILE A 84 6.19 -2.79 4.52
CA ILE A 84 5.45 -4.05 4.54
C ILE A 84 6.43 -5.23 4.51
N ALA A 85 6.34 -6.08 5.51
CA ALA A 85 7.15 -7.29 5.57
C ALA A 85 6.87 -8.18 4.36
N PRO A 86 7.93 -8.74 3.75
CA PRO A 86 7.83 -9.58 2.55
C PRO A 86 6.77 -10.68 2.65
N ASP A 87 6.54 -11.16 3.87
CA ASP A 87 5.52 -12.18 4.12
C ASP A 87 4.14 -11.68 3.66
N TYR A 88 3.80 -10.47 4.07
CA TYR A 88 2.48 -9.91 3.81
C TYR A 88 2.37 -9.36 2.39
N VAL A 89 3.53 -9.06 1.78
CA VAL A 89 3.56 -8.57 0.40
C VAL A 89 2.94 -9.60 -0.54
N SER A 90 2.96 -10.86 -0.13
CA SER A 90 2.38 -11.96 -0.90
C SER A 90 0.88 -11.73 -1.12
N LEU A 91 0.26 -10.96 -0.23
CA LEU A 91 -1.17 -10.74 -0.27
C LEU A 91 -1.48 -9.26 -0.45
N LEU A 92 -0.46 -8.46 -0.65
CA LEU A 92 -0.63 -7.02 -0.79
C LEU A 92 0.34 -6.48 -1.83
N ASP A 93 -0.11 -6.52 -3.07
CA ASP A 93 0.73 -6.10 -4.21
C ASP A 93 -0.10 -5.33 -5.23
N GLN A 94 0.50 -4.27 -5.79
CA GLN A 94 -0.13 -3.44 -6.83
C GLN A 94 -1.46 -2.83 -6.35
N THR A 95 -1.59 -2.65 -5.06
CA THR A 95 -2.82 -2.16 -4.47
C THR A 95 -2.86 -0.63 -4.45
N THR A 96 -4.04 -0.07 -4.71
CA THR A 96 -4.24 1.36 -4.67
C THR A 96 -4.95 1.77 -3.37
N LEU A 97 -4.61 2.92 -2.83
CA LEU A 97 -5.19 3.37 -1.58
C LEU A 97 -5.92 4.71 -1.76
N ASP A 98 -7.19 4.73 -1.41
CA ASP A 98 -7.99 5.95 -1.49
C ASP A 98 -8.94 6.02 -0.29
N TYR A 99 -9.27 7.22 0.15
CA TYR A 99 -10.11 7.39 1.32
C TYR A 99 -11.55 7.66 0.89
N VAL A 100 -12.49 6.96 1.50
CA VAL A 100 -13.91 7.18 1.23
C VAL A 100 -14.71 7.06 2.51
N GLU A 101 -15.71 7.92 2.66
CA GLU A 101 -16.60 7.83 3.81
C GLU A 101 -17.62 6.72 3.59
N LEU A 102 -17.26 5.51 3.99
CA LEU A 102 -18.18 4.39 3.94
C LEU A 102 -19.18 4.50 5.09
N GLU A 103 -18.68 4.99 6.21
CA GLU A 103 -19.49 5.19 7.39
C GLU A 103 -19.58 6.67 7.70
N PRO A 104 -20.80 7.18 7.94
CA PRO A 104 -21.01 8.61 8.20
C PRO A 104 -20.12 9.16 9.31
N GLY A 105 -19.19 10.03 8.94
CA GLY A 105 -18.28 10.62 9.92
C GLY A 105 -16.96 9.88 10.00
N GLN A 106 -16.82 8.82 9.20
CA GLN A 106 -15.60 8.02 9.22
C GLN A 106 -14.98 7.95 7.82
N PHE A 107 -13.91 8.71 7.63
CA PHE A 107 -13.17 8.67 6.38
C PHE A 107 -12.22 7.49 6.38
N HIS A 108 -12.69 6.39 5.81
CA HIS A 108 -11.95 5.14 5.84
C HIS A 108 -11.23 4.90 4.53
N PHE A 109 -9.99 4.46 4.61
CA PHE A 109 -9.21 4.16 3.41
C PHE A 109 -9.58 2.78 2.88
N ILE A 110 -9.76 2.68 1.58
CA ILE A 110 -10.07 1.41 0.96
C ILE A 110 -8.94 0.95 0.06
N PHE A 111 -8.70 -0.35 0.05
CA PHE A 111 -7.66 -0.91 -0.78
C PHE A 111 -8.24 -1.32 -2.13
N LEU A 112 -8.09 -0.44 -3.11
CA LEU A 112 -8.54 -0.71 -4.45
C LEU A 112 -7.55 -1.61 -5.15
N ASN A 113 -7.82 -2.89 -5.10
CA ASN A 113 -6.94 -3.88 -5.68
C ASN A 113 -7.63 -4.60 -6.82
N PRO A 114 -7.18 -4.35 -8.07
CA PRO A 114 -7.85 -4.83 -9.29
C PRO A 114 -7.96 -6.35 -9.38
N ARG A 115 -7.09 -7.06 -8.67
CA ARG A 115 -7.10 -8.52 -8.70
C ARG A 115 -8.22 -9.06 -7.80
N ASP A 116 -8.59 -8.29 -6.79
CA ASP A 116 -9.53 -8.75 -5.77
C ASP A 116 -10.93 -8.25 -6.08
N PRO A 117 -11.96 -9.02 -5.71
CA PRO A 117 -13.35 -8.65 -5.93
C PRO A 117 -13.86 -7.65 -4.89
N THR A 118 -13.75 -6.37 -5.22
CA THR A 118 -14.28 -5.31 -4.36
C THR A 118 -15.69 -4.94 -4.82
N TYR A 119 -15.87 -4.94 -6.14
CA TYR A 119 -17.16 -4.66 -6.74
C TYR A 119 -17.53 -5.80 -7.68
N ARG A 120 -18.61 -6.50 -7.37
CA ARG A 120 -19.01 -7.64 -8.19
C ARG A 120 -20.32 -7.35 -8.90
N PRO A 121 -20.29 -7.26 -10.24
CA PRO A 121 -21.48 -7.15 -11.05
C PRO A 121 -22.30 -8.43 -10.99
N PRO A 122 -23.63 -8.34 -11.14
CA PRO A 122 -24.52 -9.51 -11.11
C PRO A 122 -24.14 -10.53 -12.19
N SER A 123 -23.66 -10.03 -13.31
CA SER A 123 -23.19 -10.88 -14.38
C SER A 123 -21.68 -10.73 -14.53
N GLY A 124 -20.95 -11.79 -14.19
CA GLY A 124 -19.51 -11.75 -14.27
C GLY A 124 -18.86 -12.28 -13.01
N GLY A 125 -19.57 -13.13 -12.30
CA GLY A 125 -19.05 -13.70 -11.08
C GLY A 125 -20.16 -14.14 -10.15
N MET A 1 24.64 26.38 -16.80
CA MET A 1 23.60 25.53 -16.18
C MET A 1 22.96 26.23 -15.00
N GLY A 2 21.66 26.47 -15.10
CA GLY A 2 20.92 27.03 -13.98
C GLY A 2 20.07 25.97 -13.33
N SER A 3 19.42 25.17 -14.15
CA SER A 3 18.62 24.05 -13.68
C SER A 3 18.89 22.84 -14.56
N SER A 4 19.66 21.88 -14.03
CA SER A 4 20.09 20.73 -14.79
C SER A 4 18.91 19.86 -15.22
N HIS A 5 19.17 18.96 -16.15
CA HIS A 5 18.14 18.06 -16.68
C HIS A 5 17.75 17.04 -15.61
N HIS A 6 18.61 16.91 -14.61
CA HIS A 6 18.36 16.03 -13.47
C HIS A 6 17.56 16.77 -12.40
N HIS A 7 17.82 18.07 -12.26
CA HIS A 7 17.07 18.87 -11.30
C HIS A 7 15.62 19.00 -11.74
N HIS A 8 15.41 19.04 -13.06
CA HIS A 8 14.07 18.95 -13.60
C HIS A 8 13.55 17.54 -13.35
N HIS A 9 12.36 17.43 -12.77
CA HIS A 9 11.85 16.12 -12.38
C HIS A 9 11.30 15.35 -13.57
N HIS A 10 12.24 14.96 -14.44
CA HIS A 10 11.97 14.08 -15.56
C HIS A 10 13.11 13.07 -15.63
N SER A 11 13.85 12.97 -14.53
CA SER A 11 15.10 12.25 -14.48
C SER A 11 14.89 10.74 -14.31
N SER A 12 14.18 10.14 -15.24
CA SER A 12 14.08 8.69 -15.28
C SER A 12 15.38 8.11 -15.83
N GLY A 13 16.29 7.73 -14.93
CA GLY A 13 17.59 7.27 -15.35
C GLY A 13 17.75 5.77 -15.23
N LEU A 14 18.38 5.32 -14.16
CA LEU A 14 18.69 3.92 -13.98
C LEU A 14 17.72 3.24 -13.03
N VAL A 15 16.94 4.06 -12.32
CA VAL A 15 15.97 3.53 -11.36
C VAL A 15 14.85 2.77 -12.07
N PRO A 16 14.48 1.60 -11.53
CA PRO A 16 13.40 0.78 -12.09
C PRO A 16 12.05 1.49 -12.09
N ARG A 17 11.54 1.73 -13.28
CA ARG A 17 10.26 2.42 -13.45
C ARG A 17 9.10 1.46 -13.20
N GLY A 18 9.41 0.16 -13.22
CA GLY A 18 8.41 -0.84 -12.98
C GLY A 18 8.27 -1.16 -11.50
N SER A 19 7.18 -0.70 -10.90
CA SER A 19 6.89 -0.97 -9.50
C SER A 19 6.68 -2.46 -9.28
N HIS A 20 7.58 -3.08 -8.52
CA HIS A 20 7.52 -4.52 -8.27
C HIS A 20 6.36 -4.88 -7.35
N MET A 21 5.92 -3.90 -6.58
CA MET A 21 4.72 -4.05 -5.77
C MET A 21 3.91 -2.77 -5.88
N MET A 22 2.62 -2.90 -6.13
CA MET A 22 1.80 -1.74 -6.48
C MET A 22 0.78 -1.41 -5.40
N PHE A 23 1.24 -0.84 -4.30
CA PHE A 23 0.34 -0.26 -3.32
C PHE A 23 0.32 1.25 -3.53
N LYS A 24 -0.72 1.73 -4.18
CA LYS A 24 -0.77 3.12 -4.58
C LYS A 24 -1.55 3.96 -3.58
N LEU A 25 -0.82 4.80 -2.86
CA LEU A 25 -1.42 5.75 -1.96
C LEU A 25 -1.62 7.07 -2.71
N THR A 26 -2.86 7.43 -2.98
CA THR A 26 -3.16 8.62 -3.74
C THR A 26 -2.70 9.88 -3.02
N PRO A 27 -2.12 10.85 -3.75
CA PRO A 27 -1.64 12.11 -3.17
C PRO A 27 -2.73 12.85 -2.40
N ALA A 28 -3.97 12.63 -2.80
CA ALA A 28 -5.12 13.23 -2.14
C ALA A 28 -5.29 12.64 -0.74
N ALA A 29 -5.11 11.32 -0.65
CA ALA A 29 -5.26 10.62 0.63
C ALA A 29 -4.01 10.81 1.49
N ALA A 30 -2.86 10.93 0.84
CA ALA A 30 -1.60 11.13 1.53
C ALA A 30 -1.64 12.39 2.40
N GLU A 31 -2.36 13.40 1.92
CA GLU A 31 -2.51 14.65 2.65
C GLU A 31 -3.32 14.43 3.93
N GLN A 32 -4.37 13.61 3.83
CA GLN A 32 -5.20 13.30 4.99
C GLN A 32 -4.37 12.56 6.03
N VAL A 33 -3.54 11.64 5.56
CA VAL A 33 -2.63 10.91 6.44
C VAL A 33 -1.68 11.87 7.13
N LEU A 34 -1.10 12.79 6.36
CA LEU A 34 -0.19 13.80 6.88
C LEU A 34 -0.86 14.63 7.97
N LYS A 35 -2.07 15.09 7.69
CA LYS A 35 -2.81 15.92 8.62
C LYS A 35 -3.15 15.13 9.89
N ALA A 36 -3.57 13.88 9.71
CA ALA A 36 -3.91 13.02 10.83
C ALA A 36 -2.68 12.73 11.70
N ALA A 37 -1.52 12.59 11.06
CA ALA A 37 -0.27 12.36 11.77
C ALA A 37 0.17 13.63 12.49
N LYS A 38 -0.09 14.77 11.87
CA LYS A 38 0.29 16.06 12.43
C LYS A 38 -0.54 16.37 13.69
N GLN A 39 -1.70 15.74 13.81
CA GLN A 39 -2.54 15.89 14.99
C GLN A 39 -1.80 15.42 16.25
N GLY A 40 -0.88 14.48 16.07
CA GLY A 40 -0.11 13.98 17.19
C GLY A 40 -0.17 12.47 17.29
N GLY A 41 0.73 11.89 18.07
CA GLY A 41 0.73 10.45 18.27
C GLY A 41 1.42 9.70 17.16
N THR A 42 0.94 9.90 15.93
CA THR A 42 1.48 9.21 14.77
C THR A 42 2.49 10.08 14.04
N GLU A 43 2.83 11.21 14.65
CA GLU A 43 3.81 12.12 14.08
C GLU A 43 5.21 11.54 14.17
N GLY A 44 5.82 11.28 13.02
CA GLY A 44 7.15 10.72 12.98
C GLY A 44 7.12 9.21 12.89
N MET A 45 5.93 8.66 12.79
CA MET A 45 5.75 7.22 12.69
C MET A 45 5.82 6.78 11.24
N CYS A 46 5.85 5.47 11.03
CA CYS A 46 5.88 4.90 9.70
C CYS A 46 4.61 4.13 9.44
N LEU A 47 4.15 4.10 8.19
CA LEU A 47 2.96 3.37 7.85
C LEU A 47 3.29 1.90 7.65
N ARG A 48 2.65 1.05 8.41
CA ARG A 48 2.91 -0.37 8.35
C ARG A 48 1.64 -1.13 7.99
N LEU A 49 1.76 -2.04 7.05
CA LEU A 49 0.61 -2.79 6.57
C LEU A 49 0.72 -4.26 6.94
N ALA A 50 -0.34 -4.79 7.54
CA ALA A 50 -0.40 -6.19 7.88
C ALA A 50 -1.44 -6.89 7.03
N ALA A 51 -1.02 -7.93 6.33
CA ALA A 51 -1.90 -8.68 5.45
C ALA A 51 -2.03 -10.12 5.93
N GLY A 52 -3.26 -10.59 6.01
CA GLY A 52 -3.52 -11.95 6.43
C GLY A 52 -4.73 -12.53 5.74
N ARG A 53 -5.28 -13.60 6.30
CA ARG A 53 -6.41 -14.25 5.68
C ARG A 53 -7.59 -14.33 6.65
N ASN A 54 -8.78 -14.32 6.11
CA ASN A 54 -9.98 -14.54 6.89
C ASN A 54 -10.41 -16.00 6.73
N PRO A 55 -10.99 -16.58 7.80
CA PRO A 55 -11.29 -18.02 7.89
C PRO A 55 -11.76 -18.69 6.60
N ASP A 56 -12.81 -18.18 5.98
CA ASP A 56 -13.33 -18.84 4.79
C ASP A 56 -13.42 -17.90 3.60
N GLY A 57 -12.30 -17.76 2.91
CA GLY A 57 -12.29 -17.15 1.59
C GLY A 57 -12.37 -15.63 1.62
N SER A 58 -11.51 -15.01 2.41
CA SER A 58 -11.40 -13.56 2.43
C SER A 58 -9.98 -13.18 2.86
N ILE A 59 -9.57 -11.97 2.52
CA ILE A 59 -8.25 -11.49 2.89
C ILE A 59 -8.38 -10.40 3.95
N ASP A 60 -7.39 -10.29 4.82
CA ASP A 60 -7.41 -9.29 5.88
C ASP A 60 -6.31 -8.27 5.69
N TYR A 61 -6.70 -7.01 5.53
CA TYR A 61 -5.74 -5.92 5.38
C TYR A 61 -5.83 -4.96 6.56
N ARG A 62 -4.73 -4.79 7.27
CA ARG A 62 -4.67 -3.84 8.37
C ARG A 62 -3.67 -2.72 8.08
N MET A 63 -4.13 -1.49 8.19
CA MET A 63 -3.25 -0.34 8.04
C MET A 63 -3.07 0.36 9.38
N GLY A 64 -1.82 0.52 9.80
CA GLY A 64 -1.56 1.17 11.06
C GLY A 64 -0.22 1.90 11.03
N PHE A 65 -0.02 2.78 12.00
CA PHE A 65 1.23 3.51 12.11
C PHE A 65 2.13 2.80 13.12
N ASP A 66 3.25 2.29 12.65
CA ASP A 66 4.15 1.50 13.49
C ASP A 66 5.59 1.97 13.27
N ASP A 67 6.54 1.17 13.69
CA ASP A 67 7.95 1.55 13.63
C ASP A 67 8.50 1.31 12.22
N LEU A 68 9.63 1.93 11.92
CA LEU A 68 10.24 1.82 10.60
C LEU A 68 11.38 0.80 10.66
N THR A 69 11.26 -0.25 9.87
CA THR A 69 12.24 -1.32 9.87
C THR A 69 12.81 -1.53 8.46
N GLU A 70 14.14 -1.45 8.33
CA GLU A 70 14.80 -1.64 7.04
C GLU A 70 14.74 -3.08 6.56
N ASP A 71 14.38 -3.97 7.47
CA ASP A 71 14.21 -5.39 7.14
C ASP A 71 12.97 -5.59 6.30
N ASP A 72 12.14 -4.57 6.26
CA ASP A 72 10.92 -4.58 5.47
C ASP A 72 11.16 -3.85 4.15
N ILE A 73 10.35 -4.13 3.15
CA ILE A 73 10.49 -3.50 1.85
C ILE A 73 10.00 -2.05 1.93
N ARG A 74 10.82 -1.14 1.39
CA ARG A 74 10.56 0.29 1.46
C ARG A 74 9.63 0.73 0.33
N LEU A 75 8.43 1.16 0.70
CA LEU A 75 7.51 1.75 -0.26
C LEU A 75 7.29 3.21 0.11
N THR A 76 7.98 4.10 -0.58
CA THR A 76 7.95 5.51 -0.21
C THR A 76 7.15 6.32 -1.23
N SER A 77 6.08 6.95 -0.76
CA SER A 77 5.31 7.86 -1.60
C SER A 77 5.89 9.27 -1.46
N GLU A 78 5.13 10.27 -1.91
CA GLU A 78 5.60 11.64 -1.87
C GLU A 78 5.58 12.20 -0.44
N GLY A 79 4.90 11.49 0.46
CA GLY A 79 4.79 11.97 1.82
C GLY A 79 4.86 10.87 2.85
N VAL A 80 4.25 9.73 2.56
CA VAL A 80 4.17 8.65 3.52
C VAL A 80 5.06 7.49 3.11
N GLU A 81 5.93 7.07 4.00
CA GLU A 81 6.79 5.93 3.74
C GLU A 81 6.23 4.69 4.42
N ILE A 82 6.11 3.63 3.64
CA ILE A 82 5.51 2.38 4.10
C ILE A 82 6.54 1.27 4.16
N VAL A 83 6.57 0.53 5.26
CA VAL A 83 7.45 -0.62 5.39
C VAL A 83 6.64 -1.91 5.41
N ILE A 84 6.89 -2.77 4.44
CA ILE A 84 6.13 -4.01 4.30
C ILE A 84 7.05 -5.22 4.19
N ALA A 85 6.92 -6.14 5.13
CA ALA A 85 7.67 -7.40 5.07
C ALA A 85 7.23 -8.22 3.87
N PRO A 86 8.17 -8.93 3.23
CA PRO A 86 7.90 -9.74 2.02
C PRO A 86 6.68 -10.66 2.17
N ASP A 87 6.46 -11.14 3.39
CA ASP A 87 5.33 -12.02 3.67
C ASP A 87 4.00 -11.34 3.36
N TYR A 88 3.90 -10.07 3.72
CA TYR A 88 2.65 -9.32 3.55
C TYR A 88 2.53 -8.80 2.13
N VAL A 89 3.66 -8.65 1.47
CA VAL A 89 3.72 -8.16 0.10
C VAL A 89 2.90 -9.04 -0.85
N SER A 90 2.85 -10.32 -0.55
CA SER A 90 2.17 -11.30 -1.39
C SER A 90 0.69 -10.95 -1.61
N LEU A 91 0.10 -10.23 -0.66
CA LEU A 91 -1.32 -9.91 -0.75
C LEU A 91 -1.54 -8.42 -1.06
N LEU A 92 -0.66 -7.58 -0.53
CA LEU A 92 -0.82 -6.13 -0.63
C LEU A 92 -0.56 -5.59 -2.04
N ASP A 93 0.00 -6.44 -2.90
CA ASP A 93 0.26 -6.04 -4.28
C ASP A 93 -1.02 -5.65 -5.01
N GLN A 94 -0.93 -4.62 -5.83
CA GLN A 94 -2.07 -4.07 -6.57
C GLN A 94 -3.20 -3.66 -5.63
N THR A 95 -2.92 -2.71 -4.78
CA THR A 95 -3.92 -2.16 -3.89
C THR A 95 -3.90 -0.64 -3.95
N THR A 96 -5.00 -0.06 -4.38
CA THR A 96 -5.10 1.38 -4.45
C THR A 96 -5.76 1.91 -3.19
N LEU A 97 -5.01 2.70 -2.43
CA LEU A 97 -5.52 3.27 -1.19
C LEU A 97 -6.05 4.66 -1.44
N ASP A 98 -7.36 4.81 -1.34
CA ASP A 98 -8.00 6.09 -1.59
C ASP A 98 -9.03 6.37 -0.50
N TYR A 99 -9.30 7.63 -0.24
CA TYR A 99 -10.22 7.98 0.84
C TYR A 99 -11.59 8.37 0.29
N VAL A 100 -12.63 7.76 0.85
CA VAL A 100 -13.99 8.04 0.43
C VAL A 100 -14.90 8.22 1.63
N GLU A 101 -16.02 8.89 1.42
CA GLU A 101 -16.98 9.12 2.48
C GLU A 101 -17.88 7.91 2.66
N LEU A 102 -17.54 7.07 3.62
CA LEU A 102 -18.35 5.92 3.96
C LEU A 102 -19.39 6.32 4.99
N GLU A 103 -19.02 7.29 5.81
CA GLU A 103 -19.91 7.86 6.81
C GLU A 103 -19.89 9.37 6.65
N PRO A 104 -21.03 10.04 6.86
CA PRO A 104 -21.15 11.50 6.67
C PRO A 104 -20.03 12.30 7.35
N GLY A 105 -19.16 12.89 6.54
CA GLY A 105 -18.09 13.71 7.06
C GLY A 105 -16.86 12.90 7.44
N GLN A 106 -16.97 11.59 7.35
CA GLN A 106 -15.87 10.70 7.73
C GLN A 106 -15.28 10.00 6.52
N PHE A 107 -14.12 10.47 6.10
CA PHE A 107 -13.42 9.91 4.95
C PHE A 107 -12.54 8.75 5.38
N HIS A 108 -12.92 7.55 4.95
CA HIS A 108 -12.17 6.35 5.28
C HIS A 108 -11.27 5.95 4.13
N PHE A 109 -10.10 5.42 4.46
CA PHE A 109 -9.20 4.89 3.45
C PHE A 109 -9.63 3.49 3.07
N ILE A 110 -9.89 3.28 1.79
CA ILE A 110 -10.33 1.98 1.32
C ILE A 110 -9.24 1.30 0.52
N PHE A 111 -9.11 0.00 0.71
CA PHE A 111 -8.13 -0.79 -0.01
C PHE A 111 -8.75 -1.36 -1.27
N LEU A 112 -8.52 -0.69 -2.39
CA LEU A 112 -9.00 -1.17 -3.67
C LEU A 112 -8.09 -2.27 -4.17
N ASN A 113 -8.44 -3.49 -3.80
CA ASN A 113 -7.66 -4.66 -4.13
C ASN A 113 -8.52 -5.67 -4.88
N PRO A 114 -8.06 -6.15 -6.05
CA PRO A 114 -8.85 -7.04 -6.90
C PRO A 114 -8.89 -8.49 -6.40
N ARG A 115 -8.19 -8.77 -5.31
CA ARG A 115 -8.15 -10.12 -4.78
C ARG A 115 -9.16 -10.29 -3.65
N ASP A 116 -9.31 -9.26 -2.82
CA ASP A 116 -10.29 -9.28 -1.75
C ASP A 116 -11.42 -8.31 -2.06
N PRO A 117 -12.59 -8.84 -2.47
CA PRO A 117 -13.76 -8.04 -2.71
C PRO A 117 -14.49 -7.73 -1.40
N THR A 118 -13.90 -6.82 -0.64
CA THR A 118 -14.37 -6.49 0.71
C THR A 118 -15.87 -6.14 0.75
N TYR A 119 -16.37 -5.52 -0.31
CA TYR A 119 -17.76 -5.08 -0.33
C TYR A 119 -18.70 -6.09 -0.98
N ARG A 120 -18.16 -7.21 -1.45
CA ARG A 120 -18.99 -8.26 -2.04
C ARG A 120 -18.20 -9.55 -2.17
N PRO A 121 -18.33 -10.45 -1.20
CA PRO A 121 -17.65 -11.75 -1.20
C PRO A 121 -18.08 -12.60 -2.41
N PRO A 122 -17.46 -13.78 -2.61
CA PRO A 122 -17.85 -14.73 -3.67
C PRO A 122 -19.23 -15.35 -3.43
N SER A 123 -20.20 -14.49 -3.13
CA SER A 123 -21.55 -14.90 -2.84
C SER A 123 -22.49 -13.70 -2.95
N GLY A 124 -23.75 -13.95 -3.26
CA GLY A 124 -24.71 -12.88 -3.43
C GLY A 124 -26.11 -13.32 -3.05
N GLY A 125 -26.77 -14.01 -3.98
CA GLY A 125 -28.08 -14.54 -3.71
C GLY A 125 -28.16 -16.00 -4.08
N MET A 1 35.04 -8.36 -7.79
CA MET A 1 34.59 -9.67 -8.28
C MET A 1 35.58 -10.25 -9.28
N GLY A 2 35.18 -11.31 -9.96
CA GLY A 2 36.04 -11.95 -10.94
C GLY A 2 36.52 -10.98 -12.01
N SER A 3 37.72 -11.24 -12.52
CA SER A 3 38.35 -10.38 -13.52
C SER A 3 37.46 -10.23 -14.75
N SER A 4 37.13 -11.35 -15.38
CA SER A 4 36.26 -11.35 -16.52
C SER A 4 34.86 -11.79 -16.11
N HIS A 5 33.86 -11.07 -16.60
CA HIS A 5 32.48 -11.37 -16.26
C HIS A 5 31.81 -12.15 -17.36
N HIS A 6 31.29 -13.33 -17.03
CA HIS A 6 30.51 -14.12 -17.97
C HIS A 6 29.20 -13.41 -18.29
N HIS A 7 28.61 -12.82 -17.25
CA HIS A 7 27.41 -12.02 -17.43
C HIS A 7 27.79 -10.56 -17.48
N HIS A 8 27.39 -9.90 -18.54
CA HIS A 8 27.80 -8.52 -18.80
C HIS A 8 27.08 -7.56 -17.86
N HIS A 9 25.77 -7.70 -17.77
CA HIS A 9 24.99 -6.89 -16.84
C HIS A 9 24.33 -7.77 -15.79
N HIS A 10 24.31 -7.28 -14.56
CA HIS A 10 23.64 -7.98 -13.48
C HIS A 10 22.45 -7.17 -13.00
N SER A 11 21.30 -7.82 -12.84
CA SER A 11 20.07 -7.15 -12.46
C SER A 11 19.89 -7.15 -10.95
N SER A 12 21.00 -7.05 -10.24
CA SER A 12 20.99 -7.03 -8.79
C SER A 12 21.75 -5.81 -8.25
N GLY A 13 21.51 -4.66 -8.89
CA GLY A 13 22.15 -3.44 -8.45
C GLY A 13 21.43 -2.80 -7.29
N LEU A 14 22.04 -1.79 -6.69
CA LEU A 14 21.48 -1.13 -5.52
C LEU A 14 20.29 -0.27 -5.92
N VAL A 15 19.35 -0.10 -5.00
CA VAL A 15 18.12 0.65 -5.24
C VAL A 15 17.26 -0.05 -6.29
N PRO A 16 16.27 -0.83 -5.87
CA PRO A 16 15.37 -1.54 -6.76
C PRO A 16 14.32 -0.62 -7.38
N ARG A 17 13.76 -1.03 -8.50
CA ARG A 17 12.71 -0.26 -9.16
C ARG A 17 11.47 -0.11 -8.27
N GLY A 18 11.23 -1.12 -7.44
CA GLY A 18 10.05 -1.11 -6.61
C GLY A 18 8.90 -1.85 -7.27
N SER A 19 9.21 -2.51 -8.39
CA SER A 19 8.22 -3.25 -9.16
C SER A 19 7.86 -4.58 -8.49
N HIS A 20 7.88 -4.58 -7.17
CA HIS A 20 7.55 -5.76 -6.39
C HIS A 20 6.39 -5.43 -5.46
N MET A 21 5.98 -4.16 -5.48
CA MET A 21 4.86 -3.68 -4.68
C MET A 21 4.17 -2.51 -5.38
N MET A 22 3.12 -2.80 -6.12
CA MET A 22 2.36 -1.75 -6.80
C MET A 22 1.32 -1.16 -5.86
N PHE A 23 1.78 -0.39 -4.88
CA PHE A 23 0.89 0.25 -3.93
C PHE A 23 0.54 1.66 -4.38
N LYS A 24 -0.66 1.82 -4.90
CA LYS A 24 -1.11 3.11 -5.41
C LYS A 24 -1.82 3.89 -4.32
N LEU A 25 -1.07 4.77 -3.66
CA LEU A 25 -1.63 5.58 -2.59
C LEU A 25 -2.12 6.92 -3.15
N THR A 26 -3.38 7.23 -2.89
CA THR A 26 -4.00 8.46 -3.41
C THR A 26 -3.58 9.70 -2.63
N PRO A 27 -3.51 10.85 -3.30
CA PRO A 27 -3.11 12.13 -2.68
C PRO A 27 -4.01 12.51 -1.50
N ALA A 28 -5.32 12.26 -1.63
CA ALA A 28 -6.25 12.59 -0.56
C ALA A 28 -5.98 11.75 0.67
N ALA A 29 -5.53 10.51 0.45
CA ALA A 29 -5.16 9.63 1.54
C ALA A 29 -3.86 10.10 2.17
N ALA A 30 -2.90 10.46 1.32
CA ALA A 30 -1.61 10.99 1.78
C ALA A 30 -1.80 12.22 2.64
N GLU A 31 -2.72 13.09 2.22
CA GLU A 31 -3.06 14.29 2.96
C GLU A 31 -3.48 13.95 4.39
N GLN A 32 -4.30 12.91 4.53
CA GLN A 32 -4.78 12.50 5.85
C GLN A 32 -3.65 11.90 6.68
N VAL A 33 -2.77 11.13 6.02
CA VAL A 33 -1.63 10.54 6.69
C VAL A 33 -0.71 11.62 7.24
N LEU A 34 -0.42 12.63 6.42
CA LEU A 34 0.40 13.75 6.85
C LEU A 34 -0.29 14.53 7.96
N LYS A 35 -1.61 14.64 7.88
CA LYS A 35 -2.38 15.31 8.91
C LYS A 35 -2.22 14.60 10.24
N ALA A 36 -2.31 13.27 10.19
CA ALA A 36 -2.16 12.44 11.38
C ALA A 36 -0.75 12.55 11.96
N ALA A 37 0.25 12.63 11.08
CA ALA A 37 1.63 12.81 11.51
C ALA A 37 1.85 14.20 12.06
N LYS A 38 1.07 15.15 11.56
CA LYS A 38 1.18 16.54 11.98
C LYS A 38 0.50 16.75 13.34
N GLN A 39 -0.34 15.78 13.73
CA GLN A 39 -0.95 15.79 15.05
C GLN A 39 0.12 15.74 16.14
N GLY A 40 1.13 14.91 15.93
CA GLY A 40 2.25 14.86 16.84
C GLY A 40 2.63 13.46 17.25
N GLY A 41 1.66 12.70 17.74
CA GLY A 41 1.93 11.37 18.26
C GLY A 41 2.52 10.44 17.23
N THR A 42 1.84 10.27 16.11
CA THR A 42 2.27 9.35 15.07
C THR A 42 3.24 10.01 14.09
N GLU A 43 3.99 11.00 14.58
CA GLU A 43 4.98 11.67 13.75
C GLU A 43 6.27 10.85 13.70
N GLY A 44 6.69 10.35 14.85
CA GLY A 44 7.87 9.52 14.91
C GLY A 44 7.55 8.06 14.64
N MET A 45 6.62 7.84 13.71
CA MET A 45 6.16 6.51 13.39
C MET A 45 6.11 6.36 11.87
N CYS A 46 5.89 5.15 11.41
CA CYS A 46 5.78 4.90 9.97
C CYS A 46 4.53 4.10 9.69
N LEU A 47 4.01 4.18 8.47
CA LEU A 47 2.79 3.49 8.12
C LEU A 47 3.09 2.06 7.71
N ARG A 48 2.57 1.11 8.47
CA ARG A 48 2.77 -0.30 8.17
C ARG A 48 1.45 -0.95 7.77
N LEU A 49 1.49 -1.74 6.73
CA LEU A 49 0.31 -2.44 6.25
C LEU A 49 0.48 -3.94 6.45
N ALA A 50 -0.61 -4.61 6.79
CA ALA A 50 -0.58 -6.06 6.98
C ALA A 50 -1.83 -6.68 6.39
N ALA A 51 -1.69 -7.87 5.84
CA ALA A 51 -2.81 -8.58 5.25
C ALA A 51 -3.32 -9.66 6.19
N GLY A 52 -4.47 -9.40 6.79
CA GLY A 52 -5.06 -10.36 7.71
C GLY A 52 -6.07 -11.24 7.01
N ARG A 53 -5.73 -12.50 6.86
CA ARG A 53 -6.58 -13.45 6.16
C ARG A 53 -7.74 -13.87 7.05
N ASN A 54 -8.95 -13.51 6.63
CA ASN A 54 -10.15 -13.92 7.32
C ASN A 54 -10.83 -15.04 6.54
N PRO A 55 -10.67 -16.29 6.98
CA PRO A 55 -11.12 -17.48 6.24
C PRO A 55 -12.63 -17.52 5.99
N ASP A 56 -13.38 -16.78 6.77
CA ASP A 56 -14.84 -16.77 6.64
C ASP A 56 -15.29 -15.70 5.65
N GLY A 57 -14.36 -14.82 5.29
CA GLY A 57 -14.69 -13.72 4.40
C GLY A 57 -13.67 -13.56 3.29
N SER A 58 -12.61 -12.82 3.59
CA SER A 58 -11.57 -12.55 2.61
C SER A 58 -10.31 -12.04 3.31
N ILE A 59 -9.31 -11.62 2.54
CA ILE A 59 -8.08 -11.10 3.11
C ILE A 59 -8.21 -9.59 3.37
N ASP A 60 -8.28 -9.21 4.63
CA ASP A 60 -8.47 -7.82 5.00
C ASP A 60 -7.14 -7.11 5.17
N TYR A 61 -7.00 -5.98 4.50
CA TYR A 61 -5.75 -5.22 4.54
C TYR A 61 -5.82 -4.18 5.66
N ARG A 62 -4.94 -4.33 6.63
CA ARG A 62 -4.97 -3.48 7.82
C ARG A 62 -3.95 -2.35 7.71
N MET A 63 -4.37 -1.14 8.03
CA MET A 63 -3.48 0.01 8.08
C MET A 63 -3.22 0.40 9.52
N GLY A 64 -1.95 0.60 9.87
CA GLY A 64 -1.62 1.01 11.22
C GLY A 64 -0.30 1.74 11.29
N PHE A 65 -0.12 2.55 12.31
CA PHE A 65 1.14 3.25 12.51
C PHE A 65 2.08 2.39 13.34
N ASP A 66 3.19 2.00 12.73
CA ASP A 66 4.12 1.07 13.34
C ASP A 66 5.54 1.63 13.27
N ASP A 67 6.54 0.79 13.48
CA ASP A 67 7.92 1.23 13.51
C ASP A 67 8.58 1.08 12.15
N LEU A 68 9.35 2.09 11.76
CA LEU A 68 10.05 2.10 10.48
C LEU A 68 11.30 1.22 10.56
N THR A 69 11.48 0.38 9.56
CA THR A 69 12.66 -0.46 9.47
C THR A 69 13.20 -0.44 8.05
N GLU A 70 14.52 -0.40 7.90
CA GLU A 70 15.14 -0.30 6.59
C GLU A 70 15.20 -1.65 5.89
N ASP A 71 15.51 -2.71 6.65
CA ASP A 71 15.55 -4.05 6.08
C ASP A 71 14.16 -4.48 5.66
N ASP A 72 13.16 -3.98 6.39
CA ASP A 72 11.76 -4.21 6.06
C ASP A 72 11.45 -3.45 4.78
N ILE A 73 10.72 -4.07 3.86
CA ILE A 73 10.51 -3.50 2.53
C ILE A 73 9.71 -2.20 2.61
N ARG A 74 10.38 -1.10 2.28
CA ARG A 74 9.75 0.21 2.35
C ARG A 74 9.29 0.67 0.98
N LEU A 75 8.19 1.40 0.96
CA LEU A 75 7.68 2.01 -0.25
C LEU A 75 7.61 3.51 -0.06
N THR A 76 7.49 4.24 -1.14
CA THR A 76 7.36 5.69 -1.05
C THR A 76 6.45 6.21 -2.16
N SER A 77 5.20 6.43 -1.82
CA SER A 77 4.22 6.91 -2.77
C SER A 77 4.17 8.43 -2.73
N GLU A 78 4.94 9.05 -3.62
CA GLU A 78 5.02 10.51 -3.76
C GLU A 78 5.75 11.15 -2.58
N GLY A 79 5.32 10.83 -1.38
CA GLY A 79 5.94 11.39 -0.19
C GLY A 79 5.78 10.49 1.02
N VAL A 80 4.65 9.79 1.08
CA VAL A 80 4.37 8.89 2.20
C VAL A 80 5.17 7.61 2.08
N GLU A 81 5.99 7.33 3.10
CA GLU A 81 6.79 6.12 3.12
C GLU A 81 6.07 5.01 3.87
N ILE A 82 6.00 3.85 3.26
CA ILE A 82 5.28 2.71 3.81
C ILE A 82 6.27 1.60 4.16
N VAL A 83 6.03 0.89 5.24
CA VAL A 83 6.85 -0.27 5.58
C VAL A 83 6.01 -1.54 5.58
N ILE A 84 6.39 -2.50 4.74
CA ILE A 84 5.64 -3.74 4.62
C ILE A 84 6.59 -4.93 4.60
N ALA A 85 6.35 -5.87 5.52
CA ALA A 85 7.17 -7.06 5.63
C ALA A 85 7.06 -7.91 4.37
N PRO A 86 8.19 -8.48 3.90
CA PRO A 86 8.24 -9.29 2.68
C PRO A 86 7.14 -10.34 2.57
N ASP A 87 6.79 -10.96 3.71
CA ASP A 87 5.78 -12.00 3.74
C ASP A 87 4.42 -11.47 3.28
N TYR A 88 4.13 -10.22 3.62
CA TYR A 88 2.84 -9.63 3.28
C TYR A 88 2.90 -8.91 1.93
N VAL A 89 4.11 -8.71 1.44
CA VAL A 89 4.31 -8.09 0.13
C VAL A 89 3.63 -8.91 -0.97
N SER A 90 3.59 -10.22 -0.80
CA SER A 90 3.00 -11.11 -1.78
C SER A 90 1.46 -11.11 -1.67
N LEU A 91 0.93 -10.24 -0.81
CA LEU A 91 -0.52 -10.15 -0.62
C LEU A 91 -1.01 -8.73 -0.85
N LEU A 92 -0.21 -7.75 -0.43
CA LEU A 92 -0.62 -6.34 -0.49
C LEU A 92 -0.27 -5.70 -1.82
N ASP A 93 0.35 -6.46 -2.71
CA ASP A 93 0.74 -5.95 -4.02
C ASP A 93 -0.48 -5.57 -4.87
N GLN A 94 -0.35 -4.49 -5.63
CA GLN A 94 -1.39 -4.00 -6.53
C GLN A 94 -2.62 -3.50 -5.78
N THR A 95 -2.44 -3.14 -4.52
CA THR A 95 -3.51 -2.55 -3.74
C THR A 95 -3.56 -1.04 -3.95
N THR A 96 -4.72 -0.53 -4.36
CA THR A 96 -4.89 0.89 -4.58
C THR A 96 -5.60 1.53 -3.38
N LEU A 97 -4.86 2.33 -2.63
CA LEU A 97 -5.41 2.98 -1.45
C LEU A 97 -6.10 4.28 -1.81
N ASP A 98 -7.43 4.24 -1.86
CA ASP A 98 -8.21 5.43 -2.20
C ASP A 98 -8.86 5.99 -0.95
N TYR A 99 -9.10 7.29 -0.93
CA TYR A 99 -9.67 7.97 0.22
C TYR A 99 -11.04 8.55 -0.13
N VAL A 100 -12.09 7.94 0.40
CA VAL A 100 -13.46 8.36 0.08
C VAL A 100 -14.31 8.48 1.33
N GLU A 101 -15.47 9.12 1.19
CA GLU A 101 -16.43 9.20 2.27
C GLU A 101 -17.61 8.29 1.95
N LEU A 102 -17.56 7.08 2.48
CA LEU A 102 -18.58 6.07 2.20
C LEU A 102 -19.92 6.46 2.79
N GLU A 103 -19.87 7.13 3.93
CA GLU A 103 -21.07 7.56 4.63
C GLU A 103 -20.84 8.99 5.10
N PRO A 104 -21.77 9.91 4.78
CA PRO A 104 -21.65 11.34 5.13
C PRO A 104 -21.10 11.57 6.54
N GLY A 105 -19.89 12.11 6.61
CA GLY A 105 -19.24 12.32 7.89
C GLY A 105 -18.09 11.37 8.10
N GLN A 106 -18.27 10.12 7.66
CA GLN A 106 -17.28 9.07 7.87
C GLN A 106 -16.40 8.88 6.65
N PHE A 107 -15.22 9.49 6.67
CA PHE A 107 -14.21 9.25 5.65
C PHE A 107 -13.54 7.91 5.93
N HIS A 108 -13.21 7.18 4.87
CA HIS A 108 -12.61 5.87 5.01
C HIS A 108 -11.48 5.66 4.02
N PHE A 109 -10.41 5.04 4.48
CA PHE A 109 -9.37 4.55 3.60
C PHE A 109 -9.81 3.22 3.02
N ILE A 110 -10.03 3.17 1.72
CA ILE A 110 -10.47 1.94 1.09
C ILE A 110 -9.35 1.34 0.26
N PHE A 111 -9.06 0.08 0.52
CA PHE A 111 -8.06 -0.64 -0.24
C PHE A 111 -8.73 -1.25 -1.47
N LEU A 112 -8.67 -0.52 -2.57
CA LEU A 112 -9.31 -0.95 -3.81
C LEU A 112 -8.56 -2.13 -4.41
N ASN A 113 -8.97 -3.31 -4.00
CA ASN A 113 -8.43 -4.56 -4.50
C ASN A 113 -9.30 -5.70 -4.00
N PRO A 114 -9.95 -6.42 -4.92
CA PRO A 114 -10.76 -7.59 -4.57
C PRO A 114 -10.01 -8.53 -3.64
N ARG A 115 -10.57 -8.73 -2.47
CA ARG A 115 -9.89 -9.43 -1.39
C ARG A 115 -9.99 -10.95 -1.56
N ASP A 116 -10.22 -11.37 -2.79
CA ASP A 116 -10.39 -12.79 -3.12
C ASP A 116 -10.43 -13.00 -4.64
N PRO A 117 -11.38 -12.37 -5.37
CA PRO A 117 -11.49 -12.52 -6.82
C PRO A 117 -10.47 -11.64 -7.57
N THR A 118 -10.59 -11.61 -8.89
CA THR A 118 -9.72 -10.80 -9.72
C THR A 118 -10.42 -9.50 -10.09
N TYR A 119 -9.64 -8.48 -10.44
CA TYR A 119 -10.20 -7.19 -10.84
C TYR A 119 -9.93 -6.93 -12.31
N ARG A 120 -10.85 -6.20 -12.95
CA ARG A 120 -10.68 -5.73 -14.33
C ARG A 120 -10.85 -6.89 -15.32
N PRO A 121 -12.08 -7.07 -15.83
CA PRO A 121 -12.39 -8.09 -16.81
C PRO A 121 -12.33 -7.56 -18.26
N PRO A 122 -11.61 -8.24 -19.14
CA PRO A 122 -11.52 -7.86 -20.55
C PRO A 122 -12.86 -8.07 -21.28
N SER A 123 -13.31 -9.31 -21.33
CA SER A 123 -14.58 -9.62 -21.96
C SER A 123 -15.67 -9.81 -20.91
N GLY A 124 -16.59 -8.86 -20.85
CA GLY A 124 -17.68 -8.94 -19.90
C GLY A 124 -17.93 -7.62 -19.20
N GLY A 125 -17.67 -7.59 -17.90
CA GLY A 125 -17.90 -6.38 -17.14
C GLY A 125 -19.15 -6.47 -16.30
N MET A 1 19.98 -0.49 11.77
CA MET A 1 20.58 0.83 12.06
C MET A 1 21.28 0.80 13.41
N GLY A 2 22.35 1.60 13.53
CA GLY A 2 23.08 1.67 14.77
C GLY A 2 24.01 2.86 14.79
N SER A 3 25.31 2.59 14.76
CA SER A 3 26.30 3.64 14.69
C SER A 3 26.27 4.32 13.32
N SER A 4 26.45 5.64 13.31
CA SER A 4 26.38 6.40 12.07
C SER A 4 27.61 6.12 11.22
N HIS A 5 27.38 5.65 10.01
CA HIS A 5 28.45 5.30 9.10
C HIS A 5 28.29 6.05 7.78
N HIS A 6 29.41 6.31 7.11
CA HIS A 6 29.39 6.96 5.80
C HIS A 6 28.60 6.13 4.80
N HIS A 7 28.75 4.82 4.89
CA HIS A 7 28.05 3.91 3.98
C HIS A 7 27.45 2.75 4.75
N HIS A 8 26.28 2.32 4.34
CA HIS A 8 25.72 1.08 4.81
C HIS A 8 26.29 -0.04 3.96
N HIS A 9 26.78 -1.09 4.59
CA HIS A 9 27.59 -2.11 3.92
C HIS A 9 26.88 -2.70 2.70
N HIS A 10 25.56 -2.71 2.73
CA HIS A 10 24.78 -3.15 1.59
C HIS A 10 23.53 -2.30 1.46
N SER A 11 23.32 -1.79 0.25
CA SER A 11 22.17 -0.96 -0.04
C SER A 11 20.90 -1.80 -0.15
N SER A 12 19.81 -1.30 0.40
CA SER A 12 18.52 -1.99 0.36
C SER A 12 18.04 -2.13 -1.10
N GLY A 13 18.60 -1.31 -1.98
CA GLY A 13 18.25 -1.38 -3.39
C GLY A 13 18.79 -2.64 -4.05
N LEU A 14 19.75 -3.28 -3.40
CA LEU A 14 20.30 -4.53 -3.90
C LEU A 14 19.51 -5.68 -3.29
N VAL A 15 18.25 -5.77 -3.66
CA VAL A 15 17.34 -6.74 -3.07
C VAL A 15 17.19 -7.98 -3.97
N PRO A 16 17.70 -9.13 -3.49
CA PRO A 16 17.61 -10.39 -4.22
C PRO A 16 16.25 -11.06 -4.05
N ARG A 17 15.40 -10.44 -3.23
CA ARG A 17 14.06 -10.97 -2.97
C ARG A 17 13.14 -10.65 -4.14
N GLY A 18 13.52 -9.66 -4.94
CA GLY A 18 12.65 -9.16 -5.98
C GLY A 18 11.65 -8.18 -5.42
N SER A 19 10.43 -8.67 -5.18
CA SER A 19 9.40 -7.91 -4.48
C SER A 19 9.18 -6.52 -5.09
N HIS A 20 9.01 -6.46 -6.41
CA HIS A 20 8.64 -5.21 -7.07
C HIS A 20 7.18 -4.91 -6.79
N MET A 21 6.93 -4.32 -5.64
CA MET A 21 5.58 -4.14 -5.13
C MET A 21 4.96 -2.85 -5.66
N MET A 22 3.65 -2.90 -5.90
CA MET A 22 2.91 -1.74 -6.38
C MET A 22 1.89 -1.29 -5.36
N PHE A 23 2.02 -0.05 -4.89
CA PHE A 23 1.05 0.52 -3.96
C PHE A 23 0.70 1.94 -4.39
N LYS A 24 -0.51 2.11 -4.87
CA LYS A 24 -0.96 3.41 -5.37
C LYS A 24 -1.58 4.24 -4.26
N LEU A 25 -0.76 5.00 -3.57
CA LEU A 25 -1.26 5.91 -2.56
C LEU A 25 -1.67 7.22 -3.24
N THR A 26 -2.98 7.44 -3.37
CA THR A 26 -3.48 8.60 -4.08
C THR A 26 -3.10 9.90 -3.36
N PRO A 27 -2.87 10.98 -4.13
CA PRO A 27 -2.32 12.25 -3.60
C PRO A 27 -3.13 12.84 -2.43
N ALA A 28 -4.44 12.79 -2.53
CA ALA A 28 -5.29 13.41 -1.51
C ALA A 28 -5.41 12.51 -0.30
N ALA A 29 -5.35 11.20 -0.53
CA ALA A 29 -5.37 10.23 0.55
C ALA A 29 -4.06 10.26 1.32
N ALA A 30 -2.98 10.61 0.62
CA ALA A 30 -1.68 10.76 1.26
C ALA A 30 -1.73 11.83 2.34
N GLU A 31 -2.40 12.93 2.03
CA GLU A 31 -2.59 14.01 2.98
C GLU A 31 -3.47 13.53 4.14
N GLN A 32 -4.44 12.68 3.82
CA GLN A 32 -5.34 12.13 4.83
C GLN A 32 -4.58 11.25 5.81
N VAL A 33 -3.70 10.40 5.26
CA VAL A 33 -2.85 9.55 6.08
C VAL A 33 -1.89 10.40 6.91
N LEU A 34 -1.35 11.44 6.30
CA LEU A 34 -0.46 12.36 6.97
C LEU A 34 -1.18 13.03 8.15
N LYS A 35 -2.43 13.40 7.93
CA LYS A 35 -3.24 14.01 8.97
C LYS A 35 -3.52 13.01 10.09
N ALA A 36 -3.77 11.76 9.71
CA ALA A 36 -4.01 10.70 10.68
C ALA A 36 -2.81 10.53 11.62
N ALA A 37 -1.62 10.57 11.03
CA ALA A 37 -0.39 10.49 11.80
C ALA A 37 -0.19 11.76 12.62
N LYS A 38 -0.64 12.88 12.07
CA LYS A 38 -0.50 14.17 12.73
C LYS A 38 -1.41 14.25 13.96
N GLN A 39 -2.54 13.56 13.89
CA GLN A 39 -3.51 13.55 14.98
C GLN A 39 -3.08 12.57 16.08
N GLY A 40 -1.89 12.01 15.94
CA GLY A 40 -1.36 11.12 16.94
C GLY A 40 0.10 11.37 17.19
N GLY A 41 0.73 10.50 17.96
CA GLY A 41 2.15 10.64 18.23
C GLY A 41 2.99 9.84 17.26
N THR A 42 2.32 9.27 16.26
CA THR A 42 2.97 8.41 15.29
C THR A 42 3.53 9.23 14.12
N GLU A 43 3.69 10.52 14.33
CA GLU A 43 4.25 11.41 13.30
C GLU A 43 5.65 10.95 12.89
N GLY A 44 6.49 10.68 13.89
CA GLY A 44 7.84 10.23 13.61
C GLY A 44 7.93 8.71 13.55
N MET A 45 6.84 8.08 13.12
CA MET A 45 6.77 6.64 13.01
C MET A 45 6.32 6.26 11.61
N CYS A 46 6.93 5.23 11.04
CA CYS A 46 6.66 4.87 9.66
C CYS A 46 5.40 4.02 9.57
N LEU A 47 4.80 3.97 8.38
CA LEU A 47 3.52 3.29 8.20
C LEU A 47 3.71 1.82 7.86
N ARG A 48 3.31 0.96 8.78
CA ARG A 48 3.41 -0.48 8.60
C ARG A 48 2.07 -1.04 8.11
N LEU A 49 2.06 -1.58 6.91
CA LEU A 49 0.83 -2.16 6.38
C LEU A 49 0.75 -3.65 6.66
N ALA A 50 -0.46 -4.14 6.84
CA ALA A 50 -0.69 -5.55 7.12
C ALA A 50 -1.93 -6.06 6.38
N ALA A 51 -2.04 -7.36 6.23
CA ALA A 51 -3.17 -7.96 5.55
C ALA A 51 -3.69 -9.16 6.32
N GLY A 52 -4.90 -9.05 6.84
CA GLY A 52 -5.48 -10.12 7.62
C GLY A 52 -6.50 -10.91 6.84
N ARG A 53 -6.11 -12.05 6.30
CA ARG A 53 -7.00 -12.89 5.54
C ARG A 53 -7.96 -13.65 6.46
N ASN A 54 -9.26 -13.42 6.28
CA ASN A 54 -10.25 -14.18 7.02
C ASN A 54 -10.35 -15.58 6.45
N PRO A 55 -10.79 -16.56 7.25
CA PRO A 55 -10.89 -17.96 6.81
C PRO A 55 -11.76 -18.14 5.57
N ASP A 56 -12.68 -17.19 5.33
CA ASP A 56 -13.57 -17.25 4.19
C ASP A 56 -12.91 -16.70 2.93
N GLY A 57 -11.66 -16.25 3.07
CA GLY A 57 -10.93 -15.74 1.93
C GLY A 57 -10.96 -14.22 1.86
N SER A 58 -11.89 -13.63 2.61
CA SER A 58 -12.02 -12.18 2.64
C SER A 58 -10.83 -11.54 3.35
N ILE A 59 -10.02 -10.79 2.61
CA ILE A 59 -8.83 -10.19 3.17
C ILE A 59 -9.12 -8.83 3.77
N ASP A 60 -8.90 -8.68 5.07
CA ASP A 60 -9.03 -7.38 5.73
C ASP A 60 -7.69 -6.67 5.69
N TYR A 61 -7.60 -5.64 4.87
CA TYR A 61 -6.38 -4.87 4.76
C TYR A 61 -6.27 -3.93 5.95
N ARG A 62 -5.14 -3.99 6.64
CA ARG A 62 -4.99 -3.28 7.90
C ARG A 62 -3.83 -2.31 7.84
N MET A 63 -4.05 -1.11 8.35
CA MET A 63 -3.04 -0.07 8.34
C MET A 63 -2.65 0.31 9.77
N GLY A 64 -1.36 0.43 10.02
CA GLY A 64 -0.89 0.82 11.33
C GLY A 64 0.49 1.44 11.27
N PHE A 65 0.99 1.92 12.39
CA PHE A 65 2.31 2.52 12.43
C PHE A 65 3.26 1.64 13.23
N ASP A 66 4.52 1.59 12.81
CA ASP A 66 5.51 0.78 13.50
C ASP A 66 6.92 1.32 13.20
N ASP A 67 7.94 0.64 13.71
CA ASP A 67 9.31 1.12 13.60
C ASP A 67 9.81 1.10 12.16
N LEU A 68 10.92 1.78 11.94
CA LEU A 68 11.48 1.95 10.61
C LEU A 68 12.77 1.14 10.49
N THR A 69 12.76 0.14 9.63
CA THR A 69 13.95 -0.67 9.39
C THR A 69 14.42 -0.49 7.96
N GLU A 70 15.73 -0.44 7.75
CA GLU A 70 16.29 -0.36 6.41
C GLU A 70 16.27 -1.74 5.76
N ASP A 71 15.86 -2.74 6.54
CA ASP A 71 15.75 -4.12 6.05
C ASP A 71 14.38 -4.37 5.45
N ASP A 72 13.42 -3.50 5.80
CA ASP A 72 12.04 -3.64 5.32
C ASP A 72 11.89 -2.99 3.96
N ILE A 73 10.82 -3.34 3.26
CA ILE A 73 10.53 -2.74 1.98
C ILE A 73 10.06 -1.30 2.16
N ARG A 74 10.92 -0.37 1.78
CA ARG A 74 10.66 1.05 1.93
C ARG A 74 9.94 1.61 0.71
N LEU A 75 8.64 1.83 0.86
CA LEU A 75 7.84 2.35 -0.24
C LEU A 75 7.51 3.82 -0.02
N THR A 76 8.23 4.70 -0.71
CA THR A 76 7.93 6.11 -0.64
C THR A 76 6.96 6.49 -1.76
N SER A 77 5.68 6.58 -1.41
CA SER A 77 4.66 6.84 -2.41
C SER A 77 4.03 8.21 -2.21
N GLU A 78 4.30 9.11 -3.17
CA GLU A 78 3.73 10.45 -3.20
C GLU A 78 4.38 11.35 -2.13
N GLY A 79 4.31 10.91 -0.89
CA GLY A 79 4.84 11.69 0.21
C GLY A 79 4.95 10.87 1.48
N VAL A 80 4.09 9.86 1.62
CA VAL A 80 4.12 9.01 2.78
C VAL A 80 5.03 7.81 2.55
N GLU A 81 5.84 7.48 3.54
CA GLU A 81 6.75 6.35 3.44
C GLU A 81 6.12 5.13 4.10
N ILE A 82 6.12 4.02 3.37
CA ILE A 82 5.52 2.79 3.84
C ILE A 82 6.60 1.74 4.13
N VAL A 83 6.46 1.02 5.23
CA VAL A 83 7.33 -0.10 5.54
C VAL A 83 6.51 -1.38 5.65
N ILE A 84 6.71 -2.27 4.70
CA ILE A 84 5.94 -3.51 4.65
C ILE A 84 6.84 -4.72 4.74
N ALA A 85 6.41 -5.70 5.53
CA ALA A 85 7.17 -6.94 5.69
C ALA A 85 6.73 -7.96 4.65
N PRO A 86 7.63 -8.87 4.25
CA PRO A 86 7.39 -9.86 3.19
C PRO A 86 6.12 -10.68 3.41
N ASP A 87 5.76 -10.86 4.68
CA ASP A 87 4.58 -11.65 5.04
C ASP A 87 3.30 -10.98 4.54
N TYR A 88 3.33 -9.66 4.40
CA TYR A 88 2.14 -8.92 3.99
C TYR A 88 2.20 -8.54 2.52
N VAL A 89 3.41 -8.50 1.98
CA VAL A 89 3.63 -8.11 0.57
C VAL A 89 2.83 -9.00 -0.39
N SER A 90 2.61 -10.24 0.02
CA SER A 90 1.95 -11.22 -0.84
C SER A 90 0.44 -10.97 -0.93
N LEU A 91 -0.05 -10.01 -0.15
CA LEU A 91 -1.50 -9.74 -0.11
C LEU A 91 -1.78 -8.25 -0.18
N LEU A 92 -0.79 -7.45 -0.57
CA LEU A 92 -0.96 -5.99 -0.55
C LEU A 92 -0.50 -5.33 -1.86
N ASP A 93 -0.09 -6.13 -2.84
CA ASP A 93 0.41 -5.56 -4.10
C ASP A 93 -0.76 -5.24 -5.03
N GLN A 94 -0.52 -4.30 -5.96
CA GLN A 94 -1.51 -3.88 -6.95
C GLN A 94 -2.64 -3.10 -6.29
N THR A 95 -2.39 -2.65 -5.07
CA THR A 95 -3.41 -2.01 -4.27
C THR A 95 -3.43 -0.50 -4.46
N THR A 96 -4.59 0.02 -4.79
CA THR A 96 -4.82 1.45 -4.87
C THR A 96 -5.49 1.93 -3.58
N LEU A 97 -4.88 2.91 -2.94
CA LEU A 97 -5.39 3.42 -1.68
C LEU A 97 -6.15 4.72 -1.89
N ASP A 98 -7.47 4.65 -1.73
CA ASP A 98 -8.32 5.82 -1.84
C ASP A 98 -9.05 6.06 -0.52
N TYR A 99 -9.38 7.32 -0.26
CA TYR A 99 -10.13 7.65 0.94
C TYR A 99 -11.56 8.00 0.55
N VAL A 100 -12.49 7.10 0.83
CA VAL A 100 -13.87 7.31 0.45
C VAL A 100 -14.74 7.49 1.67
N GLU A 101 -15.74 8.34 1.54
CA GLU A 101 -16.63 8.65 2.63
C GLU A 101 -17.68 7.55 2.79
N LEU A 102 -17.34 6.51 3.54
CA LEU A 102 -18.33 5.49 3.91
C LEU A 102 -19.18 5.99 5.06
N GLU A 103 -18.61 6.89 5.85
CA GLU A 103 -19.32 7.53 6.95
C GLU A 103 -19.34 9.04 6.72
N PRO A 104 -20.50 9.69 6.96
CA PRO A 104 -20.65 11.13 6.71
C PRO A 104 -19.64 11.97 7.48
N GLY A 105 -18.69 12.55 6.75
CA GLY A 105 -17.67 13.38 7.38
C GLY A 105 -16.42 12.60 7.73
N GLN A 106 -16.49 11.28 7.64
CA GLN A 106 -15.37 10.42 7.98
C GLN A 106 -14.93 9.62 6.77
N PHE A 107 -13.78 9.98 6.22
CA PHE A 107 -13.25 9.30 5.06
C PHE A 107 -12.53 8.03 5.46
N HIS A 108 -13.04 6.90 4.98
CA HIS A 108 -12.49 5.60 5.29
C HIS A 108 -11.60 5.14 4.14
N PHE A 109 -10.41 4.67 4.50
CA PHE A 109 -9.46 4.21 3.49
C PHE A 109 -9.87 2.85 2.95
N ILE A 110 -9.97 2.76 1.64
CA ILE A 110 -10.27 1.50 0.99
C ILE A 110 -9.10 1.05 0.14
N PHE A 111 -8.85 -0.24 0.13
CA PHE A 111 -7.74 -0.81 -0.61
C PHE A 111 -8.26 -1.53 -1.85
N LEU A 112 -8.16 -0.85 -2.98
CA LEU A 112 -8.70 -1.36 -4.23
C LEU A 112 -7.60 -2.07 -5.02
N ASN A 113 -7.69 -3.39 -5.11
CA ASN A 113 -6.74 -4.16 -5.89
C ASN A 113 -7.44 -5.28 -6.64
N PRO A 114 -6.90 -5.69 -7.80
CA PRO A 114 -7.40 -6.82 -8.56
C PRO A 114 -6.85 -8.15 -8.02
N ARG A 115 -6.58 -8.17 -6.73
CA ARG A 115 -6.04 -9.35 -6.09
C ARG A 115 -7.11 -10.01 -5.22
N ASP A 116 -8.02 -9.20 -4.71
CA ASP A 116 -9.16 -9.70 -3.95
C ASP A 116 -10.36 -9.84 -4.89
N PRO A 117 -11.14 -10.93 -4.72
CA PRO A 117 -12.32 -11.21 -5.55
C PRO A 117 -13.33 -10.05 -5.65
N THR A 118 -13.17 -9.03 -4.81
CA THR A 118 -14.00 -7.83 -4.89
C THR A 118 -13.83 -7.14 -6.25
N TYR A 119 -12.59 -7.11 -6.73
CA TYR A 119 -12.30 -6.52 -8.04
C TYR A 119 -11.61 -7.54 -8.93
N ARG A 120 -12.35 -7.99 -9.93
CA ARG A 120 -11.91 -9.10 -10.76
C ARG A 120 -11.38 -8.62 -12.10
N PRO A 121 -10.13 -8.97 -12.42
CA PRO A 121 -9.55 -8.68 -13.73
C PRO A 121 -10.02 -9.67 -14.79
N PRO A 122 -10.06 -9.25 -16.06
CA PRO A 122 -10.47 -10.12 -17.17
C PRO A 122 -9.53 -11.30 -17.37
N SER A 123 -8.32 -11.15 -16.86
CA SER A 123 -7.30 -12.20 -16.95
C SER A 123 -7.30 -13.06 -15.69
N GLY A 124 -8.22 -12.76 -14.77
CA GLY A 124 -8.29 -13.50 -13.53
C GLY A 124 -9.58 -14.30 -13.41
N GLY A 125 -9.80 -14.90 -12.26
CA GLY A 125 -10.97 -15.72 -12.05
C GLY A 125 -10.62 -17.08 -11.52
N MET A 1 20.62 -4.67 -28.27
CA MET A 1 19.44 -5.41 -27.77
C MET A 1 19.16 -6.59 -28.69
N GLY A 2 18.47 -7.60 -28.15
CA GLY A 2 18.09 -8.74 -28.95
C GLY A 2 17.15 -8.36 -30.06
N SER A 3 16.22 -7.48 -29.74
CA SER A 3 15.29 -6.94 -30.72
C SER A 3 15.30 -5.42 -30.66
N SER A 4 15.92 -4.80 -31.66
CA SER A 4 15.98 -3.35 -31.75
C SER A 4 14.60 -2.80 -32.04
N HIS A 5 13.77 -3.60 -32.71
CA HIS A 5 12.39 -3.23 -32.98
C HIS A 5 11.52 -3.72 -31.83
N HIS A 6 11.18 -2.80 -30.94
CA HIS A 6 10.44 -3.16 -29.74
C HIS A 6 8.99 -3.50 -30.09
N HIS A 7 8.61 -4.74 -29.84
CA HIS A 7 7.25 -5.20 -30.11
C HIS A 7 6.27 -4.48 -29.21
N HIS A 8 6.74 -4.10 -28.03
CA HIS A 8 6.00 -3.18 -27.18
C HIS A 8 6.50 -1.77 -27.46
N HIS A 9 5.88 -1.13 -28.44
CA HIS A 9 6.39 0.14 -28.95
C HIS A 9 6.05 1.30 -28.03
N HIS A 10 6.96 1.60 -27.12
CA HIS A 10 6.85 2.78 -26.29
C HIS A 10 7.75 3.85 -26.88
N SER A 11 7.48 5.12 -26.59
CA SER A 11 8.22 6.22 -27.19
C SER A 11 9.62 6.37 -26.58
N SER A 12 10.02 5.39 -25.79
CA SER A 12 11.33 5.39 -25.16
C SER A 12 12.21 4.29 -25.75
N GLY A 13 13.43 4.64 -26.13
CA GLY A 13 14.35 3.66 -26.66
C GLY A 13 14.92 2.77 -25.57
N LEU A 14 15.03 3.32 -24.37
CA LEU A 14 15.54 2.56 -23.23
C LEU A 14 14.41 1.76 -22.57
N VAL A 15 14.79 0.73 -21.84
CA VAL A 15 13.83 -0.13 -21.16
C VAL A 15 13.52 0.39 -19.76
N PRO A 16 12.25 0.35 -19.35
CA PRO A 16 11.81 0.80 -18.03
C PRO A 16 12.26 -0.15 -16.92
N ARG A 17 12.19 0.34 -15.69
CA ARG A 17 12.58 -0.45 -14.53
C ARG A 17 11.36 -1.03 -13.85
N GLY A 18 11.48 -2.27 -13.38
CA GLY A 18 10.37 -2.92 -12.72
C GLY A 18 10.12 -2.38 -11.34
N SER A 19 8.85 -2.32 -10.96
CA SER A 19 8.47 -1.82 -9.65
C SER A 19 8.64 -2.91 -8.60
N HIS A 20 8.50 -2.53 -7.33
CA HIS A 20 8.60 -3.48 -6.24
C HIS A 20 7.21 -3.88 -5.78
N MET A 21 6.37 -2.87 -5.61
CA MET A 21 5.00 -3.06 -5.18
C MET A 21 4.08 -2.19 -6.03
N MET A 22 2.93 -2.72 -6.41
CA MET A 22 1.97 -1.96 -7.19
C MET A 22 0.96 -1.26 -6.28
N PHE A 23 1.32 -1.13 -5.01
CA PHE A 23 0.50 -0.41 -4.04
C PHE A 23 0.48 1.06 -4.40
N LYS A 24 -0.70 1.58 -4.72
CA LYS A 24 -0.84 2.97 -5.12
C LYS A 24 -1.53 3.77 -4.04
N LEU A 25 -0.81 4.67 -3.40
CA LEU A 25 -1.39 5.55 -2.41
C LEU A 25 -1.56 6.94 -3.02
N THR A 26 -2.80 7.38 -3.15
CA THR A 26 -3.09 8.67 -3.77
C THR A 26 -2.57 9.82 -2.92
N PRO A 27 -2.19 10.93 -3.55
CA PRO A 27 -1.75 12.13 -2.84
C PRO A 27 -2.85 12.69 -1.95
N ALA A 28 -4.08 12.31 -2.26
CA ALA A 28 -5.23 12.71 -1.47
C ALA A 28 -5.30 11.90 -0.18
N ALA A 29 -5.29 10.58 -0.30
CA ALA A 29 -5.37 9.70 0.85
C ALA A 29 -4.15 9.84 1.74
N ALA A 30 -2.98 10.00 1.11
CA ALA A 30 -1.73 10.20 1.84
C ALA A 30 -1.80 11.44 2.73
N GLU A 31 -2.53 12.44 2.25
CA GLU A 31 -2.72 13.68 3.00
C GLU A 31 -3.50 13.41 4.28
N GLN A 32 -4.53 12.56 4.18
CA GLN A 32 -5.34 12.24 5.34
C GLN A 32 -4.58 11.30 6.28
N VAL A 33 -3.66 10.52 5.73
CA VAL A 33 -2.76 9.72 6.54
C VAL A 33 -1.85 10.63 7.34
N LEU A 34 -1.35 11.67 6.68
CA LEU A 34 -0.56 12.70 7.34
C LEU A 34 -1.39 13.40 8.42
N LYS A 35 -2.64 13.70 8.07
CA LYS A 35 -3.61 14.28 8.99
C LYS A 35 -3.75 13.42 10.23
N ALA A 36 -3.94 12.11 10.04
CA ALA A 36 -4.09 11.18 11.14
C ALA A 36 -2.80 11.09 11.97
N ALA A 37 -1.67 11.09 11.29
CA ALA A 37 -0.38 11.03 11.95
C ALA A 37 -0.16 12.24 12.86
N LYS A 38 -0.53 13.41 12.36
CA LYS A 38 -0.36 14.65 13.12
C LYS A 38 -1.33 14.73 14.27
N GLN A 39 -2.59 14.39 14.01
CA GLN A 39 -3.64 14.48 15.04
C GLN A 39 -3.53 13.32 16.03
N GLY A 40 -2.76 12.30 15.66
CA GLY A 40 -2.54 11.19 16.57
C GLY A 40 -1.23 11.33 17.33
N GLY A 41 -0.36 12.19 16.83
CA GLY A 41 0.93 12.40 17.46
C GLY A 41 1.86 11.23 17.22
N THR A 42 1.81 10.67 16.02
CA THR A 42 2.60 9.50 15.69
C THR A 42 3.51 9.76 14.49
N GLU A 43 3.89 11.02 14.32
CA GLU A 43 4.72 11.44 13.18
C GLU A 43 6.13 10.86 13.27
N GLY A 44 6.50 10.32 14.42
CA GLY A 44 7.85 9.86 14.63
C GLY A 44 8.09 8.43 14.17
N MET A 45 7.07 7.78 13.62
CA MET A 45 7.22 6.41 13.17
C MET A 45 6.80 6.26 11.72
N CYS A 46 7.05 5.08 11.16
CA CYS A 46 6.80 4.83 9.75
C CYS A 46 5.50 4.05 9.57
N LEU A 47 4.85 4.25 8.43
CA LEU A 47 3.62 3.52 8.12
C LEU A 47 3.95 2.09 7.73
N ARG A 48 3.57 1.15 8.59
CA ARG A 48 3.83 -0.24 8.33
C ARG A 48 2.51 -0.95 8.06
N LEU A 49 2.44 -1.66 6.94
CA LEU A 49 1.20 -2.28 6.53
C LEU A 49 1.17 -3.75 6.91
N ALA A 50 0.13 -4.12 7.64
CA ALA A 50 -0.05 -5.52 8.04
C ALA A 50 -1.29 -6.08 7.36
N ALA A 51 -1.20 -7.32 6.92
CA ALA A 51 -2.30 -7.94 6.19
C ALA A 51 -2.62 -9.32 6.76
N GLY A 52 -3.89 -9.60 6.89
CA GLY A 52 -4.33 -10.90 7.37
C GLY A 52 -5.17 -11.60 6.33
N ARG A 53 -5.38 -12.89 6.50
CA ARG A 53 -6.18 -13.65 5.56
C ARG A 53 -7.50 -14.08 6.19
N ASN A 54 -8.60 -13.74 5.54
CA ASN A 54 -9.89 -14.25 5.94
C ASN A 54 -10.19 -15.47 5.09
N PRO A 55 -10.33 -16.64 5.74
CA PRO A 55 -10.42 -17.96 5.10
C PRO A 55 -11.12 -17.96 3.73
N ASP A 56 -10.31 -17.77 2.69
CA ASP A 56 -10.78 -17.78 1.30
C ASP A 56 -12.00 -16.88 1.08
N GLY A 57 -12.03 -15.77 1.82
CA GLY A 57 -13.11 -14.82 1.67
C GLY A 57 -12.62 -13.48 1.20
N SER A 58 -11.84 -12.81 2.05
CA SER A 58 -11.31 -11.50 1.75
C SER A 58 -9.97 -11.28 2.44
N ILE A 59 -9.29 -10.20 2.09
CA ILE A 59 -8.02 -9.85 2.71
C ILE A 59 -8.24 -8.85 3.85
N ASP A 60 -7.56 -9.06 4.96
CA ASP A 60 -7.65 -8.16 6.11
C ASP A 60 -6.53 -7.12 6.04
N TYR A 61 -6.89 -5.86 6.18
CA TYR A 61 -5.93 -4.77 6.04
C TYR A 61 -5.78 -3.98 7.34
N ARG A 62 -4.54 -3.81 7.79
CA ARG A 62 -4.25 -2.97 8.93
C ARG A 62 -3.15 -1.99 8.61
N MET A 63 -3.48 -0.71 8.63
CA MET A 63 -2.49 0.33 8.37
C MET A 63 -2.14 1.04 9.67
N GLY A 64 -0.94 0.82 10.17
CA GLY A 64 -0.54 1.43 11.42
C GLY A 64 0.87 1.93 11.40
N PHE A 65 1.23 2.74 12.36
CA PHE A 65 2.58 3.26 12.46
C PHE A 65 3.43 2.34 13.32
N ASP A 66 4.60 2.01 12.83
CA ASP A 66 5.52 1.12 13.53
C ASP A 66 6.95 1.60 13.25
N ASP A 67 7.93 1.00 13.90
CA ASP A 67 9.31 1.41 13.67
C ASP A 67 9.82 0.79 12.37
N LEU A 68 10.61 1.56 11.64
CA LEU A 68 11.11 1.14 10.34
C LEU A 68 12.12 0.00 10.49
N THR A 69 11.77 -1.15 9.95
CA THR A 69 12.65 -2.30 9.95
C THR A 69 13.34 -2.46 8.59
N GLU A 70 14.60 -2.88 8.61
CA GLU A 70 15.38 -3.02 7.38
C GLU A 70 14.88 -4.18 6.53
N ASP A 71 14.21 -5.13 7.16
CA ASP A 71 13.74 -6.33 6.48
C ASP A 71 12.52 -6.03 5.61
N ASP A 72 11.79 -4.99 5.96
CA ASP A 72 10.58 -4.62 5.25
C ASP A 72 10.90 -3.86 3.98
N ILE A 73 10.03 -3.97 2.98
CA ILE A 73 10.22 -3.28 1.71
C ILE A 73 9.74 -1.83 1.84
N ARG A 74 10.56 -0.90 1.38
CA ARG A 74 10.24 0.52 1.51
C ARG A 74 9.45 1.02 0.31
N LEU A 75 8.36 1.71 0.60
CA LEU A 75 7.56 2.34 -0.44
C LEU A 75 7.39 3.82 -0.16
N THR A 76 8.10 4.64 -0.90
CA THR A 76 7.96 6.08 -0.77
C THR A 76 6.81 6.58 -1.63
N SER A 77 5.72 6.97 -0.99
CA SER A 77 4.59 7.54 -1.69
C SER A 77 4.79 9.05 -1.82
N GLU A 78 3.70 9.80 -1.92
CA GLU A 78 3.79 11.24 -2.07
C GLU A 78 3.96 11.89 -0.71
N GLY A 79 5.06 11.55 -0.04
CA GLY A 79 5.37 12.13 1.25
C GLY A 79 5.40 11.09 2.36
N VAL A 80 4.51 10.10 2.26
CA VAL A 80 4.38 9.09 3.29
C VAL A 80 5.36 7.94 3.04
N GLU A 81 6.17 7.64 4.04
CA GLU A 81 7.10 6.52 3.97
C GLU A 81 6.42 5.26 4.48
N ILE A 82 6.34 4.26 3.61
CA ILE A 82 5.66 3.02 3.93
C ILE A 82 6.64 1.86 3.95
N VAL A 83 6.44 0.91 4.85
CA VAL A 83 7.21 -0.31 4.88
C VAL A 83 6.29 -1.53 4.92
N ILE A 84 6.62 -2.54 4.12
CA ILE A 84 5.80 -3.74 4.02
C ILE A 84 6.65 -5.00 4.20
N ALA A 85 6.25 -5.83 5.16
CA ALA A 85 6.94 -7.07 5.43
C ALA A 85 6.68 -8.09 4.32
N PRO A 86 7.71 -8.90 3.97
CA PRO A 86 7.62 -9.90 2.90
C PRO A 86 6.40 -10.81 3.03
N ASP A 87 6.03 -11.12 4.27
CA ASP A 87 4.88 -11.98 4.55
C ASP A 87 3.59 -11.38 3.99
N TYR A 88 3.48 -10.06 4.05
CA TYR A 88 2.23 -9.38 3.71
C TYR A 88 2.28 -8.83 2.28
N VAL A 89 3.47 -8.85 1.69
CA VAL A 89 3.69 -8.30 0.34
C VAL A 89 2.58 -8.69 -0.66
N SER A 90 2.31 -9.97 -0.81
CA SER A 90 1.39 -10.44 -1.84
C SER A 90 -0.05 -9.98 -1.59
N LEU A 91 -0.37 -9.64 -0.35
CA LEU A 91 -1.72 -9.23 -0.01
C LEU A 91 -1.89 -7.72 -0.11
N LEU A 92 -0.76 -7.01 -0.02
CA LEU A 92 -0.77 -5.55 -0.03
C LEU A 92 -0.35 -5.02 -1.39
N ASP A 93 -0.10 -5.93 -2.32
CA ASP A 93 0.36 -5.54 -3.65
C ASP A 93 -0.83 -5.29 -4.57
N GLN A 94 -0.66 -4.37 -5.51
CA GLN A 94 -1.70 -3.98 -6.47
C GLN A 94 -2.89 -3.35 -5.76
N THR A 95 -2.68 -2.92 -4.53
CA THR A 95 -3.73 -2.29 -3.76
C THR A 95 -3.71 -0.78 -3.97
N THR A 96 -4.77 -0.26 -4.56
CA THR A 96 -4.91 1.17 -4.73
C THR A 96 -5.69 1.76 -3.56
N LEU A 97 -5.06 2.66 -2.82
CA LEU A 97 -5.64 3.22 -1.62
C LEU A 97 -6.05 4.67 -1.84
N ASP A 98 -7.33 4.96 -1.65
CA ASP A 98 -7.83 6.32 -1.72
C ASP A 98 -8.97 6.49 -0.72
N TYR A 99 -9.40 7.71 -0.47
CA TYR A 99 -10.48 7.93 0.47
C TYR A 99 -11.70 8.53 -0.23
N VAL A 100 -12.86 7.94 0.03
CA VAL A 100 -14.11 8.42 -0.54
C VAL A 100 -15.22 8.35 0.50
N GLU A 101 -16.23 9.19 0.35
CA GLU A 101 -17.38 9.13 1.22
C GLU A 101 -18.28 7.96 0.85
N LEU A 102 -18.00 6.80 1.44
CA LEU A 102 -18.89 5.66 1.31
C LEU A 102 -20.14 5.91 2.14
N GLU A 103 -20.00 6.86 3.07
CA GLU A 103 -21.12 7.36 3.85
C GLU A 103 -21.02 8.87 3.90
N PRO A 104 -22.14 9.58 3.74
CA PRO A 104 -22.17 11.04 3.82
C PRO A 104 -21.62 11.54 5.15
N GLY A 105 -20.43 12.12 5.11
CA GLY A 105 -19.81 12.62 6.32
C GLY A 105 -18.66 11.74 6.79
N GLN A 106 -18.53 10.55 6.20
CA GLN A 106 -17.46 9.64 6.58
C GLN A 106 -16.56 9.32 5.40
N PHE A 107 -15.32 9.81 5.47
CA PHE A 107 -14.34 9.53 4.45
C PHE A 107 -13.67 8.19 4.74
N HIS A 108 -14.06 7.17 3.99
CA HIS A 108 -13.52 5.84 4.20
C HIS A 108 -12.40 5.54 3.22
N PHE A 109 -11.35 4.93 3.71
CA PHE A 109 -10.25 4.50 2.87
C PHE A 109 -10.65 3.22 2.15
N ILE A 110 -10.50 3.23 0.83
CA ILE A 110 -10.86 2.07 0.03
C ILE A 110 -9.62 1.39 -0.51
N PHE A 111 -9.61 0.07 -0.41
CA PHE A 111 -8.51 -0.73 -0.90
C PHE A 111 -8.90 -1.43 -2.19
N LEU A 112 -8.55 -0.81 -3.30
CA LEU A 112 -8.87 -1.39 -4.61
C LEU A 112 -7.78 -2.36 -5.02
N ASN A 113 -8.01 -3.62 -4.72
CA ASN A 113 -7.07 -4.69 -5.03
C ASN A 113 -7.77 -5.75 -5.88
N PRO A 114 -7.23 -6.07 -7.05
CA PRO A 114 -7.82 -7.09 -7.94
C PRO A 114 -7.76 -8.51 -7.35
N ARG A 115 -7.02 -8.67 -6.25
CA ARG A 115 -6.91 -9.95 -5.57
C ARG A 115 -7.99 -10.10 -4.50
N ASP A 116 -8.92 -9.16 -4.48
CA ASP A 116 -10.02 -9.16 -3.52
C ASP A 116 -11.24 -8.53 -4.20
N PRO A 117 -12.48 -8.91 -3.80
CA PRO A 117 -13.71 -8.31 -4.34
C PRO A 117 -13.60 -6.80 -4.55
N THR A 118 -13.35 -6.41 -5.79
CA THR A 118 -13.06 -5.03 -6.11
C THR A 118 -14.31 -4.29 -6.58
N TYR A 119 -14.39 -3.01 -6.24
CA TYR A 119 -15.48 -2.18 -6.71
C TYR A 119 -15.22 -1.68 -8.11
N ARG A 120 -15.90 -2.28 -9.07
CA ARG A 120 -15.77 -1.87 -10.46
C ARG A 120 -17.03 -1.15 -10.92
N PRO A 121 -16.94 0.17 -11.09
CA PRO A 121 -18.08 1.00 -11.48
C PRO A 121 -18.52 0.74 -12.92
N PRO A 122 -19.83 0.51 -13.13
CA PRO A 122 -20.39 0.27 -14.48
C PRO A 122 -20.26 1.50 -15.37
N SER A 123 -19.86 2.62 -14.78
CA SER A 123 -19.63 3.85 -15.51
C SER A 123 -18.36 3.74 -16.36
N GLY A 124 -17.51 2.78 -16.04
CA GLY A 124 -16.29 2.57 -16.79
C GLY A 124 -15.07 2.53 -15.89
N GLY A 125 -14.61 3.69 -15.48
CA GLY A 125 -13.44 3.77 -14.63
C GLY A 125 -12.65 5.04 -14.89
N MET A 1 6.12 19.32 -34.17
CA MET A 1 7.05 19.43 -33.02
C MET A 1 8.42 18.91 -33.41
N GLY A 2 9.46 19.66 -33.06
CA GLY A 2 10.82 19.26 -33.35
C GLY A 2 11.34 18.23 -32.38
N SER A 3 10.55 17.19 -32.16
CA SER A 3 10.93 16.11 -31.26
C SER A 3 11.23 14.86 -32.07
N SER A 4 12.50 14.62 -32.33
CA SER A 4 12.92 13.47 -33.10
C SER A 4 13.43 12.37 -32.18
N HIS A 5 12.66 11.29 -32.05
CA HIS A 5 13.06 10.17 -31.21
C HIS A 5 14.13 9.36 -31.92
N HIS A 6 15.35 9.46 -31.43
CA HIS A 6 16.47 8.76 -32.03
C HIS A 6 16.45 7.29 -31.66
N HIS A 7 16.50 6.44 -32.68
CA HIS A 7 16.44 5.00 -32.47
C HIS A 7 17.83 4.40 -32.44
N HIS A 8 18.21 3.89 -31.27
CA HIS A 8 19.45 3.15 -31.14
C HIS A 8 19.15 1.65 -31.14
N HIS A 9 20.14 0.85 -31.51
CA HIS A 9 19.97 -0.60 -31.48
C HIS A 9 19.80 -1.07 -30.05
N HIS A 10 20.57 -0.48 -29.15
CA HIS A 10 20.43 -0.73 -27.73
C HIS A 10 19.61 0.39 -27.11
N SER A 11 18.34 0.13 -26.90
CA SER A 11 17.43 1.13 -26.38
C SER A 11 17.61 1.30 -24.87
N SER A 12 17.13 2.42 -24.34
CA SER A 12 17.32 2.75 -22.94
C SER A 12 16.40 1.92 -22.04
N GLY A 13 15.45 1.22 -22.64
CA GLY A 13 14.54 0.39 -21.88
C GLY A 13 15.15 -0.95 -21.49
N LEU A 14 16.43 -1.12 -21.82
CA LEU A 14 17.14 -2.35 -21.51
C LEU A 14 17.57 -2.36 -20.04
N VAL A 15 17.55 -1.19 -19.42
CA VAL A 15 17.87 -1.07 -18.01
C VAL A 15 16.57 -1.06 -17.20
N PRO A 16 16.63 -1.45 -15.92
CA PRO A 16 15.45 -1.49 -15.05
C PRO A 16 14.77 -0.12 -14.93
N ARG A 17 13.63 0.02 -15.59
CA ARG A 17 12.86 1.27 -15.55
C ARG A 17 11.41 0.99 -15.17
N GLY A 18 11.07 1.30 -13.93
CA GLY A 18 9.73 1.07 -13.45
C GLY A 18 9.73 0.67 -11.99
N SER A 19 8.56 0.66 -11.36
CA SER A 19 8.45 0.28 -9.96
C SER A 19 8.11 -1.20 -9.82
N HIS A 20 8.53 -1.80 -8.72
CA HIS A 20 8.27 -3.22 -8.49
C HIS A 20 6.90 -3.42 -7.85
N MET A 21 6.78 -3.07 -6.57
CA MET A 21 5.51 -3.21 -5.87
C MET A 21 4.62 -2.01 -6.17
N MET A 22 3.51 -2.26 -6.83
CA MET A 22 2.67 -1.18 -7.33
C MET A 22 1.62 -0.75 -6.31
N PHE A 23 2.06 -0.37 -5.12
CA PHE A 23 1.17 0.16 -4.11
C PHE A 23 0.93 1.64 -4.39
N LYS A 24 -0.21 1.95 -4.98
CA LYS A 24 -0.51 3.31 -5.40
C LYS A 24 -1.40 4.02 -4.38
N LEU A 25 -0.79 4.87 -3.57
CA LEU A 25 -1.52 5.66 -2.61
C LEU A 25 -1.77 7.05 -3.17
N THR A 26 -3.03 7.44 -3.29
CA THR A 26 -3.38 8.72 -3.89
C THR A 26 -2.91 9.88 -3.02
N PRO A 27 -2.38 10.95 -3.65
CA PRO A 27 -1.89 12.14 -2.93
C PRO A 27 -2.92 12.72 -1.98
N ALA A 28 -4.18 12.67 -2.39
CA ALA A 28 -5.28 13.18 -1.58
C ALA A 28 -5.43 12.38 -0.29
N ALA A 29 -5.37 11.06 -0.39
CA ALA A 29 -5.49 10.20 0.77
C ALA A 29 -4.21 10.26 1.61
N ALA A 30 -3.08 10.41 0.93
CA ALA A 30 -1.78 10.51 1.58
C ALA A 30 -1.74 11.71 2.53
N GLU A 31 -2.45 12.77 2.18
CA GLU A 31 -2.49 13.96 3.02
C GLU A 31 -3.27 13.68 4.30
N GLN A 32 -4.28 12.83 4.21
CA GLN A 32 -5.07 12.47 5.37
C GLN A 32 -4.28 11.55 6.28
N VAL A 33 -3.51 10.64 5.68
CA VAL A 33 -2.60 9.78 6.41
C VAL A 33 -1.53 10.62 7.10
N LEU A 34 -0.99 11.59 6.36
CA LEU A 34 0.01 12.51 6.91
C LEU A 34 -0.60 13.33 8.04
N LYS A 35 -1.88 13.65 7.92
CA LYS A 35 -2.60 14.39 8.94
C LYS A 35 -2.58 13.64 10.27
N ALA A 36 -2.75 12.32 10.20
CA ALA A 36 -2.73 11.48 11.39
C ALA A 36 -1.36 11.50 12.07
N ALA A 37 -0.31 11.61 11.26
CA ALA A 37 1.04 11.73 11.80
C ALA A 37 1.29 13.15 12.28
N LYS A 38 0.66 14.11 11.60
CA LYS A 38 0.77 15.52 11.93
C LYS A 38 0.14 15.82 13.29
N GLN A 39 -0.72 14.92 13.75
CA GLN A 39 -1.32 15.03 15.07
C GLN A 39 -0.25 14.93 16.16
N GLY A 40 0.90 14.35 15.81
CA GLY A 40 2.01 14.28 16.74
C GLY A 40 2.20 12.91 17.33
N GLY A 41 3.46 12.56 17.60
CA GLY A 41 3.75 11.29 18.24
C GLY A 41 4.06 10.20 17.25
N THR A 42 3.20 10.05 16.25
CA THR A 42 3.35 8.99 15.26
C THR A 42 4.45 9.32 14.25
N GLU A 43 4.93 10.56 14.28
CA GLU A 43 6.04 10.97 13.42
C GLU A 43 7.27 10.12 13.69
N GLY A 44 7.90 9.65 12.64
CA GLY A 44 9.05 8.78 12.80
C GLY A 44 8.67 7.32 12.71
N MET A 45 7.42 7.04 12.99
CA MET A 45 6.89 5.69 12.89
C MET A 45 6.19 5.52 11.55
N CYS A 46 6.88 4.89 10.61
CA CYS A 46 6.38 4.74 9.26
C CYS A 46 5.14 3.85 9.21
N LEU A 47 4.36 3.99 8.17
CA LEU A 47 3.08 3.31 8.06
C LEU A 47 3.28 1.85 7.65
N ARG A 48 2.97 0.93 8.55
CA ARG A 48 3.07 -0.49 8.24
C ARG A 48 1.68 -1.02 7.91
N LEU A 49 1.58 -1.75 6.81
CA LEU A 49 0.33 -2.35 6.41
C LEU A 49 0.30 -3.82 6.80
N ALA A 50 -0.70 -4.20 7.58
CA ALA A 50 -0.83 -5.57 8.04
C ALA A 50 -2.05 -6.23 7.41
N ALA A 51 -1.80 -7.28 6.64
CA ALA A 51 -2.87 -8.01 5.99
C ALA A 51 -3.26 -9.22 6.81
N GLY A 52 -4.37 -9.10 7.53
CA GLY A 52 -4.85 -10.20 8.35
C GLY A 52 -5.50 -11.28 7.53
N ARG A 53 -4.88 -12.46 7.51
CA ARG A 53 -5.40 -13.58 6.75
C ARG A 53 -6.51 -14.29 7.51
N ASN A 54 -7.71 -14.27 6.94
CA ASN A 54 -8.81 -15.07 7.46
C ASN A 54 -8.89 -16.37 6.66
N PRO A 55 -9.52 -17.41 7.22
CA PRO A 55 -9.59 -18.74 6.58
C PRO A 55 -10.35 -18.74 5.24
N ASP A 56 -9.68 -18.26 4.20
CA ASP A 56 -10.18 -18.29 2.82
C ASP A 56 -11.45 -17.45 2.66
N GLY A 57 -11.77 -16.67 3.67
CA GLY A 57 -12.95 -15.84 3.62
C GLY A 57 -12.66 -14.41 3.23
N SER A 58 -11.80 -13.75 3.98
CA SER A 58 -11.47 -12.36 3.71
C SER A 58 -10.04 -12.04 4.15
N ILE A 59 -9.59 -10.85 3.77
CA ILE A 59 -8.29 -10.35 4.18
C ILE A 59 -8.48 -9.00 4.86
N ASP A 60 -7.93 -8.85 6.05
CA ASP A 60 -8.07 -7.60 6.79
C ASP A 60 -6.94 -6.65 6.45
N TYR A 61 -7.28 -5.61 5.70
CA TYR A 61 -6.31 -4.60 5.32
C TYR A 61 -6.21 -3.57 6.44
N ARG A 62 -5.21 -3.71 7.30
CA ARG A 62 -5.07 -2.79 8.43
C ARG A 62 -3.91 -1.82 8.20
N MET A 63 -4.20 -0.54 8.37
CA MET A 63 -3.22 0.51 8.23
C MET A 63 -2.84 1.07 9.61
N GLY A 64 -1.55 1.13 9.91
CA GLY A 64 -1.13 1.68 11.18
C GLY A 64 0.32 2.10 11.20
N PHE A 65 0.61 3.21 11.86
CA PHE A 65 1.99 3.67 12.03
C PHE A 65 2.71 2.73 12.99
N ASP A 66 3.82 2.18 12.55
CA ASP A 66 4.49 1.13 13.31
C ASP A 66 6.00 1.36 13.32
N ASP A 67 6.74 0.35 13.78
CA ASP A 67 8.18 0.45 13.90
C ASP A 67 8.86 0.33 12.54
N LEU A 68 9.99 1.03 12.38
CA LEU A 68 10.72 1.03 11.13
C LEU A 68 11.83 -0.01 11.16
N THR A 69 11.83 -0.89 10.16
CA THR A 69 12.92 -1.83 9.97
C THR A 69 13.25 -1.90 8.49
N GLU A 70 14.53 -1.85 8.14
CA GLU A 70 14.94 -1.81 6.75
C GLU A 70 14.84 -3.17 6.08
N ASP A 71 14.42 -4.16 6.84
CA ASP A 71 14.18 -5.50 6.28
C ASP A 71 12.83 -5.55 5.60
N ASP A 72 11.96 -4.62 5.95
CA ASP A 72 10.64 -4.52 5.33
C ASP A 72 10.76 -3.75 4.02
N ILE A 73 9.88 -4.05 3.08
CA ILE A 73 9.88 -3.35 1.81
C ILE A 73 9.35 -1.93 2.01
N ARG A 74 10.20 -0.96 1.75
CA ARG A 74 9.86 0.43 2.00
C ARG A 74 9.46 1.14 0.73
N LEU A 75 8.23 1.64 0.71
CA LEU A 75 7.69 2.37 -0.43
C LEU A 75 7.46 3.82 -0.06
N THR A 76 7.90 4.73 -0.91
CA THR A 76 7.71 6.14 -0.67
C THR A 76 6.72 6.71 -1.67
N SER A 77 5.53 7.08 -1.20
CA SER A 77 4.50 7.61 -2.08
C SER A 77 4.30 9.10 -1.80
N GLU A 78 4.92 9.93 -2.65
CA GLU A 78 4.84 11.39 -2.56
C GLU A 78 5.63 11.92 -1.36
N GLY A 79 5.30 11.41 -0.18
CA GLY A 79 5.93 11.86 1.04
C GLY A 79 5.71 10.89 2.17
N VAL A 80 4.57 10.21 2.14
CA VAL A 80 4.25 9.20 3.16
C VAL A 80 5.09 7.95 2.92
N GLU A 81 5.81 7.52 3.96
CA GLU A 81 6.68 6.37 3.85
C GLU A 81 5.95 5.11 4.32
N ILE A 82 5.84 4.14 3.43
CA ILE A 82 5.14 2.90 3.71
C ILE A 82 6.15 1.78 3.93
N VAL A 83 5.97 1.03 5.02
CA VAL A 83 6.80 -0.13 5.28
C VAL A 83 5.95 -1.39 5.30
N ILE A 84 6.15 -2.26 4.32
CA ILE A 84 5.37 -3.46 4.21
C ILE A 84 6.25 -4.70 4.33
N ALA A 85 5.96 -5.50 5.33
CA ALA A 85 6.69 -6.73 5.57
C ALA A 85 6.48 -7.73 4.44
N PRO A 86 7.53 -8.48 4.06
CA PRO A 86 7.49 -9.43 2.95
C PRO A 86 6.25 -10.33 2.94
N ASP A 87 5.79 -10.71 4.13
CA ASP A 87 4.63 -11.59 4.25
C ASP A 87 3.37 -10.94 3.69
N TYR A 88 3.21 -9.65 3.93
CA TYR A 88 1.98 -8.95 3.56
C TYR A 88 2.09 -8.38 2.14
N VAL A 89 3.32 -8.30 1.64
CA VAL A 89 3.57 -7.75 0.30
C VAL A 89 2.79 -8.49 -0.77
N SER A 90 2.72 -9.81 -0.64
CA SER A 90 2.09 -10.64 -1.64
C SER A 90 0.56 -10.42 -1.69
N LEU A 91 0.03 -9.77 -0.66
CA LEU A 91 -1.41 -9.54 -0.59
C LEU A 91 -1.76 -8.07 -0.84
N LEU A 92 -0.74 -7.23 -0.91
CA LEU A 92 -0.97 -5.79 -1.03
C LEU A 92 -0.32 -5.21 -2.28
N ASP A 93 0.18 -6.08 -3.15
CA ASP A 93 0.85 -5.63 -4.36
C ASP A 93 -0.14 -5.18 -5.42
N GLN A 94 0.16 -4.03 -6.02
CA GLN A 94 -0.65 -3.46 -7.11
C GLN A 94 -2.02 -3.00 -6.60
N THR A 95 -2.10 -2.75 -5.31
CA THR A 95 -3.32 -2.24 -4.72
C THR A 95 -3.35 -0.72 -4.81
N THR A 96 -4.51 -0.16 -5.08
CA THR A 96 -4.67 1.28 -5.11
C THR A 96 -5.37 1.76 -3.85
N LEU A 97 -4.72 2.63 -3.10
CA LEU A 97 -5.27 3.09 -1.84
C LEU A 97 -5.82 4.51 -1.98
N ASP A 98 -7.13 4.62 -1.79
CA ASP A 98 -7.80 5.91 -1.86
C ASP A 98 -8.82 6.00 -0.73
N TYR A 99 -9.36 7.19 -0.49
CA TYR A 99 -10.30 7.37 0.61
C TYR A 99 -11.68 7.73 0.07
N VAL A 100 -12.70 7.05 0.57
CA VAL A 100 -14.08 7.35 0.19
C VAL A 100 -14.96 7.35 1.42
N GLU A 101 -15.95 8.23 1.46
CA GLU A 101 -16.85 8.29 2.59
C GLU A 101 -18.04 7.37 2.36
N LEU A 102 -17.80 6.07 2.56
CA LEU A 102 -18.85 5.07 2.42
C LEU A 102 -19.88 5.28 3.52
N GLU A 103 -19.38 5.38 4.74
CA GLU A 103 -20.21 5.65 5.89
C GLU A 103 -20.33 7.15 6.10
N PRO A 104 -21.54 7.67 6.25
CA PRO A 104 -21.78 9.11 6.44
C PRO A 104 -20.94 9.69 7.59
N GLY A 105 -19.97 10.52 7.24
CA GLY A 105 -19.13 11.15 8.23
C GLY A 105 -17.81 10.42 8.44
N GLN A 106 -17.72 9.20 7.93
CA GLN A 106 -16.54 8.36 8.15
C GLN A 106 -15.88 8.00 6.84
N PHE A 107 -14.73 8.60 6.58
CA PHE A 107 -13.95 8.26 5.40
C PHE A 107 -13.26 6.92 5.59
N HIS A 108 -13.38 6.06 4.60
CA HIS A 108 -12.74 4.75 4.63
C HIS A 108 -11.62 4.69 3.60
N PHE A 109 -10.44 4.29 4.04
CA PHE A 109 -9.36 4.02 3.12
C PHE A 109 -9.58 2.67 2.49
N ILE A 110 -9.76 2.66 1.18
CA ILE A 110 -10.11 1.44 0.47
C ILE A 110 -8.94 0.94 -0.36
N PHE A 111 -8.53 -0.28 -0.08
CA PHE A 111 -7.47 -0.91 -0.84
C PHE A 111 -8.05 -1.59 -2.06
N LEU A 112 -7.89 -0.94 -3.21
CA LEU A 112 -8.36 -1.48 -4.47
C LEU A 112 -7.45 -2.62 -4.90
N ASN A 113 -7.76 -3.78 -4.39
CA ASN A 113 -6.98 -4.99 -4.61
C ASN A 113 -7.53 -5.75 -5.81
N PRO A 114 -6.67 -6.03 -6.82
CA PRO A 114 -7.08 -6.78 -8.01
C PRO A 114 -7.69 -8.14 -7.69
N ARG A 115 -7.36 -8.69 -6.52
CA ARG A 115 -7.87 -10.00 -6.11
C ARG A 115 -9.02 -9.86 -5.11
N ASP A 116 -9.46 -8.62 -4.89
CA ASP A 116 -10.52 -8.36 -3.92
C ASP A 116 -11.89 -8.64 -4.57
N PRO A 117 -12.85 -9.16 -3.79
CA PRO A 117 -14.22 -9.41 -4.27
C PRO A 117 -14.94 -8.13 -4.70
N THR A 118 -14.51 -6.99 -4.19
CA THR A 118 -15.15 -5.72 -4.54
C THR A 118 -14.19 -4.81 -5.31
N TYR A 119 -14.57 -4.52 -6.55
CA TYR A 119 -13.78 -3.68 -7.46
C TYR A 119 -12.54 -4.41 -7.95
N ARG A 120 -12.45 -4.57 -9.25
CA ARG A 120 -11.29 -5.16 -9.88
C ARG A 120 -10.91 -4.34 -11.11
N PRO A 121 -9.62 -3.95 -11.21
CA PRO A 121 -9.11 -3.12 -12.32
C PRO A 121 -9.53 -3.63 -13.69
N PRO A 122 -9.67 -2.72 -14.68
CA PRO A 122 -10.11 -3.05 -16.04
C PRO A 122 -9.40 -4.27 -16.61
N SER A 123 -10.18 -5.19 -17.14
CA SER A 123 -9.66 -6.44 -17.67
C SER A 123 -8.92 -6.22 -19.00
N GLY A 124 -9.40 -5.26 -19.78
CA GLY A 124 -8.81 -4.99 -21.07
C GLY A 124 -7.70 -3.94 -20.99
N GLY A 125 -6.59 -4.32 -20.40
CA GLY A 125 -5.46 -3.41 -20.30
C GLY A 125 -4.27 -3.89 -21.10
N MET A 1 25.95 13.14 -44.02
CA MET A 1 26.55 14.42 -43.62
C MET A 1 25.89 14.94 -42.35
N GLY A 2 26.59 14.88 -41.23
CA GLY A 2 26.03 15.27 -39.96
C GLY A 2 25.27 14.13 -39.31
N SER A 3 25.39 12.96 -39.91
CA SER A 3 24.67 11.78 -39.46
C SER A 3 25.52 11.00 -38.47
N SER A 4 24.86 10.20 -37.64
CA SER A 4 25.55 9.39 -36.65
C SER A 4 24.72 8.16 -36.29
N HIS A 5 25.38 7.07 -35.92
CA HIS A 5 24.70 5.88 -35.45
C HIS A 5 25.27 5.47 -34.10
N HIS A 6 24.56 5.85 -33.04
CA HIS A 6 25.03 5.60 -31.69
C HIS A 6 24.84 4.14 -31.31
N HIS A 7 25.95 3.47 -31.02
CA HIS A 7 25.95 2.06 -30.70
C HIS A 7 25.70 1.85 -29.21
N HIS A 8 25.34 0.62 -28.84
CA HIS A 8 25.10 0.28 -27.44
C HIS A 8 26.35 0.51 -26.60
N HIS A 9 27.50 0.26 -27.21
CA HIS A 9 28.79 0.38 -26.53
C HIS A 9 29.07 1.83 -26.14
N HIS A 10 28.41 2.76 -26.81
CA HIS A 10 28.61 4.18 -26.56
C HIS A 10 27.79 4.63 -25.36
N SER A 11 27.00 3.71 -24.82
CA SER A 11 26.16 3.99 -23.67
C SER A 11 26.36 2.91 -22.60
N SER A 12 26.02 3.24 -21.37
CA SER A 12 26.08 2.28 -20.27
C SER A 12 25.03 2.62 -19.22
N GLY A 13 24.44 1.58 -18.63
CA GLY A 13 23.33 1.79 -17.71
C GLY A 13 22.04 1.98 -18.47
N LEU A 14 21.70 1.00 -19.31
CA LEU A 14 20.55 1.10 -20.18
C LEU A 14 19.31 0.50 -19.53
N VAL A 15 19.48 -0.64 -18.89
CA VAL A 15 18.35 -1.36 -18.32
C VAL A 15 18.24 -1.12 -16.81
N PRO A 16 17.12 -0.52 -16.38
CA PRO A 16 16.81 -0.34 -14.96
C PRO A 16 16.25 -1.62 -14.36
N ARG A 17 16.83 -2.07 -13.28
CA ARG A 17 16.42 -3.32 -12.65
C ARG A 17 16.13 -3.09 -11.16
N GLY A 18 14.94 -3.46 -10.74
CA GLY A 18 14.56 -3.31 -9.36
C GLY A 18 13.25 -3.99 -9.07
N SER A 19 12.64 -3.64 -7.95
CA SER A 19 11.36 -4.23 -7.56
C SER A 19 10.65 -3.29 -6.60
N HIS A 20 9.42 -2.93 -6.93
CA HIS A 20 8.67 -1.97 -6.12
C HIS A 20 7.35 -2.59 -5.67
N MET A 21 6.82 -2.08 -4.56
CA MET A 21 5.50 -2.49 -4.09
C MET A 21 4.43 -1.97 -5.03
N MET A 22 3.50 -2.86 -5.40
CA MET A 22 2.41 -2.48 -6.29
C MET A 22 1.26 -1.85 -5.49
N PHE A 23 1.61 -1.20 -4.40
CA PHE A 23 0.65 -0.51 -3.57
C PHE A 23 0.86 0.99 -3.72
N LYS A 24 -0.22 1.74 -3.87
CA LYS A 24 -0.10 3.18 -3.99
C LYS A 24 -1.39 3.86 -3.56
N LEU A 25 -1.29 4.76 -2.61
CA LEU A 25 -2.41 5.62 -2.24
C LEU A 25 -2.31 6.94 -2.97
N THR A 26 -3.44 7.63 -3.08
CA THR A 26 -3.48 8.91 -3.76
C THR A 26 -2.82 10.00 -2.92
N PRO A 27 -2.42 11.12 -3.55
CA PRO A 27 -1.86 12.26 -2.83
C PRO A 27 -2.80 12.77 -1.75
N ALA A 28 -4.10 12.60 -2.01
CA ALA A 28 -5.12 12.99 -1.04
C ALA A 28 -5.11 12.04 0.16
N ALA A 29 -5.09 10.74 -0.13
CA ALA A 29 -5.03 9.73 0.93
C ALA A 29 -3.76 9.89 1.75
N ALA A 30 -2.65 10.16 1.06
CA ALA A 30 -1.36 10.37 1.73
C ALA A 30 -1.43 11.54 2.69
N GLU A 31 -2.09 12.61 2.27
CA GLU A 31 -2.23 13.80 3.11
C GLU A 31 -3.22 13.57 4.25
N GLN A 32 -4.14 12.63 4.06
CA GLN A 32 -5.07 12.26 5.11
C GLN A 32 -4.34 11.46 6.18
N VAL A 33 -3.37 10.66 5.75
CA VAL A 33 -2.48 9.95 6.66
C VAL A 33 -1.57 10.94 7.37
N LEU A 34 -1.07 11.91 6.61
CA LEU A 34 -0.25 12.99 7.17
C LEU A 34 -1.04 13.77 8.20
N LYS A 35 -2.33 13.97 7.93
CA LYS A 35 -3.24 14.62 8.88
C LYS A 35 -3.24 13.88 10.20
N ALA A 36 -3.36 12.55 10.14
CA ALA A 36 -3.37 11.72 11.34
C ALA A 36 -2.05 11.80 12.08
N ALA A 37 -0.94 11.74 11.33
CA ALA A 37 0.39 11.82 11.90
C ALA A 37 0.60 13.18 12.57
N LYS A 38 0.11 14.23 11.93
CA LYS A 38 0.23 15.58 12.44
C LYS A 38 -0.57 15.76 13.73
N GLN A 39 -1.72 15.09 13.79
CA GLN A 39 -2.57 15.13 14.98
C GLN A 39 -1.97 14.33 16.12
N GLY A 40 -1.62 13.08 15.84
CA GLY A 40 -1.15 12.18 16.87
C GLY A 40 0.28 12.44 17.28
N GLY A 41 1.06 13.04 16.40
CA GLY A 41 2.46 13.29 16.69
C GLY A 41 3.31 12.08 16.36
N THR A 42 2.81 11.25 15.45
CA THR A 42 3.49 10.02 15.07
C THR A 42 4.28 10.22 13.79
N GLU A 43 4.79 11.42 13.60
CA GLU A 43 5.54 11.78 12.39
C GLU A 43 6.86 11.02 12.32
N GLY A 44 7.38 10.62 13.48
CA GLY A 44 8.62 9.87 13.52
C GLY A 44 8.39 8.38 13.37
N MET A 45 7.13 8.00 13.22
CA MET A 45 6.76 6.60 13.04
C MET A 45 6.38 6.36 11.60
N CYS A 46 6.73 5.20 11.08
CA CYS A 46 6.55 4.92 9.67
C CYS A 46 5.23 4.20 9.42
N LEU A 47 4.67 4.38 8.24
CA LEU A 47 3.39 3.76 7.89
C LEU A 47 3.60 2.29 7.55
N ARG A 48 3.04 1.42 8.38
CA ARG A 48 3.13 0.00 8.16
C ARG A 48 1.78 -0.56 7.75
N LEU A 49 1.77 -1.37 6.71
CA LEU A 49 0.56 -2.05 6.29
C LEU A 49 0.52 -3.43 6.93
N ALA A 50 -0.60 -3.76 7.57
CA ALA A 50 -0.77 -5.04 8.21
C ALA A 50 -1.71 -5.92 7.41
N ALA A 51 -1.20 -7.04 6.93
CA ALA A 51 -1.97 -7.92 6.09
C ALA A 51 -2.32 -9.21 6.83
N GLY A 52 -3.62 -9.39 7.08
CA GLY A 52 -4.10 -10.63 7.65
C GLY A 52 -5.18 -11.23 6.78
N ARG A 53 -5.68 -12.39 7.13
CA ARG A 53 -6.74 -12.99 6.33
C ARG A 53 -7.88 -13.48 7.20
N ASN A 54 -9.07 -13.41 6.64
CA ASN A 54 -10.28 -13.90 7.29
C ASN A 54 -10.56 -15.32 6.78
N PRO A 55 -11.10 -16.20 7.64
CA PRO A 55 -11.40 -17.60 7.28
C PRO A 55 -12.33 -17.70 6.06
N ASP A 56 -13.03 -16.62 5.75
CA ASP A 56 -13.94 -16.59 4.60
C ASP A 56 -13.16 -16.48 3.30
N GLY A 57 -11.90 -16.11 3.40
CA GLY A 57 -11.08 -15.90 2.21
C GLY A 57 -10.85 -14.43 1.94
N SER A 58 -11.40 -13.59 2.81
CA SER A 58 -11.22 -12.15 2.70
C SER A 58 -9.90 -11.73 3.31
N ILE A 59 -9.34 -10.62 2.84
CA ILE A 59 -8.10 -10.11 3.37
C ILE A 59 -8.37 -8.99 4.37
N ASP A 60 -7.78 -9.10 5.54
CA ASP A 60 -7.99 -8.11 6.59
C ASP A 60 -6.94 -7.01 6.47
N TYR A 61 -7.31 -5.94 5.79
CA TYR A 61 -6.40 -4.83 5.56
C TYR A 61 -6.41 -3.86 6.73
N ARG A 62 -5.26 -3.74 7.39
CA ARG A 62 -5.12 -2.77 8.48
C ARG A 62 -3.90 -1.90 8.24
N MET A 63 -3.97 -0.64 8.64
CA MET A 63 -2.89 0.30 8.43
C MET A 63 -2.64 1.10 9.69
N GLY A 64 -1.40 1.54 9.87
CA GLY A 64 -1.08 2.37 11.01
C GLY A 64 0.39 2.72 11.07
N PHE A 65 0.75 3.58 12.00
CA PHE A 65 2.15 3.95 12.19
C PHE A 65 2.81 2.96 13.14
N ASP A 66 3.89 2.36 12.70
CA ASP A 66 4.54 1.30 13.46
C ASP A 66 6.07 1.50 13.43
N ASP A 67 6.80 0.47 13.79
CA ASP A 67 8.25 0.54 13.85
C ASP A 67 8.86 0.06 12.53
N LEU A 68 10.16 0.26 12.37
CA LEU A 68 10.84 -0.13 11.14
C LEU A 68 11.74 -1.33 11.35
N THR A 69 11.66 -2.29 10.43
CA THR A 69 12.59 -3.40 10.44
C THR A 69 13.59 -3.21 9.31
N GLU A 70 14.36 -4.23 9.01
CA GLU A 70 15.28 -4.18 7.89
C GLU A 70 14.83 -5.15 6.80
N ASP A 71 13.65 -5.74 7.03
CA ASP A 71 13.03 -6.63 6.05
C ASP A 71 12.11 -5.85 5.14
N ASP A 72 11.46 -4.84 5.73
CA ASP A 72 10.45 -4.05 5.04
C ASP A 72 10.95 -3.47 3.72
N ILE A 73 10.13 -3.60 2.70
CA ILE A 73 10.37 -2.93 1.43
C ILE A 73 9.91 -1.48 1.55
N ARG A 74 10.85 -0.57 1.41
CA ARG A 74 10.59 0.83 1.69
C ARG A 74 10.00 1.54 0.48
N LEU A 75 8.70 1.82 0.56
CA LEU A 75 8.01 2.55 -0.49
C LEU A 75 7.77 4.00 -0.07
N THR A 76 8.61 4.89 -0.55
CA THR A 76 8.49 6.30 -0.21
C THR A 76 7.56 7.02 -1.18
N SER A 77 6.43 7.50 -0.68
CA SER A 77 5.45 8.18 -1.51
C SER A 77 5.15 9.56 -0.95
N GLU A 78 5.61 10.60 -1.66
CA GLU A 78 5.44 12.01 -1.25
C GLU A 78 6.28 12.35 -0.01
N GLY A 79 6.19 11.51 0.99
CA GLY A 79 6.89 11.73 2.25
C GLY A 79 6.50 10.69 3.26
N VAL A 80 5.30 10.13 3.08
CA VAL A 80 4.84 9.04 3.92
C VAL A 80 5.41 7.74 3.39
N GLU A 81 6.30 7.12 4.15
CA GLU A 81 6.94 5.91 3.71
C GLU A 81 6.11 4.69 4.10
N ILE A 82 5.77 3.92 3.09
CA ILE A 82 4.97 2.74 3.27
C ILE A 82 5.87 1.51 3.28
N VAL A 83 6.07 0.93 4.45
CA VAL A 83 7.00 -0.18 4.59
C VAL A 83 6.26 -1.50 4.78
N ILE A 84 6.55 -2.46 3.91
CA ILE A 84 5.93 -3.76 3.96
C ILE A 84 6.99 -4.85 3.91
N ALA A 85 7.03 -5.69 4.94
CA ALA A 85 7.89 -6.86 4.94
C ALA A 85 7.43 -7.83 3.84
N PRO A 86 8.38 -8.52 3.18
CA PRO A 86 8.10 -9.43 2.07
C PRO A 86 7.10 -10.53 2.45
N ASP A 87 6.97 -10.77 3.76
CA ASP A 87 6.04 -11.76 4.28
C ASP A 87 4.59 -11.31 4.08
N TYR A 88 4.38 -10.00 4.06
CA TYR A 88 3.03 -9.43 3.93
C TYR A 88 2.75 -8.99 2.49
N VAL A 89 3.83 -8.75 1.74
CA VAL A 89 3.74 -8.25 0.36
C VAL A 89 2.76 -9.05 -0.50
N SER A 90 2.71 -10.35 -0.27
CA SER A 90 1.91 -11.26 -1.09
C SER A 90 0.42 -10.85 -1.15
N LEU A 91 -0.07 -10.19 -0.11
CA LEU A 91 -1.49 -9.87 -0.02
C LEU A 91 -1.77 -8.43 -0.47
N LEU A 92 -0.71 -7.65 -0.68
CA LEU A 92 -0.87 -6.22 -0.98
C LEU A 92 -0.56 -5.93 -2.45
N ASP A 93 -0.55 -6.98 -3.25
CA ASP A 93 -0.28 -6.86 -4.68
C ASP A 93 -1.41 -6.13 -5.41
N GLN A 94 -1.02 -5.27 -6.37
CA GLN A 94 -1.96 -4.54 -7.23
C GLN A 94 -3.00 -3.76 -6.45
N THR A 95 -2.63 -3.27 -5.27
CA THR A 95 -3.59 -2.59 -4.41
C THR A 95 -3.41 -1.07 -4.46
N THR A 96 -4.34 -0.39 -5.09
CA THR A 96 -4.37 1.07 -5.11
C THR A 96 -5.33 1.57 -4.04
N LEU A 97 -4.95 2.65 -3.35
CA LEU A 97 -5.71 3.10 -2.20
C LEU A 97 -6.17 4.56 -2.36
N ASP A 98 -7.42 4.80 -2.01
CA ASP A 98 -7.98 6.14 -1.92
C ASP A 98 -9.01 6.16 -0.80
N TYR A 99 -9.44 7.33 -0.36
CA TYR A 99 -10.42 7.39 0.72
C TYR A 99 -11.59 8.28 0.35
N VAL A 100 -12.80 7.78 0.57
CA VAL A 100 -14.01 8.55 0.31
C VAL A 100 -15.01 8.34 1.43
N GLU A 101 -15.80 9.36 1.71
CA GLU A 101 -16.80 9.27 2.75
C GLU A 101 -18.07 8.64 2.20
N LEU A 102 -18.20 7.33 2.35
CA LEU A 102 -19.41 6.63 1.93
C LEU A 102 -20.56 6.97 2.88
N GLU A 103 -20.35 6.69 4.15
CA GLU A 103 -21.32 7.01 5.19
C GLU A 103 -20.88 8.26 5.94
N PRO A 104 -21.83 9.15 6.27
CA PRO A 104 -21.54 10.44 6.91
C PRO A 104 -20.70 10.30 8.17
N GLY A 105 -19.52 10.90 8.15
CA GLY A 105 -18.64 10.87 9.31
C GLY A 105 -17.54 9.83 9.16
N GLN A 106 -17.81 8.81 8.36
CA GLN A 106 -16.87 7.73 8.18
C GLN A 106 -16.10 7.89 6.88
N PHE A 107 -14.87 8.38 6.99
CA PHE A 107 -13.99 8.42 5.83
C PHE A 107 -13.50 7.01 5.55
N HIS A 108 -14.07 6.42 4.51
CA HIS A 108 -13.86 5.01 4.24
C HIS A 108 -12.79 4.83 3.16
N PHE A 109 -11.76 4.08 3.51
CA PHE A 109 -10.69 3.78 2.58
C PHE A 109 -11.13 2.72 1.60
N ILE A 110 -10.98 3.01 0.31
CA ILE A 110 -11.38 2.09 -0.72
C ILE A 110 -10.16 1.49 -1.40
N PHE A 111 -10.14 0.17 -1.51
CA PHE A 111 -9.04 -0.52 -2.16
C PHE A 111 -9.44 -0.84 -3.60
N LEU A 112 -8.75 -0.22 -4.54
CA LEU A 112 -9.09 -0.35 -5.95
C LEU A 112 -8.42 -1.59 -6.56
N ASN A 113 -8.40 -2.68 -5.79
CA ASN A 113 -7.84 -3.93 -6.25
C ASN A 113 -8.94 -4.96 -6.45
N PRO A 114 -8.78 -5.86 -7.43
CA PRO A 114 -9.83 -6.82 -7.83
C PRO A 114 -10.09 -7.92 -6.81
N ARG A 115 -9.89 -7.62 -5.52
CA ARG A 115 -10.20 -8.58 -4.47
C ARG A 115 -10.63 -7.88 -3.19
N ASP A 116 -10.90 -6.58 -3.28
CA ASP A 116 -11.45 -5.85 -2.14
C ASP A 116 -12.89 -6.27 -1.92
N PRO A 117 -13.29 -6.49 -0.66
CA PRO A 117 -14.64 -6.97 -0.31
C PRO A 117 -15.76 -6.11 -0.92
N THR A 118 -15.48 -4.85 -1.17
CA THR A 118 -16.48 -3.94 -1.71
C THR A 118 -16.52 -4.00 -3.23
N TYR A 119 -15.37 -4.23 -3.84
CA TYR A 119 -15.26 -4.18 -5.30
C TYR A 119 -15.19 -5.57 -5.92
N ARG A 120 -15.64 -6.57 -5.19
CA ARG A 120 -15.76 -7.93 -5.73
C ARG A 120 -17.03 -8.10 -6.56
N PRO A 121 -18.22 -7.66 -6.05
CA PRO A 121 -19.47 -7.71 -6.80
C PRO A 121 -19.31 -7.21 -8.25
N PRO A 122 -19.71 -8.04 -9.23
CA PRO A 122 -19.54 -7.74 -10.66
C PRO A 122 -20.26 -6.47 -11.08
N SER A 123 -21.23 -6.04 -10.28
CA SER A 123 -21.99 -4.84 -10.57
C SER A 123 -21.34 -3.59 -9.97
N GLY A 124 -20.12 -3.76 -9.46
CA GLY A 124 -19.40 -2.64 -8.90
C GLY A 124 -17.90 -2.81 -8.99
N GLY A 125 -17.46 -3.62 -9.94
CA GLY A 125 -16.04 -3.86 -10.11
C GLY A 125 -15.77 -4.82 -11.26
N MET A 1 0.38 -1.44 -45.01
CA MET A 1 1.81 -1.08 -45.13
C MET A 1 2.54 -1.36 -43.82
N GLY A 2 2.02 -0.82 -42.73
CA GLY A 2 2.65 -1.04 -41.43
C GLY A 2 2.10 -0.10 -40.38
N SER A 3 2.35 -0.43 -39.12
CA SER A 3 1.87 0.38 -38.00
C SER A 3 2.80 1.57 -37.77
N SER A 4 2.23 2.75 -37.71
CA SER A 4 3.00 3.97 -37.50
C SER A 4 3.17 4.23 -36.00
N HIS A 5 2.23 3.74 -35.21
CA HIS A 5 2.27 3.92 -33.76
C HIS A 5 3.04 2.78 -33.11
N HIS A 6 3.83 3.10 -32.11
CA HIS A 6 4.62 2.09 -31.42
C HIS A 6 4.05 1.81 -30.04
N HIS A 7 3.89 0.53 -29.73
CA HIS A 7 3.26 0.10 -28.49
C HIS A 7 4.26 0.10 -27.34
N HIS A 8 5.52 -0.24 -27.63
CA HIS A 8 6.54 -0.26 -26.60
C HIS A 8 6.91 1.17 -26.20
N HIS A 9 6.84 1.45 -24.91
CA HIS A 9 7.12 2.79 -24.41
C HIS A 9 8.61 2.97 -24.18
N HIS A 10 9.26 3.72 -25.06
CA HIS A 10 10.67 4.04 -24.90
C HIS A 10 10.80 5.30 -24.05
N SER A 11 10.00 6.30 -24.36
CA SER A 11 9.95 7.52 -23.58
C SER A 11 8.51 7.87 -23.24
N SER A 12 8.10 7.50 -22.04
CA SER A 12 6.73 7.73 -21.60
C SER A 12 6.64 9.00 -20.76
N GLY A 13 5.53 9.71 -20.88
CA GLY A 13 5.32 10.90 -20.08
C GLY A 13 4.74 10.55 -18.73
N LEU A 14 4.19 9.34 -18.65
CA LEU A 14 3.63 8.84 -17.40
C LEU A 14 4.47 7.67 -16.90
N VAL A 15 5.07 7.85 -15.75
CA VAL A 15 5.86 6.79 -15.13
C VAL A 15 5.22 6.38 -13.82
N PRO A 16 4.85 5.09 -13.69
CA PRO A 16 4.25 4.55 -12.46
C PRO A 16 5.22 4.65 -11.28
N ARG A 17 5.06 5.69 -10.48
CA ARG A 17 5.92 5.92 -9.35
C ARG A 17 5.64 4.94 -8.23
N GLY A 18 6.66 4.62 -7.45
CA GLY A 18 6.52 3.60 -6.43
C GLY A 18 6.57 2.21 -7.05
N SER A 19 7.40 2.06 -8.07
CA SER A 19 7.48 0.83 -8.85
C SER A 19 8.03 -0.34 -8.03
N HIS A 20 8.31 -0.10 -6.75
CA HIS A 20 8.86 -1.13 -5.88
C HIS A 20 7.75 -2.03 -5.36
N MET A 21 6.53 -1.50 -5.32
CA MET A 21 5.37 -2.24 -4.85
C MET A 21 4.11 -1.73 -5.55
N MET A 22 3.26 -2.64 -5.98
CA MET A 22 2.01 -2.27 -6.65
C MET A 22 0.96 -1.85 -5.63
N PHE A 23 1.13 -0.66 -5.09
CA PHE A 23 0.22 -0.10 -4.12
C PHE A 23 -0.07 1.36 -4.46
N LYS A 24 -1.24 1.62 -5.01
CA LYS A 24 -1.59 2.97 -5.44
C LYS A 24 -2.14 3.78 -4.28
N LEU A 25 -1.32 4.67 -3.74
CA LEU A 25 -1.74 5.57 -2.70
C LEU A 25 -2.01 6.94 -3.31
N THR A 26 -3.27 7.35 -3.33
CA THR A 26 -3.65 8.62 -3.95
C THR A 26 -3.06 9.79 -3.18
N PRO A 27 -2.56 10.82 -3.90
CA PRO A 27 -1.97 12.01 -3.30
C PRO A 27 -2.89 12.68 -2.28
N ALA A 28 -4.19 12.67 -2.57
CA ALA A 28 -5.18 13.22 -1.65
C ALA A 28 -5.18 12.45 -0.34
N ALA A 29 -5.14 11.13 -0.42
CA ALA A 29 -5.12 10.29 0.77
C ALA A 29 -3.79 10.45 1.50
N ALA A 30 -2.71 10.55 0.74
CA ALA A 30 -1.38 10.75 1.30
C ALA A 30 -1.33 12.00 2.17
N GLU A 31 -2.04 13.04 1.73
CA GLU A 31 -2.14 14.28 2.47
C GLU A 31 -2.86 14.05 3.80
N GLN A 32 -3.99 13.35 3.73
CA GLN A 32 -4.80 13.10 4.92
C GLN A 32 -4.03 12.22 5.92
N VAL A 33 -3.34 11.22 5.41
CA VAL A 33 -2.55 10.33 6.26
C VAL A 33 -1.46 11.10 7.00
N LEU A 34 -0.75 11.97 6.29
CA LEU A 34 0.32 12.77 6.90
C LEU A 34 -0.25 13.69 7.98
N LYS A 35 -1.44 14.23 7.74
CA LYS A 35 -2.09 15.09 8.72
C LYS A 35 -2.39 14.29 9.99
N ALA A 36 -3.06 13.16 9.82
CA ALA A 36 -3.48 12.33 10.93
C ALA A 36 -2.27 11.81 11.73
N ALA A 37 -1.23 11.40 11.02
CA ALA A 37 -0.02 10.89 11.65
C ALA A 37 0.62 11.95 12.54
N LYS A 38 0.69 13.17 12.02
CA LYS A 38 1.33 14.26 12.74
C LYS A 38 0.43 14.79 13.86
N GLN A 39 -0.89 14.60 13.70
CA GLN A 39 -1.83 14.99 14.73
C GLN A 39 -1.81 13.98 15.87
N GLY A 40 -1.70 12.70 15.53
CA GLY A 40 -1.62 11.66 16.53
C GLY A 40 -0.27 11.63 17.22
N GLY A 41 0.76 12.07 16.52
CA GLY A 41 2.09 12.11 17.09
C GLY A 41 2.93 10.95 16.61
N THR A 42 2.33 10.07 15.83
CA THR A 42 3.01 8.88 15.34
C THR A 42 3.72 9.16 14.01
N GLU A 43 4.03 10.44 13.76
CA GLU A 43 4.68 10.84 12.52
C GLU A 43 6.12 10.30 12.47
N GLY A 44 6.67 9.99 13.63
CA GLY A 44 8.01 9.43 13.69
C GLY A 44 7.99 7.93 13.52
N MET A 45 6.79 7.38 13.39
CA MET A 45 6.60 5.94 13.22
C MET A 45 6.11 5.66 11.82
N CYS A 46 6.88 4.87 11.07
CA CYS A 46 6.58 4.59 9.68
C CYS A 46 5.33 3.73 9.56
N LEU A 47 4.60 3.89 8.47
CA LEU A 47 3.35 3.18 8.27
C LEU A 47 3.61 1.74 7.83
N ARG A 48 3.23 0.79 8.67
CA ARG A 48 3.36 -0.61 8.33
C ARG A 48 2.01 -1.18 7.92
N LEU A 49 1.98 -1.89 6.80
CA LEU A 49 0.75 -2.45 6.29
C LEU A 49 0.65 -3.93 6.63
N ALA A 50 -0.37 -4.29 7.38
CA ALA A 50 -0.63 -5.68 7.71
C ALA A 50 -1.86 -6.16 6.95
N ALA A 51 -1.68 -7.15 6.09
CA ALA A 51 -2.77 -7.66 5.29
C ALA A 51 -2.92 -9.16 5.49
N GLY A 52 -4.10 -9.68 5.22
CA GLY A 52 -4.33 -11.09 5.40
C GLY A 52 -5.35 -11.66 4.43
N ARG A 53 -4.87 -12.42 3.44
CA ARG A 53 -5.74 -13.19 2.59
C ARG A 53 -6.05 -14.51 3.28
N ASN A 54 -7.20 -14.57 3.92
CA ASN A 54 -7.58 -15.72 4.72
C ASN A 54 -8.08 -16.83 3.80
N PRO A 55 -7.52 -18.04 3.96
CA PRO A 55 -7.87 -19.19 3.12
C PRO A 55 -9.38 -19.47 3.12
N ASP A 56 -10.00 -19.25 1.97
CA ASP A 56 -11.44 -19.45 1.79
C ASP A 56 -12.26 -18.55 2.70
N GLY A 57 -11.66 -17.44 3.13
CA GLY A 57 -12.34 -16.51 3.99
C GLY A 57 -12.43 -15.13 3.40
N SER A 58 -11.79 -14.18 4.07
CA SER A 58 -11.84 -12.78 3.65
C SER A 58 -10.42 -12.23 3.51
N ILE A 59 -10.31 -10.96 3.14
CA ILE A 59 -9.02 -10.30 3.09
C ILE A 59 -9.01 -9.12 4.05
N ASP A 60 -8.16 -9.21 5.06
CA ASP A 60 -8.08 -8.18 6.09
C ASP A 60 -7.04 -7.13 5.71
N TYR A 61 -7.39 -5.87 5.91
CA TYR A 61 -6.49 -4.76 5.67
C TYR A 61 -6.30 -3.93 6.93
N ARG A 62 -5.09 -3.94 7.45
CA ARG A 62 -4.79 -3.24 8.69
C ARG A 62 -3.56 -2.36 8.53
N MET A 63 -3.77 -1.04 8.55
CA MET A 63 -2.69 -0.09 8.38
C MET A 63 -2.39 0.57 9.71
N GLY A 64 -1.15 0.45 10.17
CA GLY A 64 -0.79 1.04 11.44
C GLY A 64 0.62 1.56 11.45
N PHE A 65 0.83 2.68 12.13
CA PHE A 65 2.17 3.23 12.29
C PHE A 65 2.94 2.39 13.30
N ASP A 66 4.09 1.90 12.89
CA ASP A 66 4.83 0.95 13.70
C ASP A 66 6.31 1.32 13.71
N ASP A 67 7.15 0.47 14.27
CA ASP A 67 8.58 0.73 14.30
C ASP A 67 9.24 0.24 13.02
N LEU A 68 10.14 1.05 12.48
CA LEU A 68 10.74 0.77 11.19
C LEU A 68 11.92 -0.18 11.34
N THR A 69 11.76 -1.40 10.85
CA THR A 69 12.85 -2.33 10.75
C THR A 69 13.46 -2.25 9.35
N GLU A 70 14.74 -2.58 9.24
CA GLU A 70 15.46 -2.35 7.98
C GLU A 70 15.24 -3.49 7.00
N ASP A 71 14.48 -4.49 7.43
CA ASP A 71 14.16 -5.62 6.55
C ASP A 71 12.88 -5.34 5.78
N ASP A 72 12.10 -4.38 6.26
CA ASP A 72 10.86 -3.99 5.60
C ASP A 72 11.17 -3.21 4.33
N ILE A 73 10.37 -3.42 3.31
CA ILE A 73 10.54 -2.69 2.06
C ILE A 73 9.95 -1.29 2.18
N ARG A 74 10.76 -0.28 1.90
CA ARG A 74 10.34 1.11 2.00
C ARG A 74 9.62 1.55 0.74
N LEU A 75 8.33 1.79 0.87
CA LEU A 75 7.53 2.32 -0.22
C LEU A 75 7.28 3.80 0.02
N THR A 76 8.05 4.64 -0.65
CA THR A 76 7.93 6.07 -0.45
C THR A 76 7.09 6.71 -1.55
N SER A 77 5.96 7.28 -1.16
CA SER A 77 5.12 7.99 -2.09
C SER A 77 5.56 9.45 -2.16
N GLU A 78 4.68 10.33 -2.62
CA GLU A 78 5.00 11.75 -2.71
C GLU A 78 4.93 12.42 -1.33
N GLY A 79 4.56 11.64 -0.31
CA GLY A 79 4.46 12.18 1.03
C GLY A 79 4.66 11.12 2.10
N VAL A 80 3.93 10.02 1.99
CA VAL A 80 3.92 8.99 3.03
C VAL A 80 4.93 7.89 2.72
N GLU A 81 5.67 7.47 3.73
CA GLU A 81 6.57 6.34 3.61
C GLU A 81 5.93 5.11 4.25
N ILE A 82 5.99 4.00 3.55
CA ILE A 82 5.39 2.76 4.04
C ILE A 82 6.44 1.67 4.17
N VAL A 83 6.41 0.93 5.27
CA VAL A 83 7.30 -0.20 5.45
C VAL A 83 6.53 -1.51 5.36
N ILE A 84 6.89 -2.30 4.36
CA ILE A 84 6.23 -3.58 4.12
C ILE A 84 7.24 -4.73 4.17
N ALA A 85 7.25 -5.45 5.27
CA ALA A 85 8.08 -6.64 5.39
C ALA A 85 7.64 -7.70 4.38
N PRO A 86 8.58 -8.56 3.92
CA PRO A 86 8.28 -9.61 2.93
C PRO A 86 7.08 -10.47 3.31
N ASP A 87 6.82 -10.56 4.60
CA ASP A 87 5.71 -11.34 5.14
C ASP A 87 4.37 -10.78 4.67
N TYR A 88 4.33 -9.47 4.47
CA TYR A 88 3.09 -8.79 4.11
C TYR A 88 3.01 -8.51 2.62
N VAL A 89 4.16 -8.49 1.97
CA VAL A 89 4.27 -8.16 0.54
C VAL A 89 3.33 -9.03 -0.30
N SER A 90 3.21 -10.30 0.07
CA SER A 90 2.46 -11.27 -0.72
C SER A 90 0.94 -11.05 -0.62
N LEU A 91 0.52 -10.11 0.22
CA LEU A 91 -0.89 -9.88 0.45
C LEU A 91 -1.26 -8.42 0.23
N LEU A 92 -0.31 -7.65 -0.30
CA LEU A 92 -0.51 -6.22 -0.51
C LEU A 92 -0.33 -5.85 -1.98
N ASP A 93 -0.47 -6.84 -2.84
CA ASP A 93 -0.37 -6.61 -4.27
C ASP A 93 -1.69 -6.11 -4.83
N GLN A 94 -1.59 -5.23 -5.84
CA GLN A 94 -2.78 -4.73 -6.56
C GLN A 94 -3.69 -3.91 -5.64
N THR A 95 -3.15 -3.44 -4.52
CA THR A 95 -3.95 -2.73 -3.56
C THR A 95 -3.95 -1.23 -3.83
N THR A 96 -5.12 -0.70 -4.16
CA THR A 96 -5.30 0.73 -4.37
C THR A 96 -5.93 1.35 -3.14
N LEU A 97 -5.28 2.38 -2.60
CA LEU A 97 -5.75 3.03 -1.39
C LEU A 97 -6.25 4.43 -1.70
N ASP A 98 -7.53 4.65 -1.44
CA ASP A 98 -8.14 5.96 -1.65
C ASP A 98 -9.19 6.19 -0.58
N TYR A 99 -9.57 7.43 -0.33
CA TYR A 99 -10.54 7.71 0.71
C TYR A 99 -11.81 8.33 0.13
N VAL A 100 -12.95 7.83 0.58
CA VAL A 100 -14.25 8.31 0.12
C VAL A 100 -15.21 8.45 1.29
N GLU A 101 -16.33 9.12 1.05
CA GLU A 101 -17.36 9.28 2.06
C GLU A 101 -18.35 8.13 1.98
N LEU A 102 -18.25 7.21 2.92
CA LEU A 102 -19.15 6.06 2.98
C LEU A 102 -20.39 6.40 3.79
N GLU A 103 -20.19 7.07 4.92
CA GLU A 103 -21.29 7.55 5.73
C GLU A 103 -21.29 9.08 5.72
N PRO A 104 -22.46 9.71 5.90
CA PRO A 104 -22.57 11.17 5.92
C PRO A 104 -21.64 11.83 6.92
N GLY A 105 -20.58 12.46 6.41
CA GLY A 105 -19.65 13.16 7.26
C GLY A 105 -18.51 12.27 7.73
N GLN A 106 -18.42 11.07 7.20
CA GLN A 106 -17.35 10.15 7.58
C GLN A 106 -16.61 9.62 6.36
N PHE A 107 -15.37 10.01 6.23
CA PHE A 107 -14.52 9.55 5.14
C PHE A 107 -13.75 8.31 5.58
N HIS A 108 -13.70 7.31 4.72
CA HIS A 108 -13.01 6.06 5.02
C HIS A 108 -12.04 5.72 3.92
N PHE A 109 -10.94 5.09 4.29
CA PHE A 109 -9.98 4.58 3.33
C PHE A 109 -10.46 3.24 2.79
N ILE A 110 -10.58 3.14 1.48
CA ILE A 110 -11.03 1.91 0.84
C ILE A 110 -9.87 1.24 0.13
N PHE A 111 -9.90 -0.08 0.11
CA PHE A 111 -8.84 -0.87 -0.50
C PHE A 111 -9.36 -1.57 -1.74
N LEU A 112 -9.04 -1.02 -2.91
CA LEU A 112 -9.52 -1.56 -4.16
C LEU A 112 -8.45 -2.43 -4.81
N ASN A 113 -8.83 -3.65 -5.14
CA ASN A 113 -7.91 -4.59 -5.80
C ASN A 113 -8.60 -5.25 -6.99
N PRO A 114 -7.96 -5.18 -8.17
CA PRO A 114 -8.50 -5.79 -9.39
C PRO A 114 -8.16 -7.27 -9.51
N ARG A 115 -7.23 -7.74 -8.68
CA ARG A 115 -6.81 -9.13 -8.73
C ARG A 115 -7.85 -10.04 -8.10
N ASP A 116 -8.39 -9.61 -6.98
CA ASP A 116 -9.44 -10.35 -6.30
C ASP A 116 -10.80 -9.80 -6.74
N PRO A 117 -11.91 -10.52 -6.45
CA PRO A 117 -13.26 -10.16 -6.93
C PRO A 117 -13.82 -8.85 -6.33
N THR A 118 -12.93 -7.94 -5.96
CA THR A 118 -13.34 -6.63 -5.49
C THR A 118 -13.72 -5.74 -6.68
N TYR A 119 -12.96 -5.86 -7.76
CA TYR A 119 -13.23 -5.09 -8.97
C TYR A 119 -14.07 -5.87 -9.97
N ARG A 120 -13.89 -7.18 -10.00
CA ARG A 120 -14.50 -8.07 -11.00
C ARG A 120 -13.79 -7.91 -12.34
N PRO A 121 -13.19 -9.00 -12.85
CA PRO A 121 -12.45 -8.98 -14.11
C PRO A 121 -13.37 -8.90 -15.32
N PRO A 122 -13.23 -7.85 -16.14
CA PRO A 122 -14.00 -7.68 -17.37
C PRO A 122 -13.58 -8.68 -18.44
N SER A 123 -14.53 -9.11 -19.26
CA SER A 123 -14.25 -10.07 -20.31
C SER A 123 -14.09 -9.37 -21.66
N GLY A 124 -13.51 -10.06 -22.62
CA GLY A 124 -13.33 -9.51 -23.93
C GLY A 124 -14.18 -10.21 -24.97
N GLY A 125 -13.84 -10.02 -26.24
CA GLY A 125 -14.60 -10.66 -27.30
C GLY A 125 -13.71 -11.42 -28.24
N MET A 1 28.61 -0.92 5.70
CA MET A 1 27.53 -1.46 4.84
C MET A 1 28.10 -2.42 3.80
N GLY A 2 27.33 -3.44 3.46
CA GLY A 2 27.74 -4.39 2.46
C GLY A 2 27.19 -5.78 2.74
N SER A 3 28.07 -6.67 3.15
CA SER A 3 27.67 -8.04 3.50
C SER A 3 28.49 -8.54 4.67
N SER A 4 27.90 -9.41 5.47
CA SER A 4 28.59 -9.99 6.62
C SER A 4 29.85 -10.73 6.15
N HIS A 5 29.69 -11.56 5.13
CA HIS A 5 30.82 -12.27 4.55
C HIS A 5 31.37 -11.47 3.36
N HIS A 6 32.60 -11.00 3.48
CA HIS A 6 33.18 -10.15 2.46
C HIS A 6 33.70 -10.97 1.27
N HIS A 7 32.78 -11.34 0.38
CA HIS A 7 33.13 -12.04 -0.84
C HIS A 7 31.93 -12.05 -1.78
N HIS A 8 30.86 -12.72 -1.36
CA HIS A 8 29.62 -12.71 -2.13
C HIS A 8 28.70 -11.64 -1.59
N HIS A 9 28.27 -10.73 -2.44
CA HIS A 9 27.48 -9.58 -2.01
C HIS A 9 26.07 -9.62 -2.56
N HIS A 10 25.24 -8.68 -2.13
CA HIS A 10 23.89 -8.54 -2.63
C HIS A 10 23.74 -7.28 -3.47
N SER A 11 22.59 -7.15 -4.11
CA SER A 11 22.31 -6.01 -4.97
C SER A 11 20.82 -5.99 -5.30
N SER A 12 20.33 -4.87 -5.84
CA SER A 12 18.93 -4.73 -6.20
C SER A 12 18.63 -5.58 -7.45
N GLY A 13 19.69 -6.04 -8.11
CA GLY A 13 19.52 -6.95 -9.22
C GLY A 13 19.24 -8.35 -8.75
N LEU A 14 19.69 -8.68 -7.56
CA LEU A 14 19.47 -10.00 -6.98
C LEU A 14 18.11 -10.02 -6.30
N VAL A 15 17.13 -10.60 -6.99
CA VAL A 15 15.73 -10.59 -6.53
C VAL A 15 15.17 -9.17 -6.60
N PRO A 16 14.58 -8.81 -7.75
CA PRO A 16 14.02 -7.47 -7.98
C PRO A 16 12.76 -7.21 -7.16
N ARG A 17 12.31 -8.25 -6.45
CA ARG A 17 11.11 -8.16 -5.62
C ARG A 17 11.33 -7.24 -4.43
N GLY A 18 12.58 -6.85 -4.19
CA GLY A 18 12.88 -5.89 -3.14
C GLY A 18 12.63 -4.46 -3.60
N SER A 19 12.01 -4.35 -4.76
CA SER A 19 11.69 -3.06 -5.36
C SER A 19 10.44 -3.21 -6.22
N HIS A 20 9.95 -2.08 -6.74
CA HIS A 20 8.74 -2.08 -7.56
C HIS A 20 7.52 -2.56 -6.78
N MET A 21 6.74 -1.61 -6.29
CA MET A 21 5.52 -1.93 -5.57
C MET A 21 4.32 -1.36 -6.30
N MET A 22 3.31 -2.18 -6.50
CA MET A 22 2.13 -1.78 -7.24
C MET A 22 1.02 -1.31 -6.31
N PHE A 23 1.40 -0.92 -5.10
CA PHE A 23 0.46 -0.37 -4.14
C PHE A 23 0.04 1.03 -4.59
N LYS A 24 -1.20 1.16 -5.01
CA LYS A 24 -1.70 2.41 -5.54
C LYS A 24 -2.38 3.24 -4.45
N LEU A 25 -1.68 4.26 -3.99
CA LEU A 25 -2.23 5.18 -3.01
C LEU A 25 -2.59 6.48 -3.70
N THR A 26 -3.81 6.96 -3.49
CA THR A 26 -4.21 8.24 -4.05
C THR A 26 -3.59 9.38 -3.25
N PRO A 27 -2.95 10.35 -3.94
CA PRO A 27 -2.30 11.49 -3.30
C PRO A 27 -3.21 12.22 -2.32
N ALA A 28 -4.51 12.24 -2.62
CA ALA A 28 -5.49 12.87 -1.75
C ALA A 28 -5.54 12.15 -0.40
N ALA A 29 -5.53 10.83 -0.44
CA ALA A 29 -5.56 10.02 0.77
C ALA A 29 -4.21 10.09 1.47
N ALA A 30 -3.15 10.11 0.67
CA ALA A 30 -1.79 10.18 1.19
C ALA A 30 -1.60 11.42 2.06
N GLU A 31 -2.14 12.55 1.60
CA GLU A 31 -2.03 13.80 2.34
C GLU A 31 -2.80 13.74 3.65
N GLN A 32 -3.90 13.00 3.69
CA GLN A 32 -4.66 12.83 4.91
C GLN A 32 -3.85 12.02 5.92
N VAL A 33 -3.28 10.92 5.45
CA VAL A 33 -2.43 10.08 6.29
C VAL A 33 -1.21 10.86 6.77
N LEU A 34 -0.61 11.62 5.86
CA LEU A 34 0.55 12.43 6.17
C LEU A 34 0.20 13.47 7.24
N LYS A 35 -0.97 14.09 7.08
CA LYS A 35 -1.42 15.12 8.00
C LYS A 35 -1.70 14.54 9.39
N ALA A 36 -2.22 13.31 9.41
CA ALA A 36 -2.49 12.63 10.67
C ALA A 36 -1.21 12.41 11.46
N ALA A 37 -0.16 12.00 10.77
CA ALA A 37 1.14 11.82 11.40
C ALA A 37 1.76 13.16 11.75
N LYS A 38 1.61 14.12 10.84
CA LYS A 38 2.17 15.46 10.99
C LYS A 38 1.62 16.17 12.23
N GLN A 39 0.48 15.70 12.73
CA GLN A 39 -0.08 16.21 13.98
C GLN A 39 0.96 16.17 15.11
N GLY A 40 1.89 15.23 15.03
CA GLY A 40 3.00 15.22 15.97
C GLY A 40 3.11 13.93 16.76
N GLY A 41 2.01 13.19 16.83
CA GLY A 41 1.99 11.98 17.63
C GLY A 41 2.66 10.82 16.92
N THR A 42 2.23 10.54 15.71
CA THR A 42 2.74 9.41 14.95
C THR A 42 3.76 9.87 13.91
N GLU A 43 4.23 11.11 14.05
CA GLU A 43 5.18 11.69 13.09
C GLU A 43 6.54 11.01 13.20
N GLY A 44 6.95 10.67 14.42
CA GLY A 44 8.21 10.01 14.64
C GLY A 44 8.14 8.52 14.39
N MET A 45 7.05 8.10 13.76
CA MET A 45 6.84 6.70 13.44
C MET A 45 6.74 6.54 11.92
N CYS A 46 6.33 5.39 11.47
CA CYS A 46 6.22 5.16 10.04
C CYS A 46 4.90 4.44 9.73
N LEU A 47 4.35 4.71 8.55
CA LEU A 47 3.12 4.07 8.13
C LEU A 47 3.37 2.59 7.86
N ARG A 48 2.74 1.74 8.64
CA ARG A 48 2.97 0.31 8.55
C ARG A 48 1.68 -0.40 8.17
N LEU A 49 1.73 -1.12 7.08
CA LEU A 49 0.55 -1.80 6.57
C LEU A 49 0.55 -3.27 6.93
N ALA A 50 -0.63 -3.79 7.23
CA ALA A 50 -0.79 -5.19 7.57
C ALA A 50 -1.70 -5.86 6.55
N ALA A 51 -1.48 -7.14 6.33
CA ALA A 51 -2.26 -7.88 5.35
C ALA A 51 -2.54 -9.30 5.85
N GLY A 52 -3.57 -9.90 5.30
CA GLY A 52 -3.93 -11.27 5.65
C GLY A 52 -5.04 -11.79 4.79
N ARG A 53 -5.68 -12.87 5.19
CA ARG A 53 -6.81 -13.39 4.45
C ARG A 53 -8.02 -13.55 5.36
N ASN A 54 -9.19 -13.31 4.80
CA ASN A 54 -10.43 -13.55 5.51
C ASN A 54 -10.98 -14.90 5.11
N PRO A 55 -11.59 -15.65 6.05
CA PRO A 55 -12.22 -16.95 5.76
C PRO A 55 -13.22 -16.87 4.61
N ASP A 56 -13.76 -15.67 4.41
CA ASP A 56 -14.66 -15.40 3.29
C ASP A 56 -13.99 -15.69 1.94
N GLY A 57 -12.68 -15.43 1.87
CA GLY A 57 -11.96 -15.61 0.63
C GLY A 57 -11.33 -14.31 0.16
N SER A 58 -11.75 -13.21 0.77
CA SER A 58 -11.22 -11.90 0.44
C SER A 58 -9.95 -11.61 1.24
N ILE A 59 -9.09 -10.77 0.68
CA ILE A 59 -7.83 -10.44 1.33
C ILE A 59 -8.04 -9.32 2.35
N ASP A 60 -7.38 -9.44 3.49
CA ASP A 60 -7.49 -8.45 4.56
C ASP A 60 -6.40 -7.42 4.45
N TYR A 61 -6.79 -6.16 4.47
CA TYR A 61 -5.84 -5.07 4.44
C TYR A 61 -6.04 -4.16 5.64
N ARG A 62 -4.96 -3.86 6.34
CA ARG A 62 -5.03 -3.02 7.53
C ARG A 62 -3.96 -1.93 7.50
N MET A 63 -4.31 -0.77 8.05
CA MET A 63 -3.41 0.38 8.07
C MET A 63 -3.14 0.81 9.51
N GLY A 64 -1.90 1.18 9.80
CA GLY A 64 -1.57 1.70 11.11
C GLY A 64 -0.21 2.34 11.14
N PHE A 65 0.12 2.94 12.27
CA PHE A 65 1.45 3.49 12.48
C PHE A 65 2.14 2.68 13.56
N ASP A 66 3.25 2.06 13.22
CA ASP A 66 3.92 1.16 14.14
C ASP A 66 5.44 1.30 14.01
N ASP A 67 6.17 0.33 14.54
CA ASP A 67 7.63 0.41 14.60
C ASP A 67 8.26 0.16 13.23
N LEU A 68 9.25 0.97 12.91
CA LEU A 68 9.98 0.84 11.66
C LEU A 68 11.11 -0.15 11.83
N THR A 69 10.99 -1.32 11.22
CA THR A 69 12.01 -2.34 11.34
C THR A 69 13.04 -2.20 10.23
N GLU A 70 14.10 -2.99 10.31
CA GLU A 70 15.18 -2.93 9.34
C GLU A 70 15.31 -4.26 8.63
N ASP A 71 14.21 -5.02 8.63
CA ASP A 71 14.16 -6.33 7.99
C ASP A 71 13.08 -6.36 6.92
N ASP A 72 12.32 -5.27 6.82
CA ASP A 72 11.20 -5.19 5.89
C ASP A 72 11.50 -4.23 4.75
N ILE A 73 10.58 -4.13 3.80
CA ILE A 73 10.78 -3.29 2.63
C ILE A 73 10.28 -1.88 2.89
N ARG A 74 11.20 -0.93 2.82
CA ARG A 74 10.89 0.47 3.04
C ARG A 74 10.38 1.09 1.76
N LEU A 75 9.09 1.41 1.72
CA LEU A 75 8.45 1.95 0.54
C LEU A 75 8.26 3.45 0.70
N THR A 76 8.24 4.16 -0.41
CA THR A 76 7.95 5.58 -0.40
C THR A 76 7.11 5.93 -1.63
N SER A 77 5.84 6.24 -1.38
CA SER A 77 4.92 6.53 -2.47
C SER A 77 4.68 8.03 -2.58
N GLU A 78 5.50 8.68 -3.41
CA GLU A 78 5.36 10.09 -3.75
C GLU A 78 5.77 10.99 -2.59
N GLY A 79 5.14 10.79 -1.45
CA GLY A 79 5.42 11.61 -0.28
C GLY A 79 5.38 10.83 1.01
N VAL A 80 4.55 9.79 1.05
CA VAL A 80 4.38 9.00 2.27
C VAL A 80 5.32 7.81 2.29
N GLU A 81 5.96 7.59 3.43
CA GLU A 81 6.83 6.44 3.62
C GLU A 81 6.04 5.30 4.26
N ILE A 82 6.20 4.10 3.73
CA ILE A 82 5.46 2.95 4.18
C ILE A 82 6.40 1.76 4.39
N VAL A 83 6.36 1.18 5.58
CA VAL A 83 7.18 0.01 5.87
C VAL A 83 6.35 -1.26 5.72
N ILE A 84 6.75 -2.12 4.79
CA ILE A 84 6.01 -3.33 4.49
C ILE A 84 6.93 -4.54 4.55
N ALA A 85 6.64 -5.44 5.50
CA ALA A 85 7.38 -6.69 5.60
C ALA A 85 7.12 -7.55 4.37
N PRO A 86 8.13 -8.30 3.90
CA PRO A 86 8.02 -9.17 2.72
C PRO A 86 6.78 -10.06 2.77
N ASP A 87 6.35 -10.39 3.98
CA ASP A 87 5.13 -11.15 4.21
C ASP A 87 3.94 -10.46 3.56
N TYR A 88 3.72 -9.20 3.94
CA TYR A 88 2.57 -8.44 3.48
C TYR A 88 2.68 -8.09 2.02
N VAL A 89 3.91 -8.02 1.52
CA VAL A 89 4.17 -7.65 0.12
C VAL A 89 3.41 -8.56 -0.85
N SER A 90 3.26 -9.83 -0.47
CA SER A 90 2.59 -10.80 -1.33
C SER A 90 1.09 -10.52 -1.45
N LEU A 91 0.57 -9.69 -0.56
CA LEU A 91 -0.87 -9.40 -0.54
C LEU A 91 -1.13 -7.93 -0.87
N LEU A 92 -0.23 -7.05 -0.46
CA LEU A 92 -0.38 -5.61 -0.67
C LEU A 92 -0.02 -5.19 -2.09
N ASP A 93 0.15 -6.17 -2.96
CA ASP A 93 0.49 -5.90 -4.35
C ASP A 93 -0.77 -5.56 -5.14
N GLN A 94 -0.70 -4.46 -5.88
CA GLN A 94 -1.82 -3.97 -6.73
C GLN A 94 -2.98 -3.45 -5.88
N THR A 95 -2.75 -3.26 -4.59
CA THR A 95 -3.79 -2.77 -3.71
C THR A 95 -4.02 -1.28 -3.89
N THR A 96 -5.26 -0.90 -4.14
CA THR A 96 -5.61 0.50 -4.32
C THR A 96 -6.20 1.07 -3.03
N LEU A 97 -5.56 2.11 -2.51
CA LEU A 97 -6.00 2.73 -1.27
C LEU A 97 -6.56 4.13 -1.53
N ASP A 98 -7.79 4.35 -1.09
CA ASP A 98 -8.45 5.64 -1.24
C ASP A 98 -9.36 5.88 -0.04
N TYR A 99 -9.70 7.15 0.22
CA TYR A 99 -10.54 7.49 1.36
C TYR A 99 -11.92 7.94 0.89
N VAL A 100 -12.96 7.33 1.46
CA VAL A 100 -14.32 7.71 1.13
C VAL A 100 -15.13 7.96 2.40
N GLU A 101 -15.95 8.99 2.36
CA GLU A 101 -16.81 9.32 3.48
C GLU A 101 -18.03 8.40 3.51
N LEU A 102 -17.90 7.27 4.21
CA LEU A 102 -19.05 6.40 4.43
C LEU A 102 -19.96 7.02 5.48
N GLU A 103 -19.37 7.49 6.56
CA GLU A 103 -20.10 8.16 7.62
C GLU A 103 -19.85 9.66 7.56
N PRO A 104 -20.88 10.48 7.81
CA PRO A 104 -20.80 11.94 7.73
C PRO A 104 -19.68 12.52 8.60
N GLY A 105 -18.65 13.05 7.95
CA GLY A 105 -17.55 13.64 8.68
C GLY A 105 -16.45 12.64 8.97
N GLN A 106 -16.65 11.41 8.52
CA GLN A 106 -15.67 10.35 8.76
C GLN A 106 -15.10 9.84 7.45
N PHE A 107 -13.82 10.05 7.25
CA PHE A 107 -13.17 9.58 6.04
C PHE A 107 -12.60 8.19 6.25
N HIS A 108 -13.29 7.21 5.72
CA HIS A 108 -12.92 5.82 5.91
C HIS A 108 -12.15 5.32 4.70
N PHE A 109 -10.94 4.85 4.92
CA PHE A 109 -10.09 4.36 3.85
C PHE A 109 -10.57 3.00 3.40
N ILE A 110 -10.70 2.83 2.10
CA ILE A 110 -11.12 1.56 1.53
C ILE A 110 -9.98 0.94 0.72
N PHE A 111 -9.81 -0.36 0.86
CA PHE A 111 -8.75 -1.07 0.18
C PHE A 111 -9.32 -1.86 -0.99
N LEU A 112 -9.13 -1.37 -2.19
CA LEU A 112 -9.65 -2.02 -3.38
C LEU A 112 -8.61 -2.97 -3.96
N ASN A 113 -9.00 -4.23 -4.07
CA ASN A 113 -8.13 -5.25 -4.63
C ASN A 113 -8.65 -5.70 -5.99
N PRO A 114 -7.91 -5.39 -7.07
CA PRO A 114 -8.29 -5.79 -8.42
C PRO A 114 -8.26 -7.30 -8.62
N ARG A 115 -7.56 -7.99 -7.75
CA ARG A 115 -7.44 -9.45 -7.83
C ARG A 115 -8.53 -10.14 -7.01
N ASP A 116 -9.55 -9.38 -6.64
CA ASP A 116 -10.66 -9.95 -5.89
C ASP A 116 -11.87 -10.14 -6.79
N PRO A 117 -12.44 -11.36 -6.80
CA PRO A 117 -13.61 -11.70 -7.64
C PRO A 117 -14.85 -10.82 -7.36
N THR A 118 -14.88 -10.14 -6.22
CA THR A 118 -16.00 -9.27 -5.91
C THR A 118 -15.79 -7.89 -6.55
N TYR A 119 -14.55 -7.60 -6.93
CA TYR A 119 -14.24 -6.35 -7.61
C TYR A 119 -14.60 -6.48 -9.08
N ARG A 120 -14.35 -7.66 -9.64
CA ARG A 120 -14.78 -7.98 -10.99
C ARG A 120 -15.36 -9.40 -11.01
N PRO A 121 -16.69 -9.51 -10.94
CA PRO A 121 -17.37 -10.79 -10.86
C PRO A 121 -17.68 -11.38 -12.24
N PRO A 122 -17.96 -12.70 -12.29
CA PRO A 122 -18.39 -13.36 -13.51
C PRO A 122 -19.81 -12.93 -13.91
N SER A 123 -19.90 -12.10 -14.92
CA SER A 123 -21.17 -11.62 -15.41
C SER A 123 -21.90 -12.71 -16.18
N GLY A 124 -23.01 -13.17 -15.62
CA GLY A 124 -23.79 -14.21 -16.26
C GLY A 124 -25.03 -14.54 -15.46
N GLY A 125 -25.85 -15.41 -16.00
CA GLY A 125 -27.06 -15.81 -15.30
C GLY A 125 -27.44 -17.23 -15.62
N MET A 1 15.14 -22.03 -28.51
CA MET A 1 14.09 -21.29 -29.23
C MET A 1 14.71 -20.22 -30.11
N GLY A 2 15.57 -19.40 -29.51
CA GLY A 2 16.24 -18.35 -30.24
C GLY A 2 16.83 -17.31 -29.31
N SER A 3 15.99 -16.38 -28.87
CA SER A 3 16.41 -15.35 -27.92
C SER A 3 16.90 -15.98 -26.62
N SER A 4 18.20 -15.84 -26.39
CA SER A 4 18.83 -16.41 -25.22
C SER A 4 20.10 -15.64 -24.87
N HIS A 5 20.06 -14.34 -25.14
CA HIS A 5 21.18 -13.45 -24.84
C HIS A 5 21.35 -13.34 -23.33
N HIS A 6 22.37 -14.02 -22.81
CA HIS A 6 22.51 -14.21 -21.37
C HIS A 6 22.77 -12.90 -20.63
N HIS A 7 23.66 -12.08 -21.17
CA HIS A 7 23.95 -10.80 -20.55
C HIS A 7 23.07 -9.69 -21.13
N HIS A 8 22.09 -9.25 -20.35
CA HIS A 8 21.29 -8.10 -20.70
C HIS A 8 21.91 -6.85 -20.10
N HIS A 9 22.12 -5.84 -20.91
CA HIS A 9 22.79 -4.62 -20.47
C HIS A 9 21.80 -3.65 -19.82
N HIS A 10 20.66 -4.18 -19.40
CA HIS A 10 19.61 -3.38 -18.80
C HIS A 10 18.86 -4.22 -17.77
N SER A 11 18.48 -3.60 -16.65
CA SER A 11 17.72 -4.30 -15.63
C SER A 11 16.33 -4.65 -16.15
N SER A 12 16.03 -5.94 -16.20
CA SER A 12 14.83 -6.44 -16.85
C SER A 12 13.57 -6.28 -16.01
N GLY A 13 13.55 -5.27 -15.13
CA GLY A 13 12.36 -4.97 -14.35
C GLY A 13 12.20 -5.84 -13.12
N LEU A 14 12.81 -7.03 -13.15
CA LEU A 14 12.73 -7.98 -12.04
C LEU A 14 13.25 -7.34 -10.74
N VAL A 15 14.45 -6.78 -10.83
CA VAL A 15 15.04 -6.08 -9.70
C VAL A 15 15.56 -4.70 -10.13
N PRO A 16 14.71 -3.67 -10.06
CA PRO A 16 15.08 -2.31 -10.41
C PRO A 16 15.58 -1.53 -9.19
N ARG A 17 15.85 -0.24 -9.39
CA ARG A 17 16.25 0.62 -8.28
C ARG A 17 15.02 1.03 -7.48
N GLY A 18 14.54 0.12 -6.65
CA GLY A 18 13.36 0.37 -5.86
C GLY A 18 12.89 -0.88 -5.15
N SER A 19 11.63 -0.90 -4.77
CA SER A 19 11.08 -2.02 -4.04
C SER A 19 10.12 -2.84 -4.91
N HIS A 20 9.75 -2.28 -6.07
CA HIS A 20 8.91 -2.98 -7.06
C HIS A 20 7.48 -3.11 -6.55
N MET A 21 7.17 -2.46 -5.44
CA MET A 21 5.84 -2.52 -4.86
C MET A 21 4.85 -1.73 -5.70
N MET A 22 3.76 -2.39 -6.08
CA MET A 22 2.75 -1.76 -6.93
C MET A 22 1.60 -1.21 -6.10
N PHE A 23 1.85 -1.03 -4.81
CA PHE A 23 0.88 -0.43 -3.90
C PHE A 23 0.69 1.05 -4.26
N LYS A 24 -0.47 1.37 -4.82
CA LYS A 24 -0.75 2.74 -5.22
C LYS A 24 -1.51 3.47 -4.12
N LEU A 25 -1.06 4.68 -3.80
CA LEU A 25 -1.69 5.47 -2.77
C LEU A 25 -2.03 6.86 -3.31
N THR A 26 -3.32 7.15 -3.39
CA THR A 26 -3.79 8.45 -3.87
C THR A 26 -3.38 9.57 -2.90
N PRO A 27 -2.90 10.71 -3.43
CA PRO A 27 -2.51 11.88 -2.62
C PRO A 27 -3.60 12.29 -1.63
N ALA A 28 -4.85 12.02 -1.97
CA ALA A 28 -5.97 12.32 -1.10
C ALA A 28 -5.87 11.52 0.20
N ALA A 29 -5.39 10.28 0.08
CA ALA A 29 -5.19 9.43 1.24
C ALA A 29 -3.90 9.80 1.96
N ALA A 30 -2.92 10.29 1.19
CA ALA A 30 -1.63 10.70 1.75
C ALA A 30 -1.80 11.84 2.73
N GLU A 31 -2.65 12.80 2.38
CA GLU A 31 -2.92 13.95 3.24
C GLU A 31 -3.69 13.54 4.49
N GLN A 32 -4.39 12.42 4.41
CA GLN A 32 -5.08 11.87 5.58
C GLN A 32 -4.07 11.23 6.52
N VAL A 33 -3.09 10.54 5.94
CA VAL A 33 -2.00 9.96 6.72
C VAL A 33 -1.18 11.08 7.35
N LEU A 34 -0.92 12.12 6.57
CA LEU A 34 -0.19 13.28 7.06
C LEU A 34 -1.01 14.04 8.09
N LYS A 35 -2.34 13.93 7.99
CA LYS A 35 -3.24 14.53 8.97
C LYS A 35 -3.04 13.88 10.33
N ALA A 36 -2.86 12.56 10.34
CA ALA A 36 -2.60 11.83 11.56
C ALA A 36 -1.29 12.27 12.19
N ALA A 37 -0.28 12.48 11.35
CA ALA A 37 1.02 12.96 11.80
C ALA A 37 0.93 14.42 12.24
N LYS A 38 0.02 15.16 11.61
CA LYS A 38 -0.22 16.56 11.94
C LYS A 38 -0.77 16.69 13.35
N GLN A 39 -1.45 15.65 13.81
CA GLN A 39 -1.95 15.60 15.18
C GLN A 39 -0.80 15.50 16.18
N GLY A 40 0.37 15.11 15.70
CA GLY A 40 1.54 15.02 16.54
C GLY A 40 1.68 13.66 17.21
N GLY A 41 2.88 13.34 17.65
CA GLY A 41 3.10 12.09 18.36
C GLY A 41 3.61 10.98 17.47
N THR A 42 2.86 10.69 16.41
CA THR A 42 3.24 9.63 15.47
C THR A 42 4.33 10.09 14.52
N GLU A 43 4.92 11.25 14.83
CA GLU A 43 5.97 11.83 14.01
C GLU A 43 7.29 11.08 14.22
N GLY A 44 7.66 10.28 13.23
CA GLY A 44 8.82 9.42 13.35
C GLY A 44 8.43 7.97 13.26
N MET A 45 7.13 7.73 13.30
CA MET A 45 6.59 6.40 13.11
C MET A 45 6.18 6.22 11.66
N CYS A 46 6.57 5.11 11.06
CA CYS A 46 6.35 4.90 9.64
C CYS A 46 5.02 4.20 9.41
N LEU A 47 4.46 4.38 8.21
CA LEU A 47 3.21 3.75 7.85
C LEU A 47 3.41 2.26 7.60
N ARG A 48 3.06 1.46 8.58
CA ARG A 48 3.23 0.03 8.50
C ARG A 48 1.91 -0.65 8.21
N LEU A 49 1.88 -1.40 7.12
CA LEU A 49 0.64 -2.02 6.66
C LEU A 49 0.59 -3.48 7.06
N ALA A 50 -0.62 -3.99 7.24
CA ALA A 50 -0.83 -5.39 7.57
C ALA A 50 -2.04 -5.92 6.80
N ALA A 51 -1.88 -7.09 6.20
CA ALA A 51 -2.96 -7.70 5.45
C ALA A 51 -3.20 -9.12 5.91
N GLY A 52 -4.39 -9.37 6.43
CA GLY A 52 -4.73 -10.69 6.92
C GLY A 52 -5.72 -11.38 6.02
N ARG A 53 -5.54 -12.68 5.84
CA ARG A 53 -6.44 -13.46 5.01
C ARG A 53 -7.62 -13.97 5.83
N ASN A 54 -8.82 -13.66 5.38
CA ASN A 54 -10.04 -14.17 6.00
C ASN A 54 -10.34 -15.55 5.44
N PRO A 55 -11.22 -16.31 6.09
CA PRO A 55 -11.63 -17.63 5.62
C PRO A 55 -11.96 -17.65 4.13
N ASP A 56 -11.39 -18.61 3.42
CA ASP A 56 -11.66 -18.87 2.00
C ASP A 56 -10.77 -18.05 1.07
N GLY A 57 -10.26 -16.91 1.53
CA GLY A 57 -9.29 -16.19 0.72
C GLY A 57 -9.36 -14.67 0.79
N SER A 58 -10.54 -14.11 1.12
CA SER A 58 -10.73 -12.65 1.12
C SER A 58 -9.69 -11.95 2.00
N ILE A 59 -9.20 -10.80 1.54
CA ILE A 59 -8.14 -10.09 2.25
C ILE A 59 -8.70 -8.96 3.12
N ASP A 60 -8.21 -8.89 4.36
CA ASP A 60 -8.51 -7.76 5.24
C ASP A 60 -7.32 -6.83 5.29
N TYR A 61 -7.54 -5.59 4.89
CA TYR A 61 -6.46 -4.60 4.81
C TYR A 61 -6.47 -3.72 6.05
N ARG A 62 -5.33 -3.64 6.73
CA ARG A 62 -5.19 -2.80 7.91
C ARG A 62 -3.99 -1.88 7.76
N MET A 63 -4.15 -0.64 8.21
CA MET A 63 -3.07 0.34 8.14
C MET A 63 -2.77 0.88 9.53
N GLY A 64 -1.51 1.18 9.80
CA GLY A 64 -1.14 1.73 11.09
C GLY A 64 0.24 2.34 11.08
N PHE A 65 0.65 2.90 12.21
CA PHE A 65 1.98 3.47 12.35
C PHE A 65 2.80 2.63 13.30
N ASP A 66 4.04 2.34 12.92
CA ASP A 66 4.91 1.52 13.75
C ASP A 66 6.38 1.83 13.46
N ASP A 67 7.28 1.11 14.10
CA ASP A 67 8.71 1.35 13.94
C ASP A 67 9.25 0.55 12.75
N LEU A 68 10.55 0.70 12.48
CA LEU A 68 11.15 0.12 11.28
C LEU A 68 12.08 -1.03 11.60
N THR A 69 12.01 -2.07 10.78
CA THR A 69 13.02 -3.11 10.79
C THR A 69 13.70 -3.10 9.43
N GLU A 70 14.99 -3.42 9.40
CA GLU A 70 15.75 -3.34 8.15
C GLU A 70 15.43 -4.54 7.24
N ASP A 71 14.42 -5.30 7.62
CA ASP A 71 13.97 -6.44 6.84
C ASP A 71 12.67 -6.10 6.11
N ASP A 72 12.18 -4.89 6.36
CA ASP A 72 10.94 -4.44 5.73
C ASP A 72 11.20 -3.89 4.33
N ILE A 73 10.16 -3.89 3.50
CA ILE A 73 10.26 -3.31 2.18
C ILE A 73 9.68 -1.90 2.19
N ARG A 74 10.54 -0.92 1.89
CA ARG A 74 10.15 0.48 1.98
C ARG A 74 9.59 0.98 0.65
N LEU A 75 8.49 1.71 0.73
CA LEU A 75 7.83 2.26 -0.45
C LEU A 75 7.46 3.72 -0.22
N THR A 76 7.92 4.58 -1.10
CA THR A 76 7.57 5.99 -1.01
C THR A 76 6.64 6.38 -2.16
N SER A 77 5.44 6.83 -1.82
CA SER A 77 4.44 7.17 -2.83
C SER A 77 4.39 8.67 -3.06
N GLU A 78 3.62 9.36 -2.22
CA GLU A 78 3.41 10.80 -2.37
C GLU A 78 4.25 11.58 -1.37
N GLY A 79 5.33 10.96 -0.91
CA GLY A 79 6.18 11.60 0.08
C GLY A 79 6.14 10.84 1.39
N VAL A 80 5.01 10.22 1.66
CA VAL A 80 4.84 9.40 2.85
C VAL A 80 5.57 8.08 2.66
N GLU A 81 6.37 7.70 3.65
CA GLU A 81 7.13 6.47 3.57
C GLU A 81 6.29 5.32 4.13
N ILE A 82 6.10 4.32 3.30
CA ILE A 82 5.34 3.14 3.65
C ILE A 82 6.29 1.95 3.82
N VAL A 83 6.06 1.12 4.81
CA VAL A 83 6.86 -0.08 4.99
C VAL A 83 6.00 -1.31 5.07
N ILE A 84 6.25 -2.25 4.19
CA ILE A 84 5.52 -3.49 4.15
C ILE A 84 6.48 -4.66 4.29
N ALA A 85 6.33 -5.41 5.38
CA ALA A 85 7.10 -6.62 5.58
C ALA A 85 6.77 -7.63 4.50
N PRO A 86 7.79 -8.32 3.95
CA PRO A 86 7.61 -9.30 2.87
C PRO A 86 6.49 -10.30 3.13
N ASP A 87 6.21 -10.56 4.40
CA ASP A 87 5.15 -11.48 4.79
C ASP A 87 3.77 -10.94 4.38
N TYR A 88 3.60 -9.63 4.46
CA TYR A 88 2.32 -8.99 4.15
C TYR A 88 2.23 -8.63 2.68
N VAL A 89 3.40 -8.51 2.03
CA VAL A 89 3.48 -8.08 0.63
C VAL A 89 2.58 -8.90 -0.30
N SER A 90 2.41 -10.18 0.02
CA SER A 90 1.63 -11.09 -0.82
C SER A 90 0.16 -10.65 -0.93
N LEU A 91 -0.29 -9.84 0.00
CA LEU A 91 -1.68 -9.38 0.01
C LEU A 91 -1.76 -7.85 -0.03
N LEU A 92 -0.62 -7.20 -0.25
CA LEU A 92 -0.56 -5.73 -0.21
C LEU A 92 0.14 -5.17 -1.44
N ASP A 93 0.01 -5.86 -2.56
CA ASP A 93 0.61 -5.40 -3.80
C ASP A 93 -0.47 -5.21 -4.86
N GLN A 94 -0.30 -4.17 -5.69
CA GLN A 94 -1.22 -3.85 -6.77
C GLN A 94 -2.57 -3.34 -6.24
N THR A 95 -2.64 -3.07 -4.96
CA THR A 95 -3.85 -2.53 -4.36
C THR A 95 -3.89 -1.02 -4.53
N THR A 96 -4.90 -0.55 -5.25
CA THR A 96 -5.10 0.89 -5.43
C THR A 96 -5.83 1.47 -4.22
N LEU A 97 -5.09 2.16 -3.37
CA LEU A 97 -5.64 2.75 -2.16
C LEU A 97 -6.20 4.14 -2.43
N ASP A 98 -7.51 4.30 -2.21
CA ASP A 98 -8.17 5.58 -2.40
C ASP A 98 -8.76 6.09 -1.09
N TYR A 99 -9.18 7.34 -1.10
CA TYR A 99 -9.65 8.02 0.10
C TYR A 99 -11.09 8.48 -0.07
N VAL A 100 -12.02 7.76 0.57
CA VAL A 100 -13.43 8.10 0.50
C VAL A 100 -14.11 7.96 1.86
N GLU A 101 -15.37 8.33 1.93
CA GLU A 101 -16.14 8.21 3.16
C GLU A 101 -17.07 7.01 3.09
N LEU A 102 -16.76 5.97 3.86
CA LEU A 102 -17.60 4.78 3.92
C LEU A 102 -18.61 4.89 5.05
N GLU A 103 -18.32 5.76 6.01
CA GLU A 103 -19.17 5.93 7.17
C GLU A 103 -19.38 7.40 7.45
N PRO A 104 -20.61 7.80 7.82
CA PRO A 104 -20.95 9.20 8.06
C PRO A 104 -20.02 9.88 9.06
N GLY A 105 -19.19 10.80 8.55
CA GLY A 105 -18.29 11.53 9.42
C GLY A 105 -17.02 10.76 9.72
N GLN A 106 -16.80 9.67 9.01
CA GLN A 106 -15.63 8.85 9.20
C GLN A 106 -15.13 8.31 7.85
N PHE A 107 -14.03 8.88 7.39
CA PHE A 107 -13.43 8.44 6.14
C PHE A 107 -12.74 7.10 6.32
N HIS A 108 -12.90 6.23 5.35
CA HIS A 108 -12.36 4.89 5.42
C HIS A 108 -11.55 4.58 4.17
N PHE A 109 -10.39 3.97 4.38
CA PHE A 109 -9.49 3.65 3.28
C PHE A 109 -10.01 2.46 2.48
N ILE A 110 -10.10 2.62 1.17
CA ILE A 110 -10.54 1.54 0.30
C ILE A 110 -9.39 1.03 -0.55
N PHE A 111 -9.20 -0.27 -0.55
CA PHE A 111 -8.15 -0.89 -1.33
C PHE A 111 -8.72 -1.58 -2.56
N LEU A 112 -8.62 -0.92 -3.70
CA LEU A 112 -9.12 -1.47 -4.94
C LEU A 112 -8.14 -2.49 -5.50
N ASN A 113 -8.33 -3.73 -5.10
CA ASN A 113 -7.51 -4.83 -5.58
C ASN A 113 -8.23 -5.53 -6.72
N PRO A 114 -7.62 -5.55 -7.92
CA PRO A 114 -8.21 -6.18 -9.10
C PRO A 114 -8.46 -7.68 -8.92
N ARG A 115 -7.77 -8.27 -7.95
CA ARG A 115 -7.89 -9.69 -7.68
C ARG A 115 -8.91 -9.96 -6.58
N ASP A 116 -8.93 -9.08 -5.58
CA ASP A 116 -9.91 -9.17 -4.50
C ASP A 116 -10.46 -7.79 -4.16
N PRO A 117 -11.46 -7.33 -4.94
CA PRO A 117 -12.03 -6.00 -4.79
C PRO A 117 -13.11 -5.94 -3.71
N THR A 118 -13.16 -4.85 -2.98
CA THR A 118 -14.14 -4.67 -1.92
C THR A 118 -15.56 -4.64 -2.48
N TYR A 119 -15.67 -4.30 -3.75
CA TYR A 119 -16.96 -4.29 -4.45
C TYR A 119 -16.94 -5.34 -5.55
N ARG A 120 -17.91 -6.26 -5.53
CA ARG A 120 -18.02 -7.24 -6.59
C ARG A 120 -19.49 -7.54 -6.87
N PRO A 121 -19.90 -7.41 -8.14
CA PRO A 121 -21.29 -7.68 -8.55
C PRO A 121 -21.60 -9.18 -8.55
N PRO A 122 -22.87 -9.54 -8.32
CA PRO A 122 -23.32 -10.93 -8.39
C PRO A 122 -23.30 -11.47 -9.82
N SER A 123 -23.48 -12.77 -9.96
CA SER A 123 -23.45 -13.41 -11.27
C SER A 123 -24.58 -12.88 -12.17
N GLY A 124 -25.74 -12.67 -11.57
CA GLY A 124 -26.88 -12.23 -12.33
C GLY A 124 -27.84 -13.38 -12.59
N GLY A 125 -27.47 -14.56 -12.10
CA GLY A 125 -28.29 -15.74 -12.28
C GLY A 125 -27.48 -17.00 -12.09
N MET A 1 35.55 -32.96 1.17
CA MET A 1 34.31 -32.15 1.14
C MET A 1 34.49 -30.97 0.18
N GLY A 2 33.40 -30.56 -0.44
CA GLY A 2 33.45 -29.46 -1.39
C GLY A 2 33.10 -29.91 -2.79
N SER A 3 32.64 -31.15 -2.90
CA SER A 3 32.33 -31.75 -4.20
C SER A 3 31.08 -31.13 -4.83
N SER A 4 30.46 -30.21 -4.10
CA SER A 4 29.27 -29.52 -4.58
C SER A 4 29.64 -28.44 -5.59
N HIS A 5 30.93 -28.10 -5.64
CA HIS A 5 31.40 -27.00 -6.46
C HIS A 5 31.68 -27.45 -7.89
N HIS A 6 31.21 -28.65 -8.24
CA HIS A 6 31.31 -29.13 -9.61
C HIS A 6 30.06 -28.75 -10.39
N HIS A 7 29.09 -28.20 -9.66
CA HIS A 7 27.85 -27.73 -10.25
C HIS A 7 27.44 -26.43 -9.58
N HIS A 8 26.91 -25.51 -10.36
CA HIS A 8 26.49 -24.23 -9.82
C HIS A 8 25.22 -24.37 -9.00
N HIS A 9 25.37 -24.26 -7.68
CA HIS A 9 24.25 -24.36 -6.77
C HIS A 9 23.75 -22.98 -6.38
N HIS A 10 22.64 -22.57 -6.98
CA HIS A 10 22.00 -21.31 -6.61
C HIS A 10 20.93 -21.58 -5.58
N SER A 11 20.59 -20.58 -4.79
CA SER A 11 19.49 -20.69 -3.86
C SER A 11 18.18 -20.86 -4.62
N SER A 12 17.69 -22.08 -4.68
CA SER A 12 16.51 -22.39 -5.46
C SER A 12 15.25 -22.11 -4.66
N GLY A 13 14.50 -21.11 -5.13
CA GLY A 13 13.28 -20.73 -4.45
C GLY A 13 13.21 -19.25 -4.19
N LEU A 14 13.69 -18.47 -5.15
CA LEU A 14 13.73 -17.02 -5.01
C LEU A 14 12.64 -16.36 -5.85
N VAL A 15 11.61 -15.87 -5.18
CA VAL A 15 10.54 -15.15 -5.86
C VAL A 15 10.88 -13.67 -5.92
N PRO A 16 11.13 -13.13 -7.12
CA PRO A 16 11.64 -11.76 -7.31
C PRO A 16 10.57 -10.68 -7.12
N ARG A 17 9.59 -10.94 -6.25
CA ARG A 17 8.54 -9.96 -5.99
C ARG A 17 8.99 -8.97 -4.93
N GLY A 18 9.98 -9.37 -4.13
CA GLY A 18 10.45 -8.53 -3.04
C GLY A 18 11.43 -7.47 -3.48
N SER A 19 11.00 -6.60 -4.37
CA SER A 19 11.84 -5.50 -4.84
C SER A 19 10.97 -4.26 -5.03
N HIS A 20 10.16 -4.26 -6.09
CA HIS A 20 9.21 -3.18 -6.31
C HIS A 20 7.82 -3.61 -5.83
N MET A 21 7.35 -2.98 -4.78
CA MET A 21 6.05 -3.30 -4.23
C MET A 21 4.97 -2.44 -4.89
N MET A 22 4.04 -3.10 -5.57
CA MET A 22 2.99 -2.39 -6.30
C MET A 22 1.88 -1.92 -5.36
N PHE A 23 2.05 -0.72 -4.83
CA PHE A 23 1.05 -0.12 -3.96
C PHE A 23 0.81 1.32 -4.39
N LYS A 24 -0.39 1.59 -4.89
CA LYS A 24 -0.72 2.93 -5.35
C LYS A 24 -1.56 3.65 -4.31
N LEU A 25 -1.28 4.94 -4.14
CA LEU A 25 -1.94 5.73 -3.12
C LEU A 25 -2.29 7.11 -3.68
N THR A 26 -3.51 7.57 -3.43
CA THR A 26 -3.91 8.89 -3.89
C THR A 26 -3.37 9.97 -2.97
N PRO A 27 -2.96 11.13 -3.53
CA PRO A 27 -2.45 12.26 -2.75
C PRO A 27 -3.45 12.71 -1.69
N ALA A 28 -4.73 12.58 -2.00
CA ALA A 28 -5.79 12.94 -1.07
C ALA A 28 -5.81 12.02 0.14
N ALA A 29 -5.71 10.71 -0.11
CA ALA A 29 -5.72 9.74 0.97
C ALA A 29 -4.46 9.84 1.80
N ALA A 30 -3.34 10.10 1.13
CA ALA A 30 -2.05 10.28 1.80
C ALA A 30 -2.11 11.44 2.78
N GLU A 31 -2.88 12.47 2.43
CA GLU A 31 -3.06 13.63 3.28
C GLU A 31 -3.80 13.30 4.56
N GLN A 32 -4.75 12.36 4.48
CA GLN A 32 -5.50 11.94 5.65
C GLN A 32 -4.60 11.10 6.56
N VAL A 33 -3.78 10.25 5.94
CA VAL A 33 -2.80 9.46 6.68
C VAL A 33 -1.76 10.39 7.31
N LEU A 34 -1.35 11.38 6.54
CA LEU A 34 -0.40 12.39 7.01
C LEU A 34 -1.00 13.18 8.17
N LYS A 35 -2.30 13.46 8.07
CA LYS A 35 -3.03 14.17 9.12
C LYS A 35 -2.98 13.40 10.44
N ALA A 36 -2.98 12.06 10.33
CA ALA A 36 -2.87 11.21 11.51
C ALA A 36 -1.52 11.38 12.19
N ALA A 37 -0.54 11.82 11.43
CA ALA A 37 0.79 12.09 11.98
C ALA A 37 0.90 13.55 12.43
N LYS A 38 0.20 14.44 11.71
CA LYS A 38 0.22 15.87 12.03
C LYS A 38 -0.26 16.13 13.44
N GLN A 39 -1.25 15.36 13.87
CA GLN A 39 -1.84 15.53 15.20
C GLN A 39 -0.87 15.08 16.30
N GLY A 40 0.19 14.39 15.92
CA GLY A 40 1.21 14.01 16.88
C GLY A 40 1.16 12.55 17.26
N GLY A 41 2.14 12.12 18.04
CA GLY A 41 2.16 10.76 18.56
C GLY A 41 2.92 9.82 17.65
N THR A 42 2.41 9.65 16.44
CA THR A 42 2.99 8.70 15.50
C THR A 42 3.88 9.41 14.47
N GLU A 43 4.36 10.59 14.85
CA GLU A 43 5.18 11.41 13.95
C GLU A 43 6.48 10.70 13.59
N GLY A 44 7.15 10.13 14.58
CA GLY A 44 8.41 9.47 14.33
C GLY A 44 8.24 7.97 14.12
N MET A 45 7.11 7.59 13.55
CA MET A 45 6.82 6.19 13.29
C MET A 45 6.43 6.02 11.83
N CYS A 46 6.97 5.01 11.19
CA CYS A 46 6.75 4.80 9.76
C CYS A 46 5.47 4.00 9.55
N LEU A 47 4.81 4.22 8.43
CA LEU A 47 3.56 3.54 8.14
C LEU A 47 3.82 2.07 7.83
N ARG A 48 3.43 1.20 8.73
CA ARG A 48 3.63 -0.22 8.55
C ARG A 48 2.33 -0.87 8.12
N LEU A 49 2.38 -1.62 7.04
CA LEU A 49 1.19 -2.25 6.48
C LEU A 49 1.08 -3.70 6.90
N ALA A 50 -0.10 -4.06 7.40
CA ALA A 50 -0.40 -5.44 7.76
C ALA A 50 -1.56 -5.94 6.91
N ALA A 51 -1.56 -7.22 6.61
CA ALA A 51 -2.60 -7.81 5.76
C ALA A 51 -2.98 -9.20 6.24
N GLY A 52 -4.18 -9.61 5.88
CA GLY A 52 -4.66 -10.95 6.21
C GLY A 52 -5.95 -11.25 5.50
N ARG A 53 -6.63 -12.31 5.91
CA ARG A 53 -7.92 -12.66 5.33
C ARG A 53 -9.02 -12.44 6.35
N ASN A 54 -10.09 -11.78 5.92
CA ASN A 54 -11.17 -11.40 6.81
C ASN A 54 -12.49 -11.98 6.30
N PRO A 55 -13.17 -12.78 7.14
CA PRO A 55 -14.43 -13.44 6.75
C PRO A 55 -15.51 -12.45 6.32
N ASP A 56 -15.49 -11.25 6.89
CA ASP A 56 -16.48 -10.24 6.60
C ASP A 56 -15.97 -9.24 5.56
N GLY A 57 -14.74 -8.80 5.74
CA GLY A 57 -14.19 -7.78 4.88
C GLY A 57 -13.29 -8.33 3.78
N SER A 58 -13.57 -9.56 3.35
CA SER A 58 -12.80 -10.26 2.31
C SER A 58 -11.29 -10.30 2.63
N ILE A 59 -10.55 -9.30 2.20
CA ILE A 59 -9.13 -9.21 2.50
C ILE A 59 -8.91 -8.12 3.55
N ASP A 60 -8.22 -8.46 4.63
CA ASP A 60 -8.06 -7.56 5.76
C ASP A 60 -6.83 -6.70 5.58
N TYR A 61 -7.03 -5.39 5.51
CA TYR A 61 -5.94 -4.44 5.35
C TYR A 61 -5.83 -3.54 6.56
N ARG A 62 -4.64 -3.46 7.14
CA ARG A 62 -4.41 -2.64 8.31
C ARG A 62 -3.22 -1.72 8.10
N MET A 63 -3.43 -0.42 8.30
CA MET A 63 -2.38 0.57 8.12
C MET A 63 -2.10 1.24 9.45
N GLY A 64 -0.94 0.95 10.03
CA GLY A 64 -0.61 1.52 11.32
C GLY A 64 0.84 1.96 11.39
N PHE A 65 1.07 3.14 11.96
CA PHE A 65 2.42 3.62 12.16
C PHE A 65 3.12 2.76 13.20
N ASP A 66 4.27 2.23 12.84
CA ASP A 66 5.00 1.32 13.71
C ASP A 66 6.50 1.46 13.47
N ASP A 67 7.27 0.48 13.95
CA ASP A 67 8.71 0.51 13.88
C ASP A 67 9.20 0.46 12.44
N LEU A 68 10.28 1.20 12.17
CA LEU A 68 10.90 1.18 10.85
C LEU A 68 12.11 0.25 10.91
N THR A 69 11.95 -0.95 10.40
CA THR A 69 13.02 -1.92 10.39
C THR A 69 13.63 -2.02 8.99
N GLU A 70 14.95 -2.17 8.92
CA GLU A 70 15.64 -2.21 7.64
C GLU A 70 15.58 -3.60 7.01
N ASP A 71 14.60 -4.39 7.45
CA ASP A 71 14.37 -5.71 6.91
C ASP A 71 13.10 -5.70 6.06
N ASP A 72 12.37 -4.61 6.16
CA ASP A 72 11.10 -4.47 5.44
C ASP A 72 11.33 -3.77 4.11
N ILE A 73 10.34 -3.83 3.24
CA ILE A 73 10.40 -3.13 1.96
C ILE A 73 9.84 -1.72 2.11
N ARG A 74 10.64 -0.73 1.78
CA ARG A 74 10.23 0.66 1.96
C ARG A 74 9.65 1.23 0.67
N LEU A 75 8.51 1.90 0.81
CA LEU A 75 7.86 2.54 -0.32
C LEU A 75 7.75 4.04 -0.08
N THR A 76 7.88 4.81 -1.13
CA THR A 76 7.66 6.25 -1.05
C THR A 76 6.73 6.68 -2.18
N SER A 77 5.45 6.76 -1.85
CA SER A 77 4.43 7.02 -2.86
C SER A 77 4.24 8.52 -3.10
N GLU A 78 3.44 9.14 -2.25
CA GLU A 78 3.09 10.54 -2.42
C GLU A 78 3.88 11.40 -1.44
N GLY A 79 4.93 10.81 -0.88
CA GLY A 79 5.73 11.50 0.12
C GLY A 79 5.73 10.74 1.43
N VAL A 80 4.67 9.96 1.64
CA VAL A 80 4.55 9.14 2.83
C VAL A 80 5.37 7.86 2.63
N GLU A 81 6.26 7.60 3.58
CA GLU A 81 7.08 6.40 3.52
C GLU A 81 6.37 5.24 4.19
N ILE A 82 6.39 4.09 3.54
CA ILE A 82 5.71 2.91 4.03
C ILE A 82 6.70 1.74 4.18
N VAL A 83 6.58 1.01 5.26
CA VAL A 83 7.39 -0.18 5.46
C VAL A 83 6.52 -1.44 5.45
N ILE A 84 6.85 -2.37 4.58
CA ILE A 84 6.06 -3.58 4.43
C ILE A 84 6.93 -4.82 4.62
N ALA A 85 6.55 -5.65 5.58
CA ALA A 85 7.23 -6.92 5.82
C ALA A 85 6.96 -7.89 4.67
N PRO A 86 7.97 -8.70 4.29
CA PRO A 86 7.87 -9.64 3.17
C PRO A 86 6.62 -10.52 3.21
N ASP A 87 6.21 -10.90 4.42
CA ASP A 87 5.04 -11.75 4.62
C ASP A 87 3.78 -11.08 4.10
N TYR A 88 3.67 -9.77 4.33
CA TYR A 88 2.45 -9.05 3.99
C TYR A 88 2.46 -8.61 2.54
N VAL A 89 3.64 -8.54 1.95
CA VAL A 89 3.81 -8.14 0.55
C VAL A 89 2.91 -8.97 -0.37
N SER A 90 2.76 -10.25 -0.04
CA SER A 90 2.02 -11.19 -0.88
C SER A 90 0.53 -10.88 -0.95
N LEU A 91 0.05 -9.97 -0.10
CA LEU A 91 -1.37 -9.61 -0.08
C LEU A 91 -1.57 -8.11 -0.27
N LEU A 92 -0.48 -7.38 -0.42
CA LEU A 92 -0.55 -5.93 -0.49
C LEU A 92 -0.24 -5.40 -1.88
N ASP A 93 0.37 -6.22 -2.72
CA ASP A 93 0.77 -5.76 -4.04
C ASP A 93 -0.41 -5.75 -5.01
N GLN A 94 -0.32 -4.89 -6.01
CA GLN A 94 -1.34 -4.76 -7.07
C GLN A 94 -2.58 -4.05 -6.56
N THR A 95 -2.46 -3.30 -5.47
CA THR A 95 -3.60 -2.63 -4.88
C THR A 95 -3.55 -1.12 -5.12
N THR A 96 -4.70 -0.47 -4.93
CA THR A 96 -4.78 0.98 -5.02
C THR A 96 -5.58 1.53 -3.84
N LEU A 97 -5.01 2.52 -3.16
CA LEU A 97 -5.62 3.08 -1.96
C LEU A 97 -6.15 4.49 -2.20
N ASP A 98 -7.42 4.68 -1.86
CA ASP A 98 -8.05 6.00 -1.91
C ASP A 98 -9.07 6.08 -0.78
N TYR A 99 -9.55 7.29 -0.48
CA TYR A 99 -10.54 7.41 0.58
C TYR A 99 -11.81 8.08 0.06
N VAL A 100 -12.94 7.57 0.50
CA VAL A 100 -14.24 8.12 0.12
C VAL A 100 -15.14 8.18 1.36
N GLU A 101 -16.14 9.04 1.33
CA GLU A 101 -17.04 9.16 2.45
C GLU A 101 -18.24 8.23 2.25
N LEU A 102 -18.07 6.98 2.65
CA LEU A 102 -19.14 6.00 2.55
C LEU A 102 -20.24 6.32 3.56
N GLU A 103 -19.84 6.95 4.65
CA GLU A 103 -20.76 7.36 5.69
C GLU A 103 -20.52 8.81 6.04
N PRO A 104 -21.56 9.66 6.01
CA PRO A 104 -21.44 11.09 6.30
C PRO A 104 -20.67 11.35 7.60
N GLY A 105 -19.45 11.86 7.47
CA GLY A 105 -18.64 12.13 8.64
C GLY A 105 -17.47 11.17 8.75
N GLN A 106 -17.59 10.03 8.09
CA GLN A 106 -16.55 9.00 8.17
C GLN A 106 -15.92 8.76 6.81
N PHE A 107 -14.73 9.34 6.62
CA PHE A 107 -13.97 9.13 5.40
C PHE A 107 -13.20 7.81 5.51
N HIS A 108 -13.66 6.82 4.76
CA HIS A 108 -13.11 5.49 4.85
C HIS A 108 -12.11 5.24 3.73
N PHE A 109 -11.06 4.49 4.05
CA PHE A 109 -10.08 4.10 3.06
C PHE A 109 -10.51 2.83 2.34
N ILE A 110 -10.50 2.87 1.02
CA ILE A 110 -10.89 1.72 0.23
C ILE A 110 -9.67 1.15 -0.51
N PHE A 111 -9.52 -0.16 -0.44
CA PHE A 111 -8.41 -0.83 -1.09
C PHE A 111 -8.89 -1.56 -2.32
N LEU A 112 -8.48 -1.09 -3.49
CA LEU A 112 -8.88 -1.70 -4.74
C LEU A 112 -7.95 -2.87 -5.08
N ASN A 113 -8.51 -4.06 -5.01
CA ASN A 113 -7.78 -5.27 -5.32
C ASN A 113 -8.53 -6.08 -6.38
N PRO A 114 -7.93 -6.23 -7.58
CA PRO A 114 -8.59 -6.86 -8.73
C PRO A 114 -8.66 -8.39 -8.64
N ARG A 115 -7.99 -8.97 -7.65
CA ARG A 115 -7.96 -10.43 -7.52
C ARG A 115 -9.30 -10.95 -7.01
N ASP A 116 -9.64 -10.53 -5.79
CA ASP A 116 -10.91 -10.90 -5.17
C ASP A 116 -11.36 -9.82 -4.20
N PRO A 117 -12.17 -8.87 -4.68
CA PRO A 117 -12.69 -7.79 -3.86
C PRO A 117 -14.02 -8.14 -3.22
N THR A 118 -14.55 -7.22 -2.43
CA THR A 118 -15.85 -7.41 -1.81
C THR A 118 -16.95 -7.33 -2.87
N TYR A 119 -16.64 -6.67 -3.98
CA TYR A 119 -17.58 -6.55 -5.09
C TYR A 119 -17.58 -7.83 -5.91
N ARG A 120 -18.39 -8.80 -5.49
CA ARG A 120 -18.54 -10.04 -6.22
C ARG A 120 -19.93 -10.09 -6.87
N PRO A 121 -20.06 -10.75 -8.02
CA PRO A 121 -21.36 -10.99 -8.64
C PRO A 121 -22.19 -11.98 -7.82
N PRO A 122 -23.28 -11.50 -7.19
CA PRO A 122 -24.10 -12.31 -6.29
C PRO A 122 -24.69 -13.55 -6.96
N SER A 123 -24.96 -13.45 -8.25
CA SER A 123 -25.54 -14.56 -9.00
C SER A 123 -24.45 -15.51 -9.51
N GLY A 124 -23.19 -15.18 -9.26
CA GLY A 124 -22.09 -16.00 -9.70
C GLY A 124 -21.51 -15.51 -11.02
N GLY A 125 -20.62 -16.29 -11.59
CA GLY A 125 -20.00 -15.93 -12.85
C GLY A 125 -19.87 -17.11 -13.77
#